data_6X99
#
_entry.id   6X99
#
_cell.length_a   101.208
_cell.length_b   102.316
_cell.length_c   127.032
_cell.angle_alpha   90.000
_cell.angle_beta   106.420
_cell.angle_gamma   90.000
#
_symmetry.space_group_name_H-M   'P 1 21 1'
#
loop_
_entity.id
_entity.type
_entity.pdbx_description
1 polymer 'Bifunctional protein PutA'
2 non-polymer 'FLAVIN-ADENINE DINUCLEOTIDE'
3 non-polymer 'SULFATE ION'
4 non-polymer D-PROLINE
5 non-polymer 'TRIETHYLENE GLYCOL'
6 water water
#
_entity_poly.entity_id   1
_entity_poly.type   'polypeptide(L)'
_entity_poly.pdbx_seq_one_letter_code
;SMMSPNPLQKPAIDAAPAPFADFAPPVRPQSTLRRAITAAYRRPETECLPPLVEAATQSKEIRDAAASTARKLIEALRGK
HSGSGVEGLVQEYSLSSQEGVALMCLAEALLRIPDTATRDALIRDKIADGNWKSHLGGSRSLFVNAATWGLVVTGKLTST
VNDRSLAAALTRLISRCGEPVIRRGVDMAMRMMGEQFVTGETIREALKRSKELEEKGFSYSYDMLGEAATTAADAERYYR
DYESAIHAIGKASAGRGIYEGPGISIKLSALHPRYSRAQAARVMGELLPRVKALALLAKNYDIGLNIDAEEADRLELSLD
LLEVLCLDGDLSGWNGMGFVVQAYGKRCPFVLDFIIDLARRSGRRIMVRLVKGAYWDAEIKRAQLDGLADFPVFTRKIHT
DVSYIACAAKLLAATDVVFPQFATHNAQTLAAIYHMAGKDFHVGKYEFQCLHGMGEPLYEEVVGRGKLDRPCRIYAPVGT
HETLLAYLVRRLLENGANSSFVHRINDPKVSIDELIADPVEVVRAMPVVGAKHDRIALPAELFGDARTNSAGLDLSNEET
LASLTEALRESAAMKWTALPQLATGPAAGETRTVLNPGDHRDVVGSVTETSEEDARRAVRLAADAAPDWAAVPPSERAAC
LDRAAELMQARMPTLLGLIIREAGKSALNAIAEVREAIDFLRYYAEQTRRTLGPGHGPLGPIVCISPWNFPLAIFTGQIA
AALVAGNPVLAKPAEETPLIAAEGVRILREAGIPASALQLLPGDGRVGAALVAAAETAGVMFTGSTEVARLIQAQLADRL
SPAGRPIPLIAETGGQNAMIVDSSALAEQVVGDVITSAFDSAGQRCSALRVLCLQEDVADRILTMLKGALHELHIGRTDR
LSVDVGPVITSEAKDNIEKHIERMRGLGRKVEQIGLASETGVGTFVPPTIIELEKLSDLQREVFGPVLHVIRYRRDDLDR
LVDDVNATGYGLTFGLHTRLDETIAHVTSRIKAGNLYINRNIIGAVVGVQPFGGRGLSGTGPKAGGPLYLGRLVTTAPVP
PQHSSVHTDPVLLDFAKWLDGKGARAEAEAARNAGSSSALGLDLELPGPVGERNLYTLHARGRILLVPATESGLYHQLAA
ALATGNSVAIDAASGLQASLKNLPQTVGLRVSWSKDWAADGPFAGALVEGDAERIRAVNKAIAALPGPLLLVQAASSGEI
ARNPDAYCLNWLVEEVSASINTAAAGGNASLMAIG
;
_entity_poly.pdbx_strand_id   A,B
#
# COMPACT_ATOMS: atom_id res chain seq x y z
N ALA A 16 8.50 -38.07 -46.80
CA ALA A 16 8.13 -37.11 -45.76
C ALA A 16 8.13 -35.69 -46.29
N PRO A 17 7.23 -34.84 -45.78
CA PRO A 17 7.26 -33.43 -46.15
C PRO A 17 8.53 -32.75 -45.68
N ALA A 18 9.05 -31.85 -46.51
CA ALA A 18 10.28 -31.15 -46.15
C ALA A 18 10.05 -30.30 -44.89
N PRO A 19 11.02 -30.25 -43.99
CA PRO A 19 10.83 -29.49 -42.74
C PRO A 19 10.65 -28.00 -43.04
N PHE A 20 9.59 -27.44 -42.47
CA PHE A 20 9.27 -26.01 -42.51
C PHE A 20 8.93 -25.50 -43.90
N ALA A 21 8.66 -26.40 -44.85
CA ALA A 21 8.28 -25.97 -46.19
C ALA A 21 6.90 -25.34 -46.21
N ASP A 22 6.10 -25.53 -45.17
CA ASP A 22 4.78 -24.96 -45.11
C ASP A 22 4.56 -24.29 -43.76
N PHE A 23 5.61 -23.66 -43.23
CA PHE A 23 5.58 -23.18 -41.85
C PHE A 23 4.51 -22.12 -41.65
N ALA A 24 4.55 -21.06 -42.47
CA ALA A 24 3.58 -19.97 -42.28
C ALA A 24 3.44 -19.14 -43.54
N PRO A 25 3.07 -19.74 -44.67
CA PRO A 25 2.95 -18.97 -45.90
C PRO A 25 1.84 -17.94 -45.76
N PRO A 26 2.04 -16.73 -46.26
CA PRO A 26 0.99 -15.72 -46.14
C PRO A 26 -0.22 -16.07 -46.99
N VAL A 27 -1.36 -15.49 -46.61
CA VAL A 27 -2.61 -15.68 -47.36
C VAL A 27 -2.41 -15.34 -48.82
N ARG A 28 -1.70 -14.25 -49.10
CA ARG A 28 -1.44 -13.79 -50.47
C ARG A 28 -0.06 -13.17 -50.51
N PRO A 29 0.55 -13.08 -51.69
CA PRO A 29 1.78 -12.28 -51.79
C PRO A 29 1.54 -10.86 -51.29
N GLN A 30 2.47 -10.36 -50.50
CA GLN A 30 2.33 -9.05 -49.89
C GLN A 30 2.68 -7.97 -50.91
N SER A 31 1.71 -7.12 -51.24
CA SER A 31 1.91 -6.02 -52.17
C SER A 31 2.83 -4.97 -51.54
N THR A 32 3.31 -4.04 -52.37
CA THR A 32 4.08 -2.92 -51.84
C THR A 32 3.30 -2.20 -50.74
N LEU A 33 2.01 -1.98 -50.96
CA LEU A 33 1.20 -1.29 -49.95
C LEU A 33 1.08 -2.12 -48.68
N ARG A 34 0.87 -3.43 -48.81
CA ARG A 34 0.79 -4.28 -47.63
C ARG A 34 2.13 -4.32 -46.89
N ARG A 35 3.24 -4.32 -47.62
CA ARG A 35 4.54 -4.37 -46.96
C ARG A 35 4.83 -3.09 -46.20
N ALA A 36 4.32 -1.95 -46.67
CA ALA A 36 4.53 -0.70 -45.92
C ALA A 36 3.79 -0.72 -44.60
N ILE A 37 2.63 -1.40 -44.56
CA ILE A 37 1.92 -1.58 -43.30
C ILE A 37 2.77 -2.40 -42.33
N THR A 38 3.21 -3.57 -42.78
CA THR A 38 3.99 -4.45 -41.91
C THR A 38 5.26 -3.76 -41.42
N ALA A 39 5.88 -2.94 -42.29
CA ALA A 39 7.11 -2.24 -41.93
C ALA A 39 6.90 -1.30 -40.75
N ALA A 40 5.69 -0.82 -40.55
CA ALA A 40 5.40 0.17 -39.51
C ALA A 40 4.91 -0.44 -38.21
N TYR A 41 4.76 -1.78 -38.15
CA TYR A 41 4.10 -2.45 -37.02
C TYR A 41 4.58 -1.93 -35.67
N ARG A 42 5.89 -1.96 -35.45
CA ARG A 42 6.45 -1.52 -34.17
C ARG A 42 7.50 -0.44 -34.37
N ARG A 43 7.26 0.44 -35.32
CA ARG A 43 8.20 1.53 -35.61
C ARG A 43 8.39 2.39 -34.38
N PRO A 44 9.63 2.75 -34.03
CA PRO A 44 9.86 3.65 -32.90
C PRO A 44 8.95 4.88 -32.96
N GLU A 45 8.44 5.27 -31.79
CA GLU A 45 7.45 6.34 -31.73
C GLU A 45 8.02 7.67 -32.22
N THR A 46 9.31 7.94 -31.98
CA THR A 46 9.92 9.15 -32.51
C THR A 46 9.97 9.18 -34.04
N GLU A 47 9.96 8.01 -34.69
CA GLU A 47 9.92 7.97 -36.15
C GLU A 47 8.51 8.14 -36.69
N CYS A 48 7.49 7.73 -35.94
CA CYS A 48 6.12 7.79 -36.44
C CYS A 48 5.58 9.21 -36.46
N LEU A 49 5.91 10.01 -35.46
CA LEU A 49 5.20 11.27 -35.27
C LEU A 49 5.51 12.35 -36.29
N PRO A 50 6.76 12.60 -36.69
CA PRO A 50 7.04 13.72 -37.60
C PRO A 50 6.17 13.73 -38.85
N PRO A 51 6.07 12.62 -39.60
CA PRO A 51 5.15 12.66 -40.76
C PRO A 51 3.69 12.90 -40.38
N LEU A 52 3.25 12.42 -39.21
CA LEU A 52 1.88 12.71 -38.80
C LEU A 52 1.72 14.20 -38.48
N VAL A 53 2.68 14.78 -37.77
CA VAL A 53 2.63 16.22 -37.51
C VAL A 53 2.53 17.01 -38.81
N GLU A 54 3.33 16.65 -39.81
CA GLU A 54 3.29 17.37 -41.08
C GLU A 54 1.92 17.22 -41.74
N ALA A 55 1.39 15.98 -41.77
CA ALA A 55 0.12 15.71 -42.42
C ALA A 55 -1.04 16.42 -41.72
N ALA A 56 -0.95 16.60 -40.41
CA ALA A 56 -2.03 17.18 -39.63
C ALA A 56 -1.91 18.69 -39.48
N THR A 57 -0.92 19.32 -40.12
CA THR A 57 -0.74 20.75 -39.99
C THR A 57 -1.83 21.51 -40.73
N GLN A 58 -2.34 22.57 -40.10
CA GLN A 58 -3.34 23.44 -40.71
C GLN A 58 -2.93 24.90 -40.50
N SER A 59 -3.55 25.78 -41.28
CA SER A 59 -3.19 27.19 -41.24
C SER A 59 -3.51 27.78 -39.87
N LYS A 60 -2.85 28.91 -39.56
CA LYS A 60 -3.17 29.62 -38.34
C LYS A 60 -4.64 30.03 -38.31
N GLU A 61 -5.17 30.49 -39.45
CA GLU A 61 -6.57 30.89 -39.51
C GLU A 61 -7.49 29.73 -39.20
N ILE A 62 -7.23 28.56 -39.80
CA ILE A 62 -8.07 27.39 -39.55
C ILE A 62 -7.96 26.96 -38.10
N ARG A 63 -6.74 26.95 -37.54
CA ARG A 63 -6.57 26.54 -36.15
C ARG A 63 -7.33 27.47 -35.21
N ASP A 64 -7.29 28.77 -35.49
CA ASP A 64 -8.09 29.72 -34.71
C ASP A 64 -9.58 29.43 -34.85
N ALA A 65 -10.04 29.20 -36.08
CA ALA A 65 -11.46 28.87 -36.28
C ALA A 65 -11.82 27.57 -35.59
N ALA A 66 -10.94 26.57 -35.67
CA ALA A 66 -11.22 25.29 -35.03
C ALA A 66 -11.26 25.44 -33.51
N ALA A 67 -10.31 26.18 -32.94
CA ALA A 67 -10.32 26.39 -31.50
C ALA A 67 -11.61 27.09 -31.07
N SER A 68 -12.10 28.01 -31.88
CA SER A 68 -13.34 28.72 -31.55
C SER A 68 -14.53 27.76 -31.59
N THR A 69 -14.64 26.96 -32.65
CA THR A 69 -15.71 25.97 -32.73
C THR A 69 -15.64 25.00 -31.56
N ALA A 70 -14.44 24.53 -31.22
CA ALA A 70 -14.30 23.59 -30.11
C ALA A 70 -14.75 24.24 -28.80
N ARG A 71 -14.32 25.47 -28.55
CA ARG A 71 -14.76 26.18 -27.35
C ARG A 71 -16.28 26.29 -27.31
N LYS A 72 -16.90 26.65 -28.43
CA LYS A 72 -18.35 26.77 -28.47
C LYS A 72 -19.02 25.43 -28.16
N LEU A 73 -18.49 24.33 -28.70
CA LEU A 73 -19.08 23.03 -28.40
C LEU A 73 -18.92 22.69 -26.92
N ILE A 74 -17.76 22.98 -26.34
CA ILE A 74 -17.49 22.61 -24.96
C ILE A 74 -18.30 23.47 -24.00
N GLU A 75 -18.49 24.75 -24.32
CA GLU A 75 -19.35 25.58 -23.50
C GLU A 75 -20.79 25.07 -23.53
N ALA A 76 -21.25 24.61 -24.70
CA ALA A 76 -22.57 23.99 -24.77
C ALA A 76 -22.62 22.71 -23.94
N LEU A 77 -21.59 21.87 -24.03
CA LEU A 77 -21.56 20.62 -23.28
C LEU A 77 -21.62 20.89 -21.77
N ARG A 78 -20.83 21.85 -21.31
CA ARG A 78 -20.77 22.13 -19.88
C ARG A 78 -21.98 22.90 -19.40
N GLY A 79 -22.69 23.59 -20.29
CA GLY A 79 -23.86 24.34 -19.87
C GLY A 79 -25.09 23.48 -19.65
N LYS A 80 -25.19 22.35 -20.34
CA LYS A 80 -26.34 21.47 -20.19
C LYS A 80 -25.97 20.19 -19.44
N GLY A 83 -25.75 16.19 -14.32
CA GLY A 83 -25.92 15.38 -13.12
C GLY A 83 -26.48 14.01 -13.42
N SER A 84 -25.69 12.97 -13.15
CA SER A 84 -26.08 11.62 -13.53
C SER A 84 -27.16 11.09 -12.60
N GLY A 85 -27.82 10.03 -13.06
CA GLY A 85 -28.82 9.37 -12.23
C GLY A 85 -28.22 8.74 -10.99
N VAL A 86 -27.11 8.00 -11.16
CA VAL A 86 -26.51 7.30 -10.03
C VAL A 86 -26.03 8.31 -8.99
N GLU A 87 -25.43 9.41 -9.43
CA GLU A 87 -24.97 10.43 -8.50
C GLU A 87 -26.14 11.02 -7.73
N GLY A 88 -27.27 11.25 -8.41
CA GLY A 88 -28.45 11.74 -7.70
C GLY A 88 -28.97 10.73 -6.71
N LEU A 89 -28.89 9.44 -7.06
CA LEU A 89 -29.31 8.38 -6.14
C LEU A 89 -28.40 8.32 -4.94
N VAL A 90 -27.08 8.33 -5.18
CA VAL A 90 -26.12 8.39 -4.08
C VAL A 90 -26.38 9.58 -3.18
N GLN A 91 -26.65 10.75 -3.78
CA GLN A 91 -26.91 11.94 -2.98
C GLN A 91 -28.21 11.80 -2.18
N GLU A 92 -29.27 11.30 -2.81
CA GLU A 92 -30.57 11.29 -2.14
C GLU A 92 -30.54 10.40 -0.89
N TYR A 93 -29.86 9.26 -0.97
CA TYR A 93 -29.83 8.32 0.13
C TYR A 93 -28.52 8.34 0.91
N SER A 94 -27.69 9.36 0.70
CA SER A 94 -26.41 9.53 1.41
C SER A 94 -25.60 8.22 1.38
N LEU A 95 -25.54 7.62 0.21
CA LEU A 95 -24.81 6.38 0.03
C LEU A 95 -23.31 6.63 -0.02
N SER A 96 -22.56 5.76 0.64
CA SER A 96 -21.13 5.66 0.39
C SER A 96 -20.91 5.03 -0.98
N SER A 97 -19.68 5.07 -1.46
CA SER A 97 -19.35 4.43 -2.73
C SER A 97 -19.70 2.95 -2.70
N GLN A 98 -19.27 2.25 -1.64
CA GLN A 98 -19.54 0.82 -1.56
C GLN A 98 -21.03 0.54 -1.49
N GLU A 99 -21.78 1.39 -0.79
CA GLU A 99 -23.23 1.22 -0.77
C GLU A 99 -23.83 1.41 -2.15
N GLY A 100 -23.37 2.42 -2.88
CA GLY A 100 -23.87 2.61 -4.24
C GLY A 100 -23.58 1.41 -5.12
N VAL A 101 -22.35 0.91 -5.07
CA VAL A 101 -21.97 -0.27 -5.84
C VAL A 101 -22.82 -1.48 -5.41
N ALA A 102 -22.93 -1.72 -4.10
CA ALA A 102 -23.72 -2.85 -3.63
C ALA A 102 -25.17 -2.73 -4.07
N LEU A 103 -25.72 -1.52 -4.01
CA LEU A 103 -27.10 -1.33 -4.44
C LEU A 103 -27.27 -1.67 -5.91
N MET A 104 -26.32 -1.22 -6.75
CA MET A 104 -26.45 -1.53 -8.17
C MET A 104 -26.29 -3.03 -8.42
N CYS A 105 -25.45 -3.71 -7.64
CA CYS A 105 -25.33 -5.16 -7.80
C CYS A 105 -26.62 -5.86 -7.40
N LEU A 106 -27.24 -5.43 -6.30
CA LEU A 106 -28.53 -5.99 -5.91
C LEU A 106 -29.58 -5.73 -7.00
N ALA A 107 -29.61 -4.52 -7.54
CA ALA A 107 -30.54 -4.20 -8.61
C ALA A 107 -30.35 -5.13 -9.79
N GLU A 108 -29.09 -5.31 -10.21
CA GLU A 108 -28.78 -6.20 -11.33
C GLU A 108 -29.32 -7.61 -11.06
N ALA A 109 -29.10 -8.12 -9.85
CA ALA A 109 -29.58 -9.45 -9.51
C ALA A 109 -31.11 -9.51 -9.54
N LEU A 110 -31.76 -8.49 -8.96
CA LEU A 110 -33.23 -8.47 -8.98
C LEU A 110 -33.75 -8.43 -10.40
N LEU A 111 -33.03 -7.77 -11.31
CA LEU A 111 -33.45 -7.75 -12.70
C LEU A 111 -33.23 -9.08 -13.41
N ARG A 112 -32.47 -10.00 -12.82
CA ARG A 112 -32.41 -11.35 -13.39
C ARG A 112 -33.70 -12.12 -13.15
N ILE A 113 -34.57 -11.64 -12.26
CA ILE A 113 -35.90 -12.21 -12.06
C ILE A 113 -36.82 -11.71 -13.17
N PRO A 114 -37.25 -12.57 -14.09
CA PRO A 114 -37.93 -12.06 -15.29
C PRO A 114 -39.31 -11.49 -15.02
N ASP A 115 -40.08 -12.09 -14.11
CA ASP A 115 -41.43 -11.63 -13.87
C ASP A 115 -41.42 -10.41 -12.95
N THR A 116 -42.08 -9.34 -13.40
CA THR A 116 -42.07 -8.10 -12.64
C THR A 116 -42.77 -8.25 -11.29
N ALA A 117 -43.96 -8.85 -11.29
CA ALA A 117 -44.72 -9.00 -10.05
C ALA A 117 -43.99 -9.90 -9.06
N THR A 118 -43.31 -10.94 -9.57
CA THR A 118 -42.52 -11.79 -8.70
C THR A 118 -41.38 -11.00 -8.06
N ARG A 119 -40.67 -10.22 -8.88
CA ARG A 119 -39.56 -9.41 -8.40
C ARG A 119 -40.02 -8.42 -7.33
N ASP A 120 -41.12 -7.72 -7.60
CA ASP A 120 -41.63 -6.71 -6.67
C ASP A 120 -42.08 -7.34 -5.36
N ALA A 121 -42.64 -8.55 -5.41
CA ALA A 121 -43.04 -9.22 -4.18
C ALA A 121 -41.82 -9.58 -3.34
N LEU A 122 -40.76 -10.08 -3.99
CA LEU A 122 -39.54 -10.38 -3.27
C LEU A 122 -38.98 -9.13 -2.60
N ILE A 123 -38.99 -8.00 -3.32
CA ILE A 123 -38.47 -6.75 -2.76
C ILE A 123 -39.27 -6.35 -1.54
N ARG A 124 -40.61 -6.39 -1.65
CA ARG A 124 -41.46 -5.90 -0.58
C ARG A 124 -41.46 -6.86 0.62
N ASP A 125 -41.54 -8.16 0.36
CA ASP A 125 -41.79 -9.13 1.42
C ASP A 125 -40.53 -9.78 1.97
N LYS A 126 -39.39 -9.67 1.29
CA LYS A 126 -38.22 -10.43 1.70
C LYS A 126 -36.95 -9.57 1.74
N ILE A 127 -36.68 -8.83 0.67
CA ILE A 127 -35.43 -8.06 0.61
C ILE A 127 -35.48 -6.87 1.56
N ALA A 128 -36.57 -6.11 1.52
CA ALA A 128 -36.63 -4.86 2.27
C ALA A 128 -36.62 -5.11 3.77
N ASP A 129 -37.26 -6.19 4.22
CA ASP A 129 -37.55 -6.39 5.63
C ASP A 129 -36.45 -7.13 6.38
N GLY A 130 -35.65 -7.93 5.69
CA GLY A 130 -34.67 -8.78 6.36
C GLY A 130 -33.46 -9.07 5.52
N ASN A 131 -32.93 -10.28 5.67
CA ASN A 131 -31.66 -10.67 5.06
C ASN A 131 -31.87 -10.93 3.58
N TRP A 132 -31.27 -10.10 2.74
CA TRP A 132 -31.22 -10.36 1.31
C TRP A 132 -30.40 -11.62 1.00
N LYS A 133 -29.45 -11.95 1.87
CA LYS A 133 -28.57 -13.09 1.60
C LYS A 133 -29.35 -14.39 1.49
N SER A 134 -30.39 -14.55 2.30
CA SER A 134 -31.19 -15.77 2.27
C SER A 134 -32.04 -15.90 1.00
N HIS A 135 -32.11 -14.86 0.17
CA HIS A 135 -32.97 -14.87 -1.00
C HIS A 135 -32.25 -14.70 -2.32
N LEU A 136 -31.02 -14.18 -2.32
CA LEU A 136 -30.28 -13.98 -3.56
C LEU A 136 -28.78 -14.26 -3.34
N SER A 139 -25.60 -19.32 -4.89
CA SER A 139 -24.73 -20.00 -5.84
C SER A 139 -23.89 -19.03 -6.67
N ARG A 140 -24.38 -17.79 -6.80
CA ARG A 140 -23.70 -16.73 -7.54
C ARG A 140 -23.70 -15.49 -6.67
N SER A 141 -22.52 -14.98 -6.35
CA SER A 141 -22.40 -13.74 -5.59
C SER A 141 -23.22 -12.65 -6.25
N LEU A 142 -23.93 -11.86 -5.42
CA LEU A 142 -24.55 -10.65 -5.94
C LEU A 142 -23.55 -9.74 -6.64
N PHE A 143 -22.29 -9.83 -6.26
CA PHE A 143 -21.30 -8.82 -6.58
C PHE A 143 -20.35 -9.26 -7.69
N VAL A 144 -20.74 -10.25 -8.51
CA VAL A 144 -19.81 -10.74 -9.53
CA VAL A 144 -19.89 -10.76 -9.59
C VAL A 144 -19.43 -9.64 -10.51
N ASN A 145 -20.33 -8.69 -10.78
CA ASN A 145 -20.01 -7.60 -11.69
C ASN A 145 -19.73 -6.29 -10.96
N ALA A 146 -19.32 -6.38 -9.69
CA ALA A 146 -19.11 -5.16 -8.91
C ALA A 146 -17.98 -4.29 -9.46
N ALA A 147 -16.99 -4.87 -10.15
CA ALA A 147 -15.94 -4.01 -10.72
C ALA A 147 -16.53 -3.09 -11.77
N THR A 148 -17.51 -3.59 -12.53
CA THR A 148 -18.20 -2.76 -13.51
C THR A 148 -19.00 -1.67 -12.82
N TRP A 149 -19.83 -2.05 -11.83
CA TRP A 149 -20.61 -1.04 -11.14
C TRP A 149 -19.73 -0.09 -10.36
N GLY A 150 -18.56 -0.55 -9.93
CA GLY A 150 -17.61 0.36 -9.30
C GLY A 150 -17.16 1.46 -10.25
N LEU A 151 -16.91 1.11 -11.52
CA LEU A 151 -16.59 2.13 -12.50
C LEU A 151 -17.76 3.10 -12.68
N VAL A 152 -18.98 2.59 -12.68
CA VAL A 152 -20.15 3.45 -12.87
C VAL A 152 -20.32 4.40 -11.70
N VAL A 153 -20.16 3.90 -10.47
CA VAL A 153 -20.43 4.73 -9.29
C VAL A 153 -19.27 5.67 -8.99
N THR A 154 -18.03 5.19 -9.09
CA THR A 154 -16.88 5.94 -8.63
C THR A 154 -15.99 6.47 -9.75
N GLY A 155 -16.14 5.96 -10.97
CA GLY A 155 -15.22 6.31 -12.03
C GLY A 155 -13.88 5.63 -11.95
N LYS A 156 -13.64 4.82 -10.92
CA LYS A 156 -12.39 4.12 -10.75
C LYS A 156 -12.60 2.62 -10.92
N LEU A 157 -11.60 1.97 -11.50
CA LEU A 157 -11.61 0.54 -11.72
C LEU A 157 -10.85 -0.16 -10.60
N THR A 158 -11.53 -1.04 -9.88
CA THR A 158 -10.90 -1.95 -8.92
C THR A 158 -11.04 -3.36 -9.49
N SER A 159 -9.91 -4.05 -9.68
CA SER A 159 -9.94 -5.26 -10.51
C SER A 159 -10.66 -6.42 -9.84
N THR A 160 -10.59 -6.55 -8.52
CA THR A 160 -11.32 -7.59 -7.81
C THR A 160 -12.33 -6.95 -6.85
N VAL A 161 -13.23 -7.78 -6.37
CA VAL A 161 -14.44 -7.35 -5.69
C VAL A 161 -14.29 -7.62 -4.20
N ASN A 162 -14.39 -6.59 -3.36
CA ASN A 162 -14.38 -6.83 -1.92
C ASN A 162 -15.81 -7.18 -1.54
N ASP A 163 -16.13 -8.48 -1.67
CA ASP A 163 -17.52 -8.88 -1.50
C ASP A 163 -17.96 -8.83 -0.04
N ARG A 164 -17.03 -8.90 0.91
CA ARG A 164 -17.41 -8.76 2.30
C ARG A 164 -17.76 -7.32 2.62
N SER A 165 -17.00 -6.37 2.06
CA SER A 165 -17.33 -4.96 2.20
C SER A 165 -18.67 -4.64 1.55
N LEU A 166 -18.90 -5.16 0.34
CA LEU A 166 -20.18 -4.93 -0.33
C LEU A 166 -21.33 -5.56 0.41
N ALA A 167 -21.15 -6.77 0.96
CA ALA A 167 -22.24 -7.39 1.71
C ALA A 167 -22.60 -6.54 2.93
N ALA A 168 -21.58 -6.04 3.64
CA ALA A 168 -21.83 -5.18 4.80
C ALA A 168 -22.55 -3.90 4.38
N ALA A 169 -22.12 -3.32 3.26
CA ALA A 169 -22.73 -2.09 2.77
C ALA A 169 -24.18 -2.31 2.37
N LEU A 170 -24.47 -3.44 1.72
CA LEU A 170 -25.84 -3.71 1.30
C LEU A 170 -26.75 -3.90 2.51
N THR A 171 -26.30 -4.67 3.49
CA THR A 171 -27.06 -4.80 4.73
C THR A 171 -27.29 -3.43 5.36
N ARG A 172 -26.24 -2.62 5.42
CA ARG A 172 -26.36 -1.31 6.07
C ARG A 172 -27.37 -0.43 5.34
N LEU A 173 -27.26 -0.35 4.02
CA LEU A 173 -28.16 0.56 3.30
C LEU A 173 -29.60 0.06 3.31
N ILE A 174 -29.81 -1.27 3.26
CA ILE A 174 -31.19 -1.75 3.33
C ILE A 174 -31.77 -1.53 4.72
N SER A 175 -30.98 -1.81 5.76
CA SER A 175 -31.47 -1.61 7.12
C SER A 175 -31.71 -0.13 7.41
N ARG A 176 -31.01 0.76 6.70
CA ARG A 176 -31.17 2.19 6.94
C ARG A 176 -32.38 2.75 6.18
N CYS A 177 -32.55 2.36 4.91
CA CYS A 177 -33.51 3.02 4.05
C CYS A 177 -34.54 2.11 3.41
N GLY A 178 -34.40 0.79 3.50
CA GLY A 178 -35.51 -0.10 3.18
C GLY A 178 -35.92 -0.16 1.71
N GLU A 179 -37.19 -0.49 1.50
CA GLU A 179 -37.71 -0.67 0.15
C GLU A 179 -37.51 0.56 -0.75
N PRO A 180 -37.71 1.80 -0.30
CA PRO A 180 -37.52 2.93 -1.22
C PRO A 180 -36.16 2.98 -1.89
N VAL A 181 -35.06 2.69 -1.19
CA VAL A 181 -33.77 2.75 -1.86
C VAL A 181 -33.60 1.56 -2.80
N ILE A 182 -34.15 0.40 -2.45
CA ILE A 182 -34.08 -0.75 -3.35
C ILE A 182 -34.82 -0.45 -4.65
N ARG A 183 -36.04 0.10 -4.52
CA ARG A 183 -36.84 0.44 -5.70
C ARG A 183 -36.09 1.42 -6.60
N ARG A 184 -35.47 2.44 -6.01
CA ARG A 184 -34.74 3.43 -6.80
C ARG A 184 -33.55 2.78 -7.50
N GLY A 185 -32.86 1.87 -6.82
CA GLY A 185 -31.75 1.19 -7.47
C GLY A 185 -32.20 0.31 -8.62
N VAL A 186 -33.28 -0.45 -8.41
CA VAL A 186 -33.82 -1.31 -9.46
C VAL A 186 -34.21 -0.47 -10.67
N ASP A 187 -34.97 0.60 -10.44
CA ASP A 187 -35.40 1.45 -11.55
C ASP A 187 -34.20 2.07 -12.27
N MET A 188 -33.17 2.45 -11.51
CA MET A 188 -31.96 3.02 -12.11
C MET A 188 -31.21 1.99 -12.96
N ALA A 189 -30.94 0.82 -12.39
CA ALA A 189 -30.27 -0.22 -13.17
C ALA A 189 -31.09 -0.59 -14.40
N MET A 190 -32.41 -0.64 -14.25
CA MET A 190 -33.26 -1.02 -15.37
C MET A 190 -33.11 -0.02 -16.52
N ARG A 191 -33.08 1.27 -16.19
CA ARG A 191 -32.91 2.30 -17.22
C ARG A 191 -31.52 2.23 -17.84
N MET A 192 -30.49 2.11 -17.02
CA MET A 192 -29.12 2.09 -17.54
C MET A 192 -28.88 0.87 -18.41
N MET A 193 -29.31 -0.31 -17.96
CA MET A 193 -29.00 -1.51 -18.72
C MET A 193 -29.94 -1.73 -19.88
N GLY A 194 -31.03 -0.97 -19.98
CA GLY A 194 -31.97 -1.18 -21.07
C GLY A 194 -31.99 -0.03 -22.06
N GLU A 195 -31.52 1.14 -21.63
CA GLU A 195 -31.63 2.34 -22.45
C GLU A 195 -30.33 3.12 -22.62
N GLN A 196 -29.33 2.94 -21.76
CA GLN A 196 -28.10 3.73 -21.80
C GLN A 196 -26.91 2.93 -22.29
N PHE A 197 -26.60 1.79 -21.65
CA PHE A 197 -25.51 0.96 -22.11
C PHE A 197 -25.85 0.25 -23.40
N VAL A 198 -27.14 0.09 -23.69
CA VAL A 198 -27.58 -0.41 -24.98
C VAL A 198 -28.69 0.52 -25.46
N THR A 199 -28.87 0.56 -26.78
CA THR A 199 -30.03 1.25 -27.34
C THR A 199 -31.30 0.45 -27.10
N GLY A 200 -31.19 -0.87 -27.10
CA GLY A 200 -32.32 -1.72 -26.76
C GLY A 200 -31.80 -3.11 -26.49
N GLU A 201 -32.65 -3.92 -25.85
CA GLU A 201 -32.29 -5.29 -25.54
C GLU A 201 -32.26 -6.17 -26.78
N THR A 202 -33.17 -5.89 -27.73
CA THR A 202 -33.27 -6.61 -28.98
C THR A 202 -33.13 -5.60 -30.13
N ILE A 203 -32.82 -6.11 -31.32
CA ILE A 203 -32.72 -5.22 -32.47
C ILE A 203 -34.05 -4.52 -32.74
N ARG A 204 -35.17 -5.22 -32.56
CA ARG A 204 -36.47 -4.59 -32.75
C ARG A 204 -36.69 -3.43 -31.79
N GLU A 205 -36.34 -3.63 -30.51
CA GLU A 205 -36.47 -2.54 -29.55
C GLU A 205 -35.52 -1.40 -29.91
N ALA A 206 -34.27 -1.73 -30.25
CA ALA A 206 -33.32 -0.69 -30.63
C ALA A 206 -33.82 0.11 -31.81
N LEU A 207 -34.35 -0.57 -32.84
CA LEU A 207 -34.87 0.12 -34.02
C LEU A 207 -36.02 1.06 -33.65
N LYS A 208 -36.93 0.61 -32.78
CA LYS A 208 -38.05 1.47 -32.39
C LYS A 208 -37.55 2.74 -31.72
N ARG A 209 -36.49 2.64 -30.93
CA ARG A 209 -35.97 3.79 -30.19
C ARG A 209 -35.10 4.69 -31.03
N SER A 210 -34.80 4.31 -32.27
CA SER A 210 -33.91 5.09 -33.13
C SER A 210 -34.62 6.16 -33.92
N LYS A 211 -35.96 6.07 -34.07
CA LYS A 211 -36.69 7.00 -34.93
C LYS A 211 -36.52 8.45 -34.47
N GLU A 212 -36.51 8.67 -33.15
CA GLU A 212 -36.45 10.02 -32.61
C GLU A 212 -35.24 10.79 -33.13
N LEU A 213 -34.04 10.19 -33.03
CA LEU A 213 -32.85 10.91 -33.46
C LEU A 213 -32.65 10.84 -34.97
N GLU A 214 -33.14 9.79 -35.63
CA GLU A 214 -33.09 9.77 -37.08
C GLU A 214 -33.88 10.94 -37.68
N GLU A 215 -35.04 11.25 -37.10
CA GLU A 215 -35.81 12.39 -37.56
C GLU A 215 -35.05 13.70 -37.40
N LYS A 216 -34.09 13.76 -36.49
CA LYS A 216 -33.27 14.94 -36.29
C LYS A 216 -32.04 14.98 -37.18
N GLY A 217 -31.75 13.91 -37.92
CA GLY A 217 -30.62 13.88 -38.81
C GLY A 217 -29.50 12.95 -38.39
N PHE A 218 -29.67 12.21 -37.30
CA PHE A 218 -28.70 11.17 -36.98
C PHE A 218 -28.98 9.93 -37.81
N SER A 219 -27.98 9.06 -37.90
CA SER A 219 -28.15 7.72 -38.44
C SER A 219 -27.64 6.74 -37.39
N TYR A 220 -27.72 5.44 -37.71
CA TYR A 220 -27.39 4.40 -36.75
C TYR A 220 -26.55 3.31 -37.39
N SER A 221 -25.64 2.75 -36.59
CA SER A 221 -25.00 1.47 -36.90
C SER A 221 -25.11 0.62 -35.65
N TYR A 222 -25.74 -0.55 -35.76
CA TYR A 222 -26.04 -1.35 -34.58
C TYR A 222 -24.89 -2.31 -34.27
N ASP A 223 -24.46 -2.27 -33.01
CA ASP A 223 -23.40 -3.13 -32.46
C ASP A 223 -24.06 -4.27 -31.70
N MET A 224 -23.98 -5.49 -32.24
CA MET A 224 -24.68 -6.60 -31.63
C MET A 224 -23.90 -7.24 -30.46
N LEU A 225 -22.78 -6.64 -30.09
CA LEU A 225 -22.04 -6.90 -28.84
C LEU A 225 -21.40 -8.28 -28.78
N GLY A 226 -21.47 -9.08 -29.84
CA GLY A 226 -20.78 -10.35 -29.84
C GLY A 226 -19.29 -10.18 -30.14
N GLU A 227 -18.48 -11.03 -29.51
CA GLU A 227 -17.07 -11.06 -29.82
C GLU A 227 -16.45 -12.29 -29.19
N ALA A 228 -15.25 -12.63 -29.66
CA ALA A 228 -14.43 -13.66 -29.06
C ALA A 228 -15.19 -14.98 -28.91
N ALA A 229 -15.71 -15.48 -30.03
CA ALA A 229 -16.25 -16.84 -30.04
C ALA A 229 -15.19 -17.81 -29.51
N THR A 230 -15.62 -18.71 -28.63
CA THR A 230 -14.76 -19.73 -28.05
C THR A 230 -14.96 -21.09 -28.70
N THR A 231 -16.17 -21.35 -29.21
CA THR A 231 -16.55 -22.61 -29.80
C THR A 231 -17.20 -22.35 -31.15
N ALA A 232 -17.33 -23.42 -31.94
CA ALA A 232 -18.07 -23.34 -33.18
C ALA A 232 -19.52 -22.94 -32.93
N ALA A 233 -20.12 -23.46 -31.84
CA ALA A 233 -21.49 -23.10 -31.53
C ALA A 233 -21.64 -21.63 -31.22
N ASP A 234 -20.67 -21.05 -30.48
CA ASP A 234 -20.67 -19.61 -30.24
C ASP A 234 -20.65 -18.84 -31.54
N ALA A 235 -19.75 -19.23 -32.45
CA ALA A 235 -19.63 -18.51 -33.72
C ALA A 235 -20.91 -18.61 -34.52
N GLU A 236 -21.55 -19.78 -34.50
CA GLU A 236 -22.84 -19.94 -35.19
C GLU A 236 -23.92 -19.08 -34.56
N ARG A 237 -23.94 -19.00 -33.24
CA ARG A 237 -24.91 -18.15 -32.55
C ARG A 237 -24.72 -16.68 -32.91
N TYR A 238 -23.47 -16.22 -32.92
CA TYR A 238 -23.22 -14.85 -33.33
C TYR A 238 -23.60 -14.65 -34.80
N TYR A 239 -23.35 -15.66 -35.63
CA TYR A 239 -23.71 -15.53 -37.04
C TYR A 239 -25.20 -15.38 -37.21
N ARG A 240 -25.99 -16.27 -36.59
CA ARG A 240 -27.42 -16.14 -36.81
C ARG A 240 -27.97 -14.89 -36.14
N ASP A 241 -27.30 -14.37 -35.11
CA ASP A 241 -27.67 -13.08 -34.53
C ASP A 241 -27.45 -11.94 -35.52
N TYR A 242 -26.28 -11.92 -36.18
CA TYR A 242 -26.01 -10.90 -37.20
C TYR A 242 -27.02 -10.99 -38.34
N GLU A 243 -27.27 -12.21 -38.82
CA GLU A 243 -28.19 -12.39 -39.93
C GLU A 243 -29.57 -11.88 -39.57
N SER A 244 -30.08 -12.25 -38.39
CA SER A 244 -31.40 -11.79 -38.01
C SER A 244 -31.43 -10.27 -37.81
N ALA A 245 -30.35 -9.69 -37.29
CA ALA A 245 -30.32 -8.24 -37.14
C ALA A 245 -30.30 -7.54 -38.50
N ILE A 246 -29.57 -8.09 -39.48
CA ILE A 246 -29.53 -7.45 -40.79
C ILE A 246 -30.92 -7.43 -41.40
N HIS A 247 -31.69 -8.52 -41.26
CA HIS A 247 -33.05 -8.50 -41.78
C HIS A 247 -33.85 -7.40 -41.13
N ALA A 248 -33.79 -7.28 -39.81
CA ALA A 248 -34.58 -6.27 -39.12
C ALA A 248 -34.12 -4.87 -39.51
N ILE A 249 -32.81 -4.64 -39.54
CA ILE A 249 -32.28 -3.34 -39.94
C ILE A 249 -32.62 -3.03 -41.40
N GLY A 250 -32.48 -4.03 -42.27
CA GLY A 250 -32.80 -3.82 -43.67
C GLY A 250 -34.26 -3.55 -43.91
N LYS A 251 -35.14 -4.28 -43.21
CA LYS A 251 -36.57 -3.98 -43.31
C LYS A 251 -36.85 -2.56 -42.86
N ALA A 252 -36.24 -2.14 -41.75
CA ALA A 252 -36.46 -0.81 -41.20
C ALA A 252 -35.86 0.26 -42.09
N SER A 253 -34.70 -0.03 -42.68
CA SER A 253 -34.07 0.95 -43.56
C SER A 253 -35.03 1.34 -44.68
N ALA A 254 -35.74 0.37 -45.24
CA ALA A 254 -36.80 0.60 -46.22
C ALA A 254 -36.33 1.46 -47.38
N GLY A 255 -35.15 1.14 -47.91
CA GLY A 255 -34.67 1.81 -49.10
C GLY A 255 -33.97 3.13 -48.86
N ARG A 256 -33.68 3.50 -47.61
CA ARG A 256 -33.03 4.79 -47.34
C ARG A 256 -31.58 4.82 -47.79
N GLY A 257 -30.97 3.69 -48.07
CA GLY A 257 -29.60 3.69 -48.52
C GLY A 257 -28.60 3.67 -47.38
N ILE A 258 -27.33 3.59 -47.76
CA ILE A 258 -26.28 3.33 -46.78
C ILE A 258 -25.87 4.55 -45.97
N TYR A 259 -26.19 5.75 -46.45
CA TYR A 259 -25.82 6.96 -45.71
C TYR A 259 -26.93 7.44 -44.78
N GLU A 260 -28.14 7.62 -45.31
CA GLU A 260 -29.24 8.06 -44.48
C GLU A 260 -29.74 6.93 -43.58
N GLY A 261 -29.73 5.71 -44.08
CA GLY A 261 -30.34 4.60 -43.39
C GLY A 261 -29.37 3.85 -42.50
N PRO A 262 -29.91 2.98 -41.65
CA PRO A 262 -29.09 2.33 -40.62
C PRO A 262 -28.26 1.20 -41.21
N GLY A 263 -27.20 0.85 -40.48
CA GLY A 263 -26.37 -0.27 -40.85
C GLY A 263 -26.02 -1.13 -39.66
N ILE A 264 -25.13 -2.09 -39.88
CA ILE A 264 -24.72 -3.00 -38.81
C ILE A 264 -23.20 -2.99 -38.71
N SER A 265 -22.70 -3.28 -37.50
CA SER A 265 -21.30 -3.48 -37.25
C SER A 265 -21.10 -4.91 -36.78
N ILE A 266 -20.00 -5.53 -37.20
CA ILE A 266 -19.68 -6.90 -36.83
C ILE A 266 -18.25 -6.94 -36.33
N LYS A 267 -17.95 -7.94 -35.50
CA LYS A 267 -16.57 -8.22 -35.12
C LYS A 267 -16.20 -9.59 -35.65
N LEU A 268 -15.08 -9.65 -36.37
CA LEU A 268 -14.67 -10.93 -36.96
C LEU A 268 -14.39 -11.99 -35.90
N SER A 269 -13.97 -11.58 -34.70
CA SER A 269 -13.73 -12.55 -33.64
C SER A 269 -15.00 -13.25 -33.20
N ALA A 270 -16.17 -12.65 -33.47
CA ALA A 270 -17.44 -13.30 -33.13
C ALA A 270 -17.76 -14.43 -34.08
N LEU A 271 -17.17 -14.44 -35.27
CA LEU A 271 -17.64 -15.32 -36.33
C LEU A 271 -16.76 -16.54 -36.51
N HIS A 272 -15.69 -16.67 -35.72
CA HIS A 272 -14.88 -17.87 -35.81
C HIS A 272 -14.10 -18.04 -34.52
N PRO A 273 -14.03 -19.26 -33.97
CA PRO A 273 -13.34 -19.44 -32.68
C PRO A 273 -11.83 -19.42 -32.79
N ARG A 274 -11.26 -19.50 -33.99
CA ARG A 274 -9.81 -19.42 -34.12
C ARG A 274 -9.44 -18.31 -35.08
N TYR A 275 -9.91 -17.10 -34.78
CA TYR A 275 -9.62 -15.91 -35.59
C TYR A 275 -8.22 -15.41 -35.22
N SER A 276 -7.21 -15.88 -35.95
CA SER A 276 -5.84 -15.48 -35.66
C SER A 276 -4.98 -15.76 -36.87
N ARG A 277 -3.83 -15.06 -36.92
CA ARG A 277 -2.88 -15.26 -38.01
C ARG A 277 -2.39 -16.69 -38.05
N ALA A 278 -2.22 -17.31 -36.87
CA ALA A 278 -1.73 -18.69 -36.84
C ALA A 278 -2.69 -19.63 -37.54
N GLN A 279 -3.97 -19.27 -37.57
CA GLN A 279 -5.01 -20.07 -38.21
C GLN A 279 -5.51 -19.39 -39.48
N ALA A 280 -4.62 -18.71 -40.21
CA ALA A 280 -5.07 -17.88 -41.33
C ALA A 280 -5.82 -18.69 -42.38
N ALA A 281 -5.35 -19.92 -42.67
CA ALA A 281 -6.01 -20.73 -43.67
C ALA A 281 -7.44 -21.07 -43.27
N ARG A 282 -7.64 -21.42 -42.00
CA ARG A 282 -9.00 -21.66 -41.53
C ARG A 282 -9.84 -20.38 -41.58
N VAL A 283 -9.23 -19.23 -41.28
CA VAL A 283 -9.97 -17.98 -41.34
C VAL A 283 -10.44 -17.71 -42.76
N MET A 284 -9.54 -17.85 -43.73
CA MET A 284 -9.95 -17.56 -45.11
C MET A 284 -10.92 -18.62 -45.63
N GLY A 285 -10.84 -19.85 -45.15
CA GLY A 285 -11.69 -20.90 -45.69
C GLY A 285 -13.05 -20.97 -45.01
N GLU A 286 -13.10 -20.60 -43.74
CA GLU A 286 -14.30 -20.79 -42.93
C GLU A 286 -14.93 -19.50 -42.48
N LEU A 287 -14.13 -18.49 -42.13
CA LEU A 287 -14.70 -17.23 -41.65
C LEU A 287 -15.17 -16.37 -42.82
N LEU A 288 -14.34 -16.25 -43.86
CA LEU A 288 -14.67 -15.38 -44.98
C LEU A 288 -16.01 -15.70 -45.63
N PRO A 289 -16.38 -16.95 -45.93
CA PRO A 289 -17.70 -17.18 -46.53
C PRO A 289 -18.84 -16.72 -45.64
N ARG A 290 -18.66 -16.78 -44.32
CA ARG A 290 -19.70 -16.27 -43.42
C ARG A 290 -19.83 -14.77 -43.54
N VAL A 291 -18.71 -14.04 -43.58
CA VAL A 291 -18.82 -12.59 -43.78
C VAL A 291 -19.44 -12.30 -45.13
N LYS A 292 -19.07 -13.06 -46.17
CA LYS A 292 -19.63 -12.81 -47.49
C LYS A 292 -21.15 -12.98 -47.48
N ALA A 293 -21.64 -14.01 -46.79
CA ALA A 293 -23.08 -14.25 -46.77
C ALA A 293 -23.80 -13.10 -46.07
N LEU A 294 -23.23 -12.59 -44.97
CA LEU A 294 -23.83 -11.44 -44.32
C LEU A 294 -23.76 -10.21 -45.21
N ALA A 295 -22.65 -10.04 -45.90
CA ALA A 295 -22.52 -8.88 -46.80
C ALA A 295 -23.50 -8.97 -47.97
N LEU A 296 -23.73 -10.17 -48.51
CA LEU A 296 -24.72 -10.31 -49.58
C LEU A 296 -26.09 -9.89 -49.08
N LEU A 297 -26.44 -10.25 -47.85
CA LEU A 297 -27.72 -9.82 -47.29
C LEU A 297 -27.75 -8.31 -47.09
N ALA A 298 -26.65 -7.74 -46.58
CA ALA A 298 -26.59 -6.29 -46.43
C ALA A 298 -26.72 -5.59 -47.78
N LYS A 299 -26.09 -6.15 -48.81
CA LYS A 299 -26.23 -5.57 -50.15
C LYS A 299 -27.67 -5.60 -50.61
N ASN A 300 -28.41 -6.69 -50.34
CA ASN A 300 -29.77 -6.76 -50.88
C ASN A 300 -30.67 -5.70 -50.25
N TYR A 301 -30.48 -5.43 -48.96
CA TYR A 301 -31.21 -4.37 -48.30
C TYR A 301 -30.59 -2.99 -48.50
N ASP A 302 -29.40 -2.95 -49.09
CA ASP A 302 -28.60 -1.73 -49.28
C ASP A 302 -28.38 -0.98 -47.96
N ILE A 303 -27.77 -1.69 -47.00
CA ILE A 303 -27.40 -1.13 -45.71
C ILE A 303 -25.89 -1.24 -45.54
N GLY A 304 -25.37 -0.45 -44.60
CA GLY A 304 -23.96 -0.54 -44.30
C GLY A 304 -23.63 -1.79 -43.51
N LEU A 305 -22.45 -2.34 -43.75
CA LEU A 305 -21.95 -3.45 -42.94
C LEU A 305 -20.51 -3.12 -42.62
N ASN A 306 -20.22 -2.86 -41.35
CA ASN A 306 -18.92 -2.37 -40.93
C ASN A 306 -18.18 -3.46 -40.18
N ILE A 307 -16.91 -3.66 -40.53
CA ILE A 307 -16.04 -4.59 -39.80
C ILE A 307 -15.30 -3.81 -38.72
N ASP A 308 -15.63 -4.10 -37.46
CA ASP A 308 -14.98 -3.45 -36.33
C ASP A 308 -13.52 -3.89 -36.24
N ALA A 309 -12.68 -2.99 -35.71
CA ALA A 309 -11.27 -3.30 -35.51
C ALA A 309 -11.03 -3.76 -34.07
N GLU A 310 -10.17 -4.77 -33.93
CA GLU A 310 -9.95 -5.41 -32.64
C GLU A 310 -8.47 -5.34 -32.27
N GLU A 311 -7.88 -6.44 -31.80
CA GLU A 311 -6.51 -6.37 -31.32
C GLU A 311 -5.52 -6.13 -32.46
N ALA A 312 -4.34 -5.63 -32.10
CA ALA A 312 -3.37 -5.24 -33.11
C ALA A 312 -2.90 -6.41 -33.96
N ASP A 313 -2.83 -7.62 -33.37
CA ASP A 313 -2.37 -8.77 -34.14
C ASP A 313 -3.46 -9.37 -35.03
N ARG A 314 -4.61 -8.72 -35.12
CA ARG A 314 -5.65 -9.09 -36.06
C ARG A 314 -5.82 -8.10 -37.20
N LEU A 315 -5.18 -6.93 -37.12
CA LEU A 315 -5.35 -5.91 -38.13
C LEU A 315 -5.03 -6.42 -39.52
N GLU A 316 -3.81 -6.92 -39.72
CA GLU A 316 -3.40 -7.25 -41.08
C GLU A 316 -4.15 -8.46 -41.62
N LEU A 317 -4.44 -9.44 -40.76
CA LEU A 317 -5.28 -10.56 -41.18
C LEU A 317 -6.64 -10.06 -41.69
N SER A 318 -7.24 -9.09 -41.00
CA SER A 318 -8.55 -8.61 -41.45
C SER A 318 -8.47 -7.98 -42.84
N LEU A 319 -7.31 -7.43 -43.21
CA LEU A 319 -7.16 -6.83 -44.54
C LEU A 319 -7.33 -7.86 -45.63
N ASP A 320 -6.95 -9.12 -45.37
CA ASP A 320 -7.09 -10.13 -46.40
C ASP A 320 -8.56 -10.46 -46.63
N LEU A 321 -9.38 -10.42 -45.58
CA LEU A 321 -10.82 -10.56 -45.77
C LEU A 321 -11.39 -9.35 -46.49
N LEU A 322 -10.98 -8.14 -46.08
CA LEU A 322 -11.47 -6.94 -46.76
C LEU A 322 -11.14 -6.99 -48.24
N GLU A 323 -9.91 -7.40 -48.58
CA GLU A 323 -9.48 -7.46 -49.97
C GLU A 323 -10.37 -8.40 -50.77
N VAL A 324 -10.55 -9.66 -50.30
CA VAL A 324 -11.33 -10.62 -51.06
C VAL A 324 -12.77 -10.14 -51.22
N LEU A 325 -13.34 -9.56 -50.17
CA LEU A 325 -14.73 -9.13 -50.23
C LEU A 325 -14.91 -8.00 -51.23
N CYS A 326 -14.01 -7.02 -51.22
CA CYS A 326 -14.15 -5.91 -52.16
C CYS A 326 -13.88 -6.31 -53.60
N LEU A 327 -13.17 -7.41 -53.82
CA LEU A 327 -12.91 -7.88 -55.19
C LEU A 327 -13.92 -8.90 -55.66
N ASP A 328 -14.88 -9.27 -54.80
CA ASP A 328 -15.81 -10.35 -55.10
C ASP A 328 -16.98 -9.78 -55.90
N GLY A 329 -17.09 -10.21 -57.16
CA GLY A 329 -18.12 -9.68 -58.04
C GLY A 329 -19.53 -9.89 -57.55
N ASP A 330 -19.76 -10.89 -56.70
CA ASP A 330 -21.11 -11.10 -56.18
C ASP A 330 -21.57 -9.92 -55.33
N LEU A 331 -20.64 -9.10 -54.84
CA LEU A 331 -20.97 -7.96 -53.99
C LEU A 331 -20.96 -6.65 -54.75
N SER A 332 -20.80 -6.68 -56.06
CA SER A 332 -20.69 -5.42 -56.79
C SER A 332 -22.02 -4.71 -56.82
N GLY A 333 -21.95 -3.38 -56.96
CA GLY A 333 -23.13 -2.54 -56.95
C GLY A 333 -23.48 -1.98 -55.60
N TRP A 334 -22.81 -2.43 -54.54
CA TRP A 334 -23.10 -2.06 -53.16
C TRP A 334 -21.88 -1.40 -52.56
N ASN A 335 -22.07 -0.21 -51.99
CA ASN A 335 -21.01 0.58 -51.40
C ASN A 335 -21.07 0.55 -49.87
N GLY A 336 -21.82 -0.40 -49.31
CA GLY A 336 -22.06 -0.44 -47.88
C GLY A 336 -20.98 -1.10 -47.04
N MET A 337 -20.01 -1.78 -47.66
CA MET A 337 -18.95 -2.42 -46.87
CA MET A 337 -18.95 -2.42 -46.87
C MET A 337 -18.11 -1.36 -46.16
N GLY A 338 -17.92 -1.54 -44.85
CA GLY A 338 -17.17 -0.59 -44.05
C GLY A 338 -16.10 -1.28 -43.22
N PHE A 339 -15.15 -0.47 -42.74
CA PHE A 339 -13.96 -1.02 -42.12
C PHE A 339 -13.36 0.02 -41.18
N VAL A 340 -13.04 -0.41 -39.96
CA VAL A 340 -12.51 0.48 -38.94
C VAL A 340 -10.98 0.47 -39.02
N VAL A 341 -10.37 1.64 -38.84
CA VAL A 341 -8.92 1.73 -38.64
C VAL A 341 -8.68 2.54 -37.37
N GLN A 342 -7.69 2.11 -36.59
CA GLN A 342 -7.46 2.65 -35.25
C GLN A 342 -6.28 3.60 -35.27
N ALA A 343 -6.55 4.89 -35.00
CA ALA A 343 -5.50 5.90 -35.08
C ALA A 343 -4.48 5.79 -33.96
N TYR A 344 -4.76 5.04 -32.89
CA TYR A 344 -3.68 4.83 -31.94
C TYR A 344 -2.65 3.83 -32.44
N GLY A 345 -2.84 3.25 -33.63
CA GLY A 345 -1.94 2.25 -34.16
C GLY A 345 -0.93 2.89 -35.11
N LYS A 346 0.31 2.41 -35.02
CA LYS A 346 1.39 2.99 -35.80
C LYS A 346 1.22 2.73 -37.29
N ARG A 347 0.46 1.71 -37.67
CA ARG A 347 0.25 1.39 -39.07
C ARG A 347 -0.91 2.16 -39.69
N CYS A 348 -1.68 2.91 -38.90
CA CYS A 348 -2.93 3.49 -39.38
C CYS A 348 -2.83 4.23 -40.72
N PRO A 349 -1.89 5.17 -40.92
CA PRO A 349 -1.86 5.84 -42.23
C PRO A 349 -1.54 4.89 -43.37
N PHE A 350 -0.70 3.88 -43.13
CA PHE A 350 -0.34 2.94 -44.18
C PHE A 350 -1.49 1.99 -44.49
N VAL A 351 -2.27 1.62 -43.47
CA VAL A 351 -3.49 0.86 -43.69
C VAL A 351 -4.46 1.66 -44.53
N LEU A 352 -4.57 2.97 -44.25
CA LEU A 352 -5.45 3.83 -45.03
C LEU A 352 -4.99 3.92 -46.47
N ASP A 353 -3.69 4.04 -46.71
CA ASP A 353 -3.18 4.02 -48.07
C ASP A 353 -3.61 2.74 -48.78
N PHE A 354 -3.53 1.61 -48.08
CA PHE A 354 -3.94 0.34 -48.67
C PHE A 354 -5.45 0.32 -48.95
N ILE A 355 -6.25 0.84 -48.02
CA ILE A 355 -7.70 0.78 -48.19
C ILE A 355 -8.14 1.69 -49.32
N ILE A 356 -7.57 2.90 -49.38
CA ILE A 356 -7.94 3.83 -50.43
C ILE A 356 -7.60 3.26 -51.80
N ASP A 357 -6.43 2.63 -51.92
CA ASP A 357 -6.08 1.97 -53.17
C ASP A 357 -7.01 0.81 -53.49
N LEU A 358 -7.38 0.02 -52.46
CA LEU A 358 -8.32 -1.06 -52.68
C LEU A 358 -9.67 -0.54 -53.15
N ALA A 359 -10.13 0.56 -52.55
CA ALA A 359 -11.35 1.22 -53.03
C ALA A 359 -11.23 1.67 -54.48
N ARG A 360 -10.05 2.16 -54.88
CA ARG A 360 -9.85 2.56 -56.27
C ARG A 360 -9.89 1.37 -57.22
N ARG A 361 -9.18 0.28 -56.86
CA ARG A 361 -9.12 -0.91 -57.70
C ARG A 361 -10.48 -1.57 -57.85
N SER A 362 -11.18 -1.73 -56.72
CA SER A 362 -12.47 -2.40 -56.70
C SER A 362 -13.60 -1.52 -57.17
N GLY A 363 -13.41 -0.20 -57.14
CA GLY A 363 -14.49 0.72 -57.43
C GLY A 363 -15.56 0.79 -56.35
N ARG A 364 -15.30 0.21 -55.17
CA ARG A 364 -16.22 0.27 -54.05
C ARG A 364 -15.85 1.46 -53.17
N ARG A 365 -16.84 2.27 -52.82
CA ARG A 365 -16.60 3.43 -51.97
C ARG A 365 -16.59 2.95 -50.50
N ILE A 366 -15.43 2.45 -50.08
CA ILE A 366 -15.34 1.80 -48.77
C ILE A 366 -15.68 2.82 -47.68
N MET A 367 -16.55 2.43 -46.76
CA MET A 367 -16.90 3.25 -45.61
C MET A 367 -15.81 3.06 -44.57
N VAL A 368 -15.02 4.10 -44.29
CA VAL A 368 -13.86 3.96 -43.43
C VAL A 368 -14.17 4.69 -42.13
N ARG A 369 -14.34 3.94 -41.06
CA ARG A 369 -14.53 4.52 -39.74
C ARG A 369 -13.17 4.70 -39.07
N LEU A 370 -12.78 5.95 -38.86
CA LEU A 370 -11.55 6.28 -38.15
C LEU A 370 -11.86 6.42 -36.66
N VAL A 371 -11.24 5.58 -35.85
CA VAL A 371 -11.41 5.61 -34.41
C VAL A 371 -10.03 5.81 -33.81
N LYS A 372 -9.99 6.09 -32.51
CA LYS A 372 -8.68 6.10 -31.86
C LYS A 372 -8.24 4.69 -31.48
N GLY A 373 -9.06 3.96 -30.72
CA GLY A 373 -8.77 2.55 -30.46
C GLY A 373 -9.17 2.14 -29.06
N ALA A 374 -9.68 0.91 -28.89
CA ALA A 374 -10.33 0.51 -27.65
C ALA A 374 -9.51 -0.42 -26.77
N TYR A 375 -8.32 -0.84 -27.21
CA TYR A 375 -7.62 -1.92 -26.52
C TYR A 375 -6.25 -1.50 -26.00
N TRP A 376 -6.11 -0.22 -25.63
CA TRP A 376 -4.75 0.33 -25.46
C TRP A 376 -3.99 -0.38 -24.36
N ASP A 377 -4.58 -0.50 -23.16
CA ASP A 377 -3.79 -1.06 -22.08
C ASP A 377 -3.49 -2.52 -22.32
N ALA A 378 -4.37 -3.22 -23.04
CA ALA A 378 -4.08 -4.61 -23.39
C ALA A 378 -2.92 -4.71 -24.39
N GLU A 379 -2.80 -3.74 -25.29
CA GLU A 379 -1.69 -3.78 -26.23
C GLU A 379 -0.36 -3.53 -25.52
N ILE A 380 -0.36 -2.66 -24.50
CA ILE A 380 0.86 -2.45 -23.73
C ILE A 380 1.28 -3.73 -23.05
N LYS A 381 0.34 -4.36 -22.33
CA LYS A 381 0.65 -5.58 -21.61
C LYS A 381 1.16 -6.67 -22.56
N ARG A 382 0.46 -6.85 -23.68
CA ARG A 382 0.81 -7.95 -24.60
C ARG A 382 2.23 -7.80 -25.15
N ALA A 383 2.60 -6.59 -25.56
CA ALA A 383 3.96 -6.40 -26.11
C ALA A 383 5.01 -6.63 -25.03
N GLN A 384 4.73 -6.20 -23.80
CA GLN A 384 5.67 -6.46 -22.73
C GLN A 384 5.78 -7.96 -22.44
N LEU A 385 4.64 -8.64 -22.34
CA LEU A 385 4.69 -10.09 -22.10
C LEU A 385 5.50 -10.80 -23.17
N ASP A 386 5.37 -10.38 -24.42
CA ASP A 386 5.97 -11.10 -25.52
C ASP A 386 7.40 -10.63 -25.82
N GLY A 387 7.91 -9.67 -25.05
CA GLY A 387 9.29 -9.23 -25.24
C GLY A 387 9.56 -8.66 -26.62
N LEU A 388 8.60 -7.92 -27.17
CA LEU A 388 8.74 -7.48 -28.54
C LEU A 388 9.44 -6.12 -28.62
N ALA A 389 9.81 -5.75 -29.84
CA ALA A 389 10.73 -4.62 -30.00
C ALA A 389 10.12 -3.32 -29.51
N ASP A 390 8.81 -3.16 -29.67
CA ASP A 390 8.16 -1.91 -29.34
C ASP A 390 6.67 -2.17 -29.31
N PHE A 391 5.91 -1.14 -29.09
CA PHE A 391 4.47 -1.29 -29.06
C PHE A 391 3.90 -1.09 -30.45
N PRO A 392 2.75 -1.70 -30.73
CA PRO A 392 2.04 -1.44 -32.00
C PRO A 392 1.08 -0.27 -31.92
N VAL A 393 1.09 0.44 -30.79
CA VAL A 393 0.24 1.60 -30.56
C VAL A 393 1.12 2.67 -29.93
N PHE A 394 0.66 3.90 -30.01
CA PHE A 394 1.35 4.99 -29.34
C PHE A 394 1.24 4.83 -27.82
N THR A 395 2.11 5.53 -27.10
CA THR A 395 2.11 5.47 -25.65
C THR A 395 1.75 6.80 -24.99
N ARG A 396 1.69 7.89 -25.75
CA ARG A 396 1.15 9.16 -25.27
C ARG A 396 -0.16 9.44 -25.99
N LYS A 397 -1.17 9.80 -25.21
CA LYS A 397 -2.50 10.00 -25.80
C LYS A 397 -2.47 11.09 -26.86
N ILE A 398 -1.65 12.12 -26.67
CA ILE A 398 -1.60 13.19 -27.64
C ILE A 398 -1.05 12.70 -28.98
N HIS A 399 -0.20 11.67 -28.97
CA HIS A 399 0.28 11.09 -30.22
C HIS A 399 -0.88 10.46 -30.98
N THR A 400 -1.78 9.79 -30.28
CA THR A 400 -2.97 9.24 -30.94
C THR A 400 -3.82 10.35 -31.53
N ASP A 401 -3.96 11.46 -30.81
CA ASP A 401 -4.72 12.58 -31.35
C ASP A 401 -4.09 13.13 -32.63
N VAL A 402 -2.76 13.29 -32.65
CA VAL A 402 -2.12 13.81 -33.86
C VAL A 402 -2.29 12.81 -35.00
N SER A 403 -2.09 11.52 -34.72
CA SER A 403 -2.33 10.47 -35.69
C SER A 403 -3.75 10.56 -36.26
N TYR A 404 -4.74 10.71 -35.38
CA TYR A 404 -6.12 10.79 -35.84
C TYR A 404 -6.31 11.92 -36.83
N ILE A 405 -5.84 13.12 -36.46
CA ILE A 405 -6.02 14.28 -37.32
C ILE A 405 -5.23 14.12 -38.60
N ALA A 406 -4.02 13.53 -38.53
CA ALA A 406 -3.24 13.29 -39.73
C ALA A 406 -3.95 12.34 -40.67
N CYS A 407 -4.55 11.29 -40.11
CA CYS A 407 -5.27 10.33 -40.94
C CYS A 407 -6.58 10.91 -41.47
N ALA A 408 -7.20 11.82 -40.73
CA ALA A 408 -8.38 12.49 -41.24
C ALA A 408 -8.04 13.34 -42.47
N ALA A 409 -6.88 13.99 -42.46
CA ALA A 409 -6.44 14.74 -43.62
C ALA A 409 -6.31 13.84 -44.84
N LYS A 410 -5.75 12.65 -44.65
CA LYS A 410 -5.60 11.70 -45.75
C LYS A 410 -6.96 11.26 -46.27
N LEU A 411 -7.88 10.93 -45.36
CA LEU A 411 -9.22 10.52 -45.76
C LEU A 411 -9.97 11.64 -46.48
N LEU A 412 -9.85 12.88 -45.98
CA LEU A 412 -10.60 13.98 -46.57
C LEU A 412 -10.12 14.31 -47.97
N ALA A 413 -8.89 13.94 -48.31
CA ALA A 413 -8.39 14.12 -49.67
C ALA A 413 -8.89 13.04 -50.62
N ALA A 414 -9.59 12.02 -50.13
CA ALA A 414 -10.01 10.90 -50.96
C ALA A 414 -11.51 10.63 -50.86
N THR A 415 -12.33 11.66 -50.61
CA THR A 415 -13.76 11.40 -50.44
C THR A 415 -14.42 10.96 -51.74
N ASP A 416 -13.74 11.09 -52.89
CA ASP A 416 -14.32 10.53 -54.10
C ASP A 416 -14.25 9.01 -54.12
N VAL A 417 -13.32 8.40 -53.38
CA VAL A 417 -13.16 6.96 -53.46
C VAL A 417 -13.47 6.24 -52.16
N VAL A 418 -13.46 6.91 -51.00
CA VAL A 418 -13.88 6.32 -49.74
C VAL A 418 -14.86 7.28 -49.06
N PHE A 419 -15.59 6.75 -48.09
CA PHE A 419 -16.53 7.53 -47.29
C PHE A 419 -15.97 7.62 -45.88
N PRO A 420 -15.32 8.73 -45.51
CA PRO A 420 -14.75 8.84 -44.17
C PRO A 420 -15.83 8.98 -43.11
N GLN A 421 -15.61 8.30 -42.00
CA GLN A 421 -16.54 8.32 -40.87
C GLN A 421 -15.70 8.60 -39.63
N PHE A 422 -15.85 9.79 -39.07
CA PHE A 422 -14.94 10.25 -38.01
C PHE A 422 -15.61 10.00 -36.66
N ALA A 423 -15.25 8.89 -36.04
CA ALA A 423 -15.82 8.46 -34.78
C ALA A 423 -14.99 9.05 -33.65
N THR A 424 -15.56 10.02 -32.93
CA THR A 424 -14.85 10.61 -31.79
C THR A 424 -15.84 11.37 -30.92
N HIS A 425 -15.59 11.35 -29.61
CA HIS A 425 -16.30 12.20 -28.66
C HIS A 425 -15.53 13.45 -28.28
N ASN A 426 -14.35 13.64 -28.86
CA ASN A 426 -13.45 14.74 -28.50
C ASN A 426 -13.81 15.97 -29.34
N ALA A 427 -14.29 17.02 -28.68
CA ALA A 427 -14.73 18.21 -29.39
C ALA A 427 -13.58 18.94 -30.09
N GLN A 428 -12.36 18.82 -29.56
CA GLN A 428 -11.21 19.42 -30.23
C GLN A 428 -10.91 18.67 -31.52
N THR A 429 -10.85 17.34 -31.44
CA THR A 429 -10.69 16.52 -32.64
C THR A 429 -11.77 16.83 -33.67
N LEU A 430 -13.03 16.87 -33.22
CA LEU A 430 -14.15 17.15 -34.09
C LEU A 430 -13.97 18.48 -34.82
N ALA A 431 -13.72 19.54 -34.05
CA ALA A 431 -13.63 20.88 -34.65
C ALA A 431 -12.50 20.96 -35.65
N ALA A 432 -11.36 20.32 -35.36
CA ALA A 432 -10.24 20.34 -36.27
C ALA A 432 -10.63 19.76 -37.62
N ILE A 433 -11.37 18.64 -37.60
CA ILE A 433 -11.74 17.98 -38.83
C ILE A 433 -12.85 18.74 -39.56
N TYR A 434 -13.81 19.27 -38.79
CA TYR A 434 -14.88 20.06 -39.39
C TYR A 434 -14.33 21.22 -40.21
N HIS A 435 -13.31 21.92 -39.68
CA HIS A 435 -12.74 23.01 -40.45
C HIS A 435 -11.79 22.50 -41.53
N MET A 436 -11.13 21.37 -41.28
CA MET A 436 -10.26 20.77 -42.28
C MET A 436 -11.03 20.40 -43.54
N ALA A 437 -12.26 19.92 -43.37
CA ALA A 437 -13.05 19.46 -44.51
C ALA A 437 -13.54 20.60 -45.39
N GLY A 438 -13.47 21.85 -44.91
CA GLY A 438 -13.84 22.98 -45.73
C GLY A 438 -15.34 23.20 -45.82
N LYS A 439 -15.71 24.06 -46.77
CA LYS A 439 -17.05 24.62 -46.89
C LYS A 439 -18.02 23.77 -47.70
N ASP A 440 -17.52 22.98 -48.65
CA ASP A 440 -18.40 22.19 -49.51
C ASP A 440 -18.76 20.90 -48.80
N PHE A 441 -20.04 20.70 -48.54
CA PHE A 441 -20.49 19.45 -47.93
C PHE A 441 -21.79 18.98 -48.59
N HIS A 442 -21.92 17.65 -48.66
CA HIS A 442 -23.19 17.01 -49.02
C HIS A 442 -23.26 15.69 -48.28
N VAL A 443 -24.48 15.27 -47.94
CA VAL A 443 -24.64 13.98 -47.28
C VAL A 443 -24.11 12.91 -48.21
N GLY A 444 -23.23 12.05 -47.68
CA GLY A 444 -22.50 11.10 -48.47
C GLY A 444 -21.03 11.46 -48.65
N LYS A 445 -20.64 12.70 -48.35
CA LYS A 445 -19.24 13.07 -48.51
C LYS A 445 -18.40 12.50 -47.37
N TYR A 446 -18.81 12.79 -46.13
CA TYR A 446 -18.25 12.17 -44.95
C TYR A 446 -19.27 12.31 -43.84
N GLU A 447 -19.00 11.67 -42.70
CA GLU A 447 -19.88 11.84 -41.55
C GLU A 447 -19.03 11.76 -40.30
N PHE A 448 -19.62 12.17 -39.19
CA PHE A 448 -19.08 11.89 -37.87
C PHE A 448 -19.81 10.68 -37.30
N GLN A 449 -19.27 10.14 -36.21
CA GLN A 449 -19.91 9.03 -35.51
C GLN A 449 -19.67 9.18 -34.02
N CYS A 450 -20.59 8.60 -33.23
CA CYS A 450 -20.48 8.65 -31.78
C CYS A 450 -21.14 7.42 -31.20
N LEU A 451 -20.94 7.23 -29.90
CA LEU A 451 -21.50 6.09 -29.19
C LEU A 451 -22.85 6.48 -28.60
N HIS A 452 -23.83 5.59 -28.75
CA HIS A 452 -25.12 5.74 -28.07
C HIS A 452 -24.92 5.98 -26.58
N GLY A 453 -25.74 6.87 -26.03
CA GLY A 453 -25.69 7.13 -24.60
C GLY A 453 -24.41 7.75 -24.11
N MET A 454 -23.72 8.49 -24.97
CA MET A 454 -22.41 9.01 -24.65
C MET A 454 -22.12 10.23 -25.53
N GLY A 455 -22.30 10.06 -26.84
CA GLY A 455 -21.96 11.14 -27.75
C GLY A 455 -23.06 12.11 -28.11
N GLU A 456 -24.32 11.79 -27.77
CA GLU A 456 -25.42 12.66 -28.19
C GLU A 456 -25.34 14.08 -27.65
N PRO A 457 -24.91 14.34 -26.40
CA PRO A 457 -24.77 15.74 -25.98
C PRO A 457 -23.85 16.54 -26.89
N LEU A 458 -22.71 15.96 -27.31
CA LEU A 458 -21.83 16.69 -28.22
C LEU A 458 -22.47 16.84 -29.59
N TYR A 459 -23.00 15.76 -30.15
CA TYR A 459 -23.40 15.82 -31.56
C TYR A 459 -24.76 16.48 -31.76
N GLU A 460 -25.55 16.67 -30.70
CA GLU A 460 -26.71 17.55 -30.82
C GLU A 460 -26.31 19.00 -31.01
N GLU A 461 -25.04 19.32 -30.80
CA GLU A 461 -24.48 20.62 -31.18
C GLU A 461 -23.84 20.62 -32.56
N VAL A 462 -23.93 19.50 -33.29
CA VAL A 462 -23.32 19.33 -34.60
C VAL A 462 -24.36 19.07 -35.68
N VAL A 463 -25.22 18.08 -35.47
CA VAL A 463 -26.24 17.72 -36.45
C VAL A 463 -27.27 18.84 -36.56
N GLY A 464 -27.75 19.06 -37.76
CA GLY A 464 -28.86 19.97 -37.97
C GLY A 464 -28.41 21.29 -38.58
N ARG A 465 -29.31 21.89 -39.37
CA ARG A 465 -29.00 23.15 -40.03
C ARG A 465 -28.73 24.27 -39.04
N GLY A 466 -29.29 24.19 -37.84
CA GLY A 466 -29.03 25.19 -36.81
C GLY A 466 -27.72 25.04 -36.09
N LYS A 467 -26.96 23.99 -36.38
CA LYS A 467 -25.70 23.71 -35.70
C LYS A 467 -24.61 23.75 -36.76
N LEU A 468 -23.82 22.69 -36.89
CA LEU A 468 -22.78 22.61 -37.91
C LEU A 468 -23.27 21.93 -39.20
N ASP A 469 -24.48 21.38 -39.18
CA ASP A 469 -25.09 20.75 -40.35
C ASP A 469 -24.22 19.63 -40.91
N ARG A 470 -23.67 18.81 -40.03
CA ARG A 470 -22.94 17.62 -40.40
C ARG A 470 -23.59 16.41 -39.75
N PRO A 471 -23.76 15.32 -40.49
CA PRO A 471 -24.43 14.15 -39.93
C PRO A 471 -23.56 13.39 -38.94
N CYS A 472 -24.23 12.64 -38.08
CA CYS A 472 -23.56 11.79 -37.12
C CYS A 472 -24.29 10.46 -37.09
N ARG A 473 -23.53 9.37 -37.22
CA ARG A 473 -24.04 8.01 -37.08
C ARG A 473 -23.79 7.51 -35.66
N ILE A 474 -24.86 7.06 -35.02
CA ILE A 474 -24.78 6.57 -33.64
C ILE A 474 -24.49 5.07 -33.66
N TYR A 475 -23.36 4.70 -33.07
CA TYR A 475 -22.96 3.32 -32.87
C TYR A 475 -23.76 2.80 -31.67
N ALA A 476 -24.70 1.89 -31.93
CA ALA A 476 -25.79 1.60 -31.00
C ALA A 476 -25.69 0.16 -30.49
N PRO A 477 -25.23 -0.06 -29.27
CA PRO A 477 -25.16 -1.42 -28.74
C PRO A 477 -26.55 -2.01 -28.59
N VAL A 478 -26.64 -3.31 -28.79
CA VAL A 478 -27.92 -4.02 -28.72
C VAL A 478 -27.66 -5.33 -28.00
N GLY A 479 -28.36 -5.58 -26.91
CA GLY A 479 -28.12 -6.83 -26.23
C GLY A 479 -28.78 -6.90 -24.88
N THR A 480 -28.83 -8.13 -24.37
CA THR A 480 -29.32 -8.43 -23.04
C THR A 480 -28.33 -7.97 -21.99
N HIS A 481 -28.79 -7.98 -20.73
CA HIS A 481 -27.93 -7.62 -19.61
C HIS A 481 -26.65 -8.45 -19.61
N GLU A 482 -26.76 -9.76 -19.80
CA GLU A 482 -25.58 -10.61 -19.79
C GLU A 482 -24.59 -10.19 -20.88
N THR A 483 -25.11 -9.94 -22.08
CA THR A 483 -24.27 -9.59 -23.21
C THR A 483 -23.60 -8.25 -23.00
N LEU A 484 -24.33 -7.26 -22.49
CA LEU A 484 -23.71 -5.94 -22.36
C LEU A 484 -22.69 -5.90 -21.24
N LEU A 485 -22.88 -6.71 -20.20
CA LEU A 485 -21.97 -6.67 -19.06
C LEU A 485 -20.63 -7.31 -19.37
N ALA A 486 -20.55 -8.15 -20.40
CA ALA A 486 -19.37 -8.98 -20.60
C ALA A 486 -18.13 -8.13 -20.85
N TYR A 487 -18.26 -7.05 -21.63
CA TYR A 487 -17.12 -6.19 -21.92
C TYR A 487 -17.45 -4.72 -21.70
N LEU A 488 -18.39 -4.43 -20.79
CA LEU A 488 -18.74 -3.05 -20.46
C LEU A 488 -17.55 -2.29 -19.89
N VAL A 489 -16.68 -2.96 -19.13
CA VAL A 489 -15.53 -2.28 -18.54
C VAL A 489 -14.66 -1.66 -19.62
N ARG A 490 -14.29 -2.46 -20.64
CA ARG A 490 -13.50 -1.91 -21.75
C ARG A 490 -14.21 -0.71 -22.37
N ARG A 491 -15.54 -0.79 -22.54
CA ARG A 491 -16.28 0.32 -23.10
C ARG A 491 -16.24 1.53 -22.17
N LEU A 492 -16.37 1.31 -20.86
CA LEU A 492 -16.33 2.44 -19.94
C LEU A 492 -14.97 3.14 -19.98
N LEU A 493 -13.89 2.37 -20.13
CA LEU A 493 -12.56 2.97 -20.14
C LEU A 493 -12.31 3.80 -21.40
N GLU A 494 -13.05 3.57 -22.47
CA GLU A 494 -12.87 4.37 -23.70
C GLU A 494 -13.01 5.85 -23.40
N ASN A 495 -13.98 6.21 -22.55
CA ASN A 495 -14.27 7.60 -22.25
C ASN A 495 -14.06 7.94 -20.77
N GLY A 496 -13.48 7.04 -19.98
CA GLY A 496 -13.42 7.24 -18.55
C GLY A 496 -12.03 7.26 -17.94
N ALA A 497 -10.98 7.28 -18.76
CA ALA A 497 -9.63 7.38 -18.25
C ALA A 497 -9.24 8.84 -18.04
N ASN A 498 -8.16 9.06 -17.27
CA ASN A 498 -7.74 10.42 -16.92
C ASN A 498 -7.49 11.28 -18.16
N SER A 499 -6.99 10.69 -19.25
CA SER A 499 -6.72 11.46 -20.44
C SER A 499 -7.91 11.51 -21.40
N SER A 500 -9.01 10.82 -21.06
CA SER A 500 -10.18 10.80 -21.93
C SER A 500 -10.88 12.16 -21.94
N PHE A 501 -11.30 12.59 -23.13
CA PHE A 501 -12.01 13.86 -23.27
C PHE A 501 -13.25 13.92 -22.37
N VAL A 502 -14.06 12.86 -22.38
CA VAL A 502 -15.32 12.91 -21.63
C VAL A 502 -15.05 13.03 -20.14
N HIS A 503 -14.01 12.35 -19.64
CA HIS A 503 -13.61 12.51 -18.25
C HIS A 503 -13.11 13.92 -17.98
N ARG A 504 -12.31 14.48 -18.89
CA ARG A 504 -11.76 15.80 -18.67
C ARG A 504 -12.81 16.89 -18.76
N ILE A 505 -13.84 16.73 -19.61
CA ILE A 505 -14.84 17.79 -19.67
C ILE A 505 -15.70 17.78 -18.40
N ASN A 506 -15.86 16.62 -17.75
CA ASN A 506 -16.59 16.55 -16.49
C ASN A 506 -15.73 16.93 -15.28
N ASP A 507 -14.43 17.17 -15.49
CA ASP A 507 -13.54 17.62 -14.43
C ASP A 507 -13.54 19.15 -14.40
N PRO A 508 -14.11 19.78 -13.37
CA PRO A 508 -14.08 21.26 -13.32
C PRO A 508 -12.68 21.84 -13.22
N LYS A 509 -11.71 21.07 -12.70
CA LYS A 509 -10.32 21.55 -12.65
C LYS A 509 -9.66 21.61 -14.02
N VAL A 510 -10.35 21.22 -15.09
CA VAL A 510 -9.84 21.32 -16.46
C VAL A 510 -10.53 22.49 -17.13
N SER A 511 -9.75 23.46 -17.57
CA SER A 511 -10.27 24.64 -18.24
C SER A 511 -10.62 24.33 -19.69
N ILE A 512 -11.48 25.16 -20.26
CA ILE A 512 -11.81 25.01 -21.68
C ILE A 512 -10.57 25.26 -22.53
N ASP A 513 -9.70 26.18 -22.11
CA ASP A 513 -8.45 26.41 -22.82
C ASP A 513 -7.59 25.15 -22.87
N GLU A 514 -7.54 24.40 -21.77
CA GLU A 514 -6.82 23.13 -21.80
C GLU A 514 -7.48 22.16 -22.79
N LEU A 515 -8.81 22.20 -22.87
CA LEU A 515 -9.50 21.23 -23.71
C LEU A 515 -9.35 21.54 -25.19
N ILE A 516 -9.14 22.81 -25.54
CA ILE A 516 -9.08 23.19 -26.95
C ILE A 516 -7.63 23.30 -27.41
N ALA A 517 -6.71 22.94 -26.52
CA ALA A 517 -5.29 22.87 -26.88
C ALA A 517 -5.11 22.00 -28.11
N ASP A 518 -4.31 22.49 -29.04
CA ASP A 518 -4.08 21.81 -30.32
C ASP A 518 -3.00 20.75 -30.17
N PRO A 519 -3.35 19.47 -30.25
CA PRO A 519 -2.34 18.42 -30.04
C PRO A 519 -1.23 18.46 -31.08
N VAL A 520 -1.54 18.91 -32.30
CA VAL A 520 -0.54 18.96 -33.36
C VAL A 520 0.57 19.94 -32.99
N GLU A 521 0.18 21.13 -32.53
CA GLU A 521 1.18 22.14 -32.19
C GLU A 521 1.88 21.82 -30.88
N VAL A 522 1.19 21.22 -29.92
CA VAL A 522 1.84 20.81 -28.68
C VAL A 522 2.93 19.77 -28.98
N VAL A 523 2.60 18.79 -29.83
CA VAL A 523 3.59 17.77 -30.18
C VAL A 523 4.75 18.41 -30.95
N ARG A 524 4.45 19.34 -31.85
CA ARG A 524 5.51 19.95 -32.66
C ARG A 524 6.56 20.61 -31.78
N ALA A 525 6.12 21.28 -30.72
CA ALA A 525 7.01 22.07 -29.87
C ALA A 525 7.67 21.24 -28.78
N MET A 526 7.42 19.94 -28.73
CA MET A 526 8.09 19.09 -27.74
C MET A 526 9.58 19.04 -28.02
N PRO A 527 10.42 18.97 -26.97
CA PRO A 527 11.87 18.88 -27.20
C PRO A 527 12.26 17.71 -28.08
N VAL A 528 11.80 16.51 -27.75
CA VAL A 528 11.94 15.33 -28.59
C VAL A 528 10.55 14.99 -29.12
N VAL A 529 10.33 15.22 -30.42
CA VAL A 529 9.04 14.94 -31.01
C VAL A 529 8.79 13.43 -31.03
N GLY A 530 7.66 13.01 -30.47
CA GLY A 530 7.27 11.62 -30.53
C GLY A 530 7.89 10.70 -29.51
N ALA A 531 8.46 11.24 -28.44
CA ALA A 531 9.09 10.41 -27.42
C ALA A 531 8.07 9.47 -26.77
N LYS A 532 8.50 8.24 -26.52
CA LYS A 532 7.74 7.28 -25.71
C LYS A 532 7.34 7.92 -24.38
N HIS A 533 6.17 7.50 -23.89
CA HIS A 533 5.77 7.91 -22.55
C HIS A 533 6.83 7.51 -21.53
N ASP A 534 7.14 8.43 -20.61
CA ASP A 534 8.19 8.19 -19.62
C ASP A 534 7.83 7.06 -18.66
N ARG A 535 6.55 6.81 -18.43
CA ARG A 535 6.13 5.84 -17.43
C ARG A 535 5.72 4.49 -18.01
N ILE A 536 6.01 4.24 -19.28
CA ILE A 536 5.73 2.96 -19.92
C ILE A 536 7.05 2.36 -20.37
N ALA A 537 7.40 1.20 -19.84
CA ALA A 537 8.67 0.58 -20.15
C ALA A 537 8.57 -0.13 -21.49
N LEU A 538 9.59 0.06 -22.33
CA LEU A 538 9.73 -0.81 -23.48
C LEU A 538 9.89 -2.24 -22.96
N PRO A 539 9.40 -3.25 -23.71
CA PRO A 539 9.56 -4.63 -23.21
C PRO A 539 10.98 -4.97 -22.85
N ALA A 540 11.97 -4.49 -23.62
CA ALA A 540 13.37 -4.75 -23.29
C ALA A 540 13.76 -4.19 -21.94
N GLU A 541 13.03 -3.19 -21.44
CA GLU A 541 13.45 -2.46 -20.25
C GLU A 541 12.56 -2.73 -19.04
N LEU A 542 11.83 -3.87 -19.05
CA LEU A 542 10.93 -4.19 -17.95
C LEU A 542 11.64 -4.24 -16.61
N PHE A 543 12.91 -4.64 -16.58
CA PHE A 543 13.61 -4.79 -15.32
C PHE A 543 14.60 -3.67 -15.06
N GLY A 544 14.56 -2.61 -15.88
CA GLY A 544 15.39 -1.45 -15.60
C GLY A 544 16.87 -1.78 -15.62
N ASP A 545 17.60 -1.24 -14.63
CA ASP A 545 19.04 -1.41 -14.53
C ASP A 545 19.46 -2.81 -14.10
N ALA A 546 18.53 -3.63 -13.61
CA ALA A 546 18.91 -4.95 -13.10
C ALA A 546 19.45 -5.84 -14.21
N ARG A 547 18.74 -5.91 -15.33
CA ARG A 547 19.15 -6.75 -16.43
C ARG A 547 18.27 -6.43 -17.62
N THR A 548 18.71 -6.92 -18.79
CA THR A 548 18.01 -6.71 -20.04
C THR A 548 17.05 -7.86 -20.27
N ASN A 549 15.78 -7.54 -20.47
CA ASN A 549 14.79 -8.56 -20.76
C ASN A 549 15.16 -9.29 -22.04
N SER A 550 14.92 -10.60 -22.07
CA SER A 550 15.03 -11.31 -23.34
C SER A 550 13.98 -10.78 -24.31
N ALA A 551 14.26 -10.98 -25.60
CA ALA A 551 13.41 -10.52 -26.68
C ALA A 551 12.77 -11.71 -27.37
N GLY A 552 11.48 -11.59 -27.68
CA GLY A 552 10.77 -12.61 -28.39
C GLY A 552 10.67 -12.31 -29.86
N LEU A 553 9.67 -12.92 -30.50
CA LEU A 553 9.43 -12.75 -31.93
C LEU A 553 7.94 -12.66 -32.16
N ASP A 554 7.56 -11.79 -33.09
CA ASP A 554 6.14 -11.52 -33.35
C ASP A 554 5.70 -12.45 -34.48
N LEU A 555 4.97 -13.52 -34.11
CA LEU A 555 4.49 -14.47 -35.11
C LEU A 555 3.25 -13.98 -35.85
N SER A 556 2.86 -12.72 -35.65
CA SER A 556 1.86 -12.07 -36.49
C SER A 556 2.48 -11.14 -37.53
N ASN A 557 3.80 -11.02 -37.54
CA ASN A 557 4.49 -10.09 -38.44
C ASN A 557 4.97 -10.89 -39.65
N GLU A 558 4.50 -10.52 -40.84
CA GLU A 558 4.87 -11.29 -42.03
C GLU A 558 6.38 -11.25 -42.29
N GLU A 559 7.03 -10.12 -42.02
CA GLU A 559 8.49 -10.10 -42.19
C GLU A 559 9.16 -11.11 -41.27
N THR A 560 8.70 -11.17 -40.02
CA THR A 560 9.25 -12.12 -39.06
C THR A 560 8.99 -13.54 -39.51
N LEU A 561 7.76 -13.83 -39.95
CA LEU A 561 7.42 -15.17 -40.38
C LEU A 561 8.25 -15.58 -41.59
N ALA A 562 8.48 -14.63 -42.50
CA ALA A 562 9.26 -14.92 -43.70
C ALA A 562 10.71 -15.22 -43.35
N SER A 563 11.32 -14.39 -42.49
CA SER A 563 12.70 -14.62 -42.08
CA SER A 563 12.71 -14.63 -42.12
C SER A 563 12.85 -15.88 -41.25
N LEU A 564 11.91 -16.10 -40.32
CA LEU A 564 11.92 -17.32 -39.52
C LEU A 564 11.78 -18.55 -40.39
N THR A 565 10.91 -18.50 -41.40
CA THR A 565 10.77 -19.65 -42.28
C THR A 565 12.11 -20.08 -42.87
N GLU A 566 12.91 -19.11 -43.34
CA GLU A 566 14.18 -19.46 -43.95
C GLU A 566 15.17 -19.97 -42.90
N ALA A 567 15.22 -19.32 -41.75
CA ALA A 567 16.13 -19.75 -40.69
C ALA A 567 15.75 -21.14 -40.18
N LEU A 568 14.45 -21.42 -40.06
CA LEU A 568 14.02 -22.75 -39.63
C LEU A 568 14.41 -23.81 -40.65
N ARG A 569 14.14 -23.54 -41.93
CA ARG A 569 14.57 -24.46 -42.99
C ARG A 569 16.07 -24.72 -42.93
N GLU A 570 16.86 -23.65 -42.80
CA GLU A 570 18.31 -23.80 -42.73
C GLU A 570 18.73 -24.62 -41.51
N SER A 571 18.04 -24.43 -40.38
CA SER A 571 18.35 -25.23 -39.19
C SER A 571 18.13 -26.71 -39.43
N ALA A 572 17.15 -27.06 -40.26
CA ALA A 572 16.83 -28.47 -40.50
C ALA A 572 17.80 -29.13 -41.47
N ALA A 573 18.56 -28.35 -42.23
CA ALA A 573 19.58 -28.89 -43.10
C ALA A 573 20.90 -29.13 -42.39
N MET A 574 21.02 -28.70 -41.14
CA MET A 574 22.28 -28.81 -40.42
C MET A 574 22.45 -30.20 -39.84
N LYS A 575 23.70 -30.65 -39.78
CA LYS A 575 24.02 -31.98 -39.25
C LYS A 575 24.34 -31.80 -37.77
N TRP A 576 23.27 -31.70 -36.97
CA TRP A 576 23.40 -31.53 -35.53
C TRP A 576 24.06 -32.76 -34.91
N THR A 577 24.97 -32.51 -33.97
CA THR A 577 25.62 -33.59 -33.25
C THR A 577 25.69 -33.25 -31.76
N ALA A 578 25.81 -34.30 -30.95
CA ALA A 578 26.10 -34.17 -29.53
C ALA A 578 27.10 -35.25 -29.19
N LEU A 579 28.16 -34.87 -28.50
CA LEU A 579 29.28 -35.75 -28.18
C LEU A 579 29.58 -35.67 -26.70
N PRO A 580 30.20 -36.72 -26.13
CA PRO A 580 30.77 -36.58 -24.79
C PRO A 580 31.90 -35.56 -24.84
N GLN A 581 31.67 -34.38 -24.30
CA GLN A 581 32.65 -33.30 -24.35
C GLN A 581 33.33 -33.25 -23.00
N LEU A 582 34.45 -33.95 -22.88
CA LEU A 582 35.20 -33.93 -21.64
C LEU A 582 36.18 -32.75 -21.63
N ALA A 583 36.81 -32.55 -20.46
CA ALA A 583 37.75 -31.44 -20.30
C ALA A 583 38.91 -31.56 -21.27
N THR A 584 39.27 -32.79 -21.61
CA THR A 584 40.40 -33.09 -22.49
C THR A 584 40.01 -33.12 -23.97
N GLY A 585 38.73 -32.92 -24.29
CA GLY A 585 38.27 -33.00 -25.67
C GLY A 585 37.12 -33.96 -25.84
N PRO A 586 36.59 -34.06 -27.07
CA PRO A 586 35.50 -35.00 -27.32
C PRO A 586 35.96 -36.43 -27.06
N ALA A 587 35.04 -37.27 -26.61
CA ALA A 587 35.34 -38.66 -26.33
C ALA A 587 34.55 -39.56 -27.28
N ALA A 588 35.10 -40.74 -27.55
CA ALA A 588 34.39 -41.71 -28.39
C ALA A 588 33.32 -42.43 -27.58
N GLY A 589 32.34 -42.97 -28.30
CA GLY A 589 31.26 -43.70 -27.66
C GLY A 589 30.31 -44.27 -28.69
N GLU A 590 29.22 -44.83 -28.19
CA GLU A 590 28.20 -45.42 -29.04
C GLU A 590 27.34 -44.31 -29.64
N THR A 591 27.15 -44.35 -30.95
CA THR A 591 26.49 -43.28 -31.69
C THR A 591 25.16 -43.77 -32.27
N ARG A 592 24.12 -42.96 -32.12
CA ARG A 592 22.81 -43.26 -32.68
C ARG A 592 22.16 -41.95 -33.12
N THR A 593 21.11 -42.07 -33.93
CA THR A 593 20.44 -40.88 -34.44
C THR A 593 19.41 -40.39 -33.43
N VAL A 594 19.06 -39.12 -33.58
CA VAL A 594 18.00 -38.47 -32.82
C VAL A 594 16.87 -38.19 -33.78
N LEU A 595 15.67 -38.65 -33.44
CA LEU A 595 14.51 -38.58 -34.32
C LEU A 595 13.51 -37.53 -33.86
N ASN A 596 12.84 -36.93 -34.82
CA ASN A 596 11.78 -35.95 -34.55
C ASN A 596 10.60 -36.65 -33.91
N PRO A 597 10.15 -36.26 -32.72
CA PRO A 597 9.01 -36.94 -32.09
C PRO A 597 7.73 -36.83 -32.89
N GLY A 598 7.60 -35.83 -33.76
CA GLY A 598 6.41 -35.69 -34.58
C GLY A 598 6.45 -36.46 -35.87
N ASP A 599 7.60 -37.06 -36.17
CA ASP A 599 7.79 -37.80 -37.42
C ASP A 599 9.13 -38.51 -37.37
N HIS A 600 9.11 -39.80 -37.02
CA HIS A 600 10.35 -40.53 -36.78
C HIS A 600 11.20 -40.70 -38.04
N ARG A 601 10.63 -40.42 -39.22
CA ARG A 601 11.38 -40.39 -40.47
C ARG A 601 12.35 -39.20 -40.53
N ASP A 602 12.11 -38.17 -39.73
CA ASP A 602 12.93 -36.96 -39.75
C ASP A 602 14.06 -37.11 -38.74
N VAL A 603 15.25 -37.43 -39.25
CA VAL A 603 16.46 -37.53 -38.44
C VAL A 603 16.96 -36.12 -38.13
N VAL A 604 17.03 -35.77 -36.86
CA VAL A 604 17.44 -34.42 -36.48
C VAL A 604 18.96 -34.33 -36.34
N GLY A 605 19.58 -35.39 -35.85
CA GLY A 605 21.01 -35.35 -35.66
C GLY A 605 21.53 -36.66 -35.12
N SER A 606 22.74 -36.61 -34.60
CA SER A 606 23.41 -37.80 -34.12
C SER A 606 24.00 -37.52 -32.74
N VAL A 607 23.83 -38.46 -31.82
CA VAL A 607 24.38 -38.33 -30.48
C VAL A 607 25.35 -39.47 -30.26
N THR A 608 26.52 -39.14 -29.70
CA THR A 608 27.48 -40.11 -29.21
C THR A 608 27.35 -40.10 -27.68
N GLU A 609 27.00 -41.25 -27.12
CA GLU A 609 26.66 -41.28 -25.70
C GLU A 609 27.86 -41.71 -24.87
N THR A 610 27.83 -41.33 -23.60
CA THR A 610 28.99 -41.40 -22.71
C THR A 610 29.07 -42.77 -22.05
N SER A 611 30.27 -43.34 -22.02
CA SER A 611 30.50 -44.55 -21.24
C SER A 611 30.51 -44.21 -19.76
N GLU A 612 30.16 -45.20 -18.93
CA GLU A 612 30.24 -45.00 -17.49
C GLU A 612 31.66 -44.67 -17.06
N GLU A 613 32.65 -45.24 -17.75
CA GLU A 613 34.04 -44.94 -17.43
C GLU A 613 34.35 -43.46 -17.67
N ASP A 614 33.96 -42.94 -18.83
CA ASP A 614 34.23 -41.53 -19.13
C ASP A 614 33.42 -40.60 -18.24
N ALA A 615 32.24 -41.02 -17.79
CA ALA A 615 31.49 -40.21 -16.84
C ALA A 615 32.25 -40.06 -15.54
N ARG A 616 32.79 -41.17 -15.02
CA ARG A 616 33.62 -41.10 -13.83
C ARG A 616 34.86 -40.27 -14.10
N ARG A 617 35.50 -40.47 -15.26
CA ARG A 617 36.66 -39.66 -15.61
C ARG A 617 36.32 -38.18 -15.63
N ALA A 618 35.15 -37.83 -16.16
CA ALA A 618 34.75 -36.42 -16.25
C ALA A 618 34.63 -35.77 -14.87
N VAL A 619 34.13 -36.51 -13.88
CA VAL A 619 34.06 -35.94 -12.52
C VAL A 619 35.46 -35.68 -11.98
N ARG A 620 36.39 -36.60 -12.23
CA ARG A 620 37.75 -36.38 -11.73
C ARG A 620 38.38 -35.16 -12.40
N LEU A 621 38.21 -35.03 -13.71
CA LEU A 621 38.72 -33.85 -14.43
C LEU A 621 38.10 -32.58 -13.88
N ALA A 622 36.79 -32.60 -13.58
CA ALA A 622 36.15 -31.43 -13.02
C ALA A 622 36.68 -31.10 -11.64
N ALA A 623 36.94 -32.12 -10.82
CA ALA A 623 37.57 -31.89 -9.52
C ALA A 623 38.94 -31.25 -9.70
N ASP A 624 39.78 -31.82 -10.58
CA ASP A 624 41.10 -31.27 -10.86
C ASP A 624 41.02 -29.79 -11.21
N ALA A 625 40.06 -29.42 -12.04
CA ALA A 625 39.93 -28.07 -12.58
C ALA A 625 39.11 -27.14 -11.70
N ALA A 626 38.54 -27.65 -10.60
CA ALA A 626 37.68 -26.81 -9.77
C ALA A 626 38.40 -25.56 -9.26
N PRO A 627 39.63 -25.62 -8.73
CA PRO A 627 40.26 -24.39 -8.23
C PRO A 627 40.43 -23.31 -9.29
N ASP A 628 40.74 -23.70 -10.53
CA ASP A 628 40.94 -22.71 -11.57
C ASP A 628 39.65 -22.00 -11.95
N TRP A 629 38.51 -22.70 -11.88
CA TRP A 629 37.26 -22.04 -12.19
C TRP A 629 36.78 -21.19 -11.03
N ALA A 630 36.92 -21.69 -9.80
CA ALA A 630 36.58 -20.89 -8.63
C ALA A 630 37.38 -19.59 -8.57
N ALA A 631 38.59 -19.59 -9.13
CA ALA A 631 39.43 -18.41 -9.09
C ALA A 631 39.05 -17.37 -10.13
N VAL A 632 38.16 -17.70 -11.07
CA VAL A 632 37.62 -16.68 -11.96
C VAL A 632 36.68 -15.83 -11.11
N PRO A 633 36.91 -14.53 -10.99
CA PRO A 633 36.10 -13.71 -10.09
C PRO A 633 34.63 -13.79 -10.47
N PRO A 634 33.74 -13.68 -9.48
CA PRO A 634 32.30 -13.77 -9.76
C PRO A 634 31.81 -12.81 -10.85
N SER A 635 32.31 -11.59 -10.87
CA SER A 635 31.86 -10.65 -11.92
C SER A 635 32.23 -11.16 -13.30
N GLU A 636 33.37 -11.85 -13.43
CA GLU A 636 33.78 -12.36 -14.73
C GLU A 636 33.02 -13.63 -15.09
N ARG A 637 32.74 -14.48 -14.11
CA ARG A 637 31.88 -15.61 -14.38
C ARG A 637 30.50 -15.14 -14.82
N ALA A 638 29.96 -14.10 -14.17
CA ALA A 638 28.70 -13.53 -14.60
C ALA A 638 28.80 -12.94 -16.00
N ALA A 639 29.95 -12.35 -16.34
CA ALA A 639 30.14 -11.82 -17.69
C ALA A 639 30.08 -12.91 -18.74
N CYS A 640 30.58 -14.12 -18.41
CA CYS A 640 30.39 -15.24 -19.33
C CYS A 640 28.91 -15.54 -19.55
N LEU A 641 28.13 -15.56 -18.47
CA LEU A 641 26.70 -15.81 -18.61
C LEU A 641 26.03 -14.75 -19.48
N ASP A 642 26.38 -13.48 -19.25
CA ASP A 642 25.80 -12.41 -20.05
C ASP A 642 26.19 -12.57 -21.52
N ARG A 643 27.44 -12.91 -21.79
CA ARG A 643 27.85 -13.15 -23.17
C ARG A 643 27.07 -14.31 -23.78
N ALA A 644 26.87 -15.39 -23.01
CA ALA A 644 26.11 -16.51 -23.53
C ALA A 644 24.67 -16.12 -23.83
N ALA A 645 24.10 -15.24 -22.99
CA ALA A 645 22.73 -14.78 -23.23
C ALA A 645 22.64 -14.03 -24.55
N GLU A 646 23.62 -13.16 -24.84
CA GLU A 646 23.63 -12.47 -26.12
C GLU A 646 23.72 -13.45 -27.27
N LEU A 647 24.57 -14.46 -27.13
CA LEU A 647 24.73 -15.44 -28.19
C LEU A 647 23.43 -16.22 -28.42
N MET A 648 22.73 -16.56 -27.33
CA MET A 648 21.47 -17.28 -27.48
C MET A 648 20.41 -16.40 -28.10
N GLN A 649 20.38 -15.13 -27.74
CA GLN A 649 19.45 -14.20 -28.37
C GLN A 649 19.69 -14.13 -29.88
N ALA A 650 20.96 -13.99 -30.28
CA ALA A 650 21.27 -13.91 -31.71
C ALA A 650 20.97 -15.21 -32.43
N ARG A 651 21.17 -16.34 -31.75
CA ARG A 651 20.97 -17.65 -32.35
C ARG A 651 19.53 -18.13 -32.23
N MET A 652 18.63 -17.31 -31.68
CA MET A 652 17.29 -17.80 -31.36
C MET A 652 16.58 -18.48 -32.53
N PRO A 653 16.57 -17.94 -33.75
CA PRO A 653 15.82 -18.64 -34.82
C PRO A 653 16.33 -20.05 -35.05
N THR A 654 17.66 -20.23 -35.05
CA THR A 654 18.20 -21.58 -35.24
C THR A 654 17.88 -22.47 -34.05
N LEU A 655 18.02 -21.93 -32.83
CA LEU A 655 17.64 -22.69 -31.65
C LEU A 655 16.17 -23.11 -31.70
N LEU A 656 15.29 -22.21 -32.15
CA LEU A 656 13.87 -22.56 -32.34
C LEU A 656 13.73 -23.82 -33.18
N GLY A 657 14.41 -23.83 -34.33
CA GLY A 657 14.29 -24.96 -35.24
C GLY A 657 14.71 -26.25 -34.58
N LEU A 658 15.79 -26.21 -33.79
CA LEU A 658 16.27 -27.43 -33.16
C LEU A 658 15.30 -27.89 -32.08
N ILE A 659 14.78 -26.95 -31.28
CA ILE A 659 13.82 -27.32 -30.24
C ILE A 659 12.55 -27.87 -30.87
N ILE A 660 12.08 -27.26 -31.96
CA ILE A 660 10.89 -27.75 -32.66
C ILE A 660 11.07 -29.20 -33.07
N ARG A 661 12.20 -29.51 -33.72
CA ARG A 661 12.36 -30.82 -34.33
C ARG A 661 12.85 -31.87 -33.34
N GLU A 662 13.78 -31.51 -32.44
CA GLU A 662 14.28 -32.51 -31.50
C GLU A 662 13.31 -32.75 -30.35
N ALA A 663 12.69 -31.70 -29.82
CA ALA A 663 11.88 -31.82 -28.63
C ALA A 663 10.39 -31.84 -28.93
N GLY A 664 10.00 -31.64 -30.19
CA GLY A 664 8.61 -31.69 -30.57
C GLY A 664 7.79 -30.47 -30.23
N LYS A 665 8.43 -29.31 -30.04
CA LYS A 665 7.72 -28.14 -29.57
C LYS A 665 7.21 -27.29 -30.72
N SER A 666 6.16 -26.52 -30.42
CA SER A 666 5.70 -25.49 -31.34
C SER A 666 6.70 -24.33 -31.37
N ALA A 667 6.67 -23.55 -32.46
CA ALA A 667 7.52 -22.36 -32.53
C ALA A 667 7.25 -21.42 -31.36
N LEU A 668 5.97 -21.22 -31.04
CA LEU A 668 5.60 -20.31 -29.95
C LEU A 668 6.25 -20.73 -28.63
N ASN A 669 6.16 -22.02 -28.30
CA ASN A 669 6.73 -22.52 -27.06
C ASN A 669 8.26 -22.56 -27.12
N ALA A 670 8.82 -22.78 -28.31
CA ALA A 670 10.27 -22.77 -28.42
C ALA A 670 10.81 -21.36 -28.21
N ILE A 671 10.11 -20.34 -28.74
CA ILE A 671 10.54 -18.96 -28.48
C ILE A 671 10.57 -18.69 -27.00
N ALA A 672 9.49 -19.05 -26.30
CA ALA A 672 9.43 -18.81 -24.86
C ALA A 672 10.53 -19.57 -24.13
N GLU A 673 10.87 -20.76 -24.62
CA GLU A 673 11.93 -21.53 -23.98
C GLU A 673 13.30 -20.87 -24.16
N VAL A 674 13.60 -20.40 -25.38
CA VAL A 674 14.88 -19.71 -25.57
C VAL A 674 14.90 -18.44 -24.74
N ARG A 675 13.76 -17.74 -24.65
CA ARG A 675 13.70 -16.58 -23.77
C ARG A 675 14.02 -16.97 -22.33
N GLU A 676 13.46 -18.08 -21.87
CA GLU A 676 13.70 -18.51 -20.49
C GLU A 676 15.17 -18.81 -20.27
N ALA A 677 15.84 -19.44 -21.24
CA ALA A 677 17.27 -19.70 -21.13
C ALA A 677 18.05 -18.39 -21.04
N ILE A 678 17.70 -17.43 -21.89
CA ILE A 678 18.37 -16.14 -21.88
C ILE A 678 18.15 -15.47 -20.53
N ASP A 679 16.91 -15.50 -20.04
CA ASP A 679 16.59 -14.87 -18.78
C ASP A 679 17.35 -15.52 -17.63
N PHE A 680 17.43 -16.86 -17.60
CA PHE A 680 18.20 -17.52 -16.55
C PHE A 680 19.64 -17.01 -16.52
N LEU A 681 20.27 -16.96 -17.70
CA LEU A 681 21.65 -16.53 -17.80
C LEU A 681 21.83 -15.12 -17.23
N ARG A 682 20.97 -14.20 -17.66
CA ARG A 682 21.09 -12.82 -17.22
C ARG A 682 20.66 -12.65 -15.77
N TYR A 683 19.65 -13.40 -15.33
CA TYR A 683 19.22 -13.31 -13.95
C TYR A 683 20.29 -13.82 -13.00
N TYR A 684 20.84 -15.01 -13.26
CA TYR A 684 21.88 -15.50 -12.35
C TYR A 684 23.14 -14.65 -12.44
N ALA A 685 23.40 -14.03 -13.59
CA ALA A 685 24.53 -13.12 -13.67
C ALA A 685 24.31 -11.92 -12.76
N GLU A 686 23.14 -11.32 -12.82
CA GLU A 686 22.88 -10.16 -11.97
C GLU A 686 22.85 -10.54 -10.50
N GLN A 687 22.20 -11.66 -10.16
CA GLN A 687 22.18 -12.10 -8.76
C GLN A 687 23.59 -12.36 -8.26
N THR A 688 24.46 -12.88 -9.12
CA THR A 688 25.86 -13.03 -8.78
C THR A 688 26.49 -11.68 -8.44
N ARG A 689 26.30 -10.69 -9.32
CA ARG A 689 26.92 -9.38 -9.10
C ARG A 689 26.40 -8.73 -7.83
N ARG A 690 25.17 -9.09 -7.42
CA ARG A 690 24.60 -8.54 -6.19
C ARG A 690 25.13 -9.23 -4.92
N THR A 691 25.72 -10.42 -5.02
CA THR A 691 25.93 -11.20 -3.81
C THR A 691 27.33 -11.79 -3.61
N LEU A 692 27.90 -12.46 -4.60
CA LEU A 692 28.98 -13.41 -4.31
C LEU A 692 30.30 -12.71 -4.01
N GLY A 693 30.91 -13.08 -2.89
CA GLY A 693 32.19 -12.56 -2.48
C GLY A 693 33.15 -13.70 -2.16
N PRO A 694 34.33 -13.36 -1.65
CA PRO A 694 35.36 -14.37 -1.45
C PRO A 694 34.97 -15.45 -0.46
N GLY A 695 34.16 -15.11 0.53
CA GLY A 695 33.70 -16.04 1.54
C GLY A 695 32.63 -17.00 1.10
N HIS A 696 32.11 -16.87 -0.13
CA HIS A 696 31.03 -17.73 -0.60
C HIS A 696 31.64 -18.77 -1.53
N GLY A 697 32.32 -19.74 -0.92
CA GLY A 697 33.07 -20.72 -1.67
C GLY A 697 32.18 -21.72 -2.40
N PRO A 698 32.61 -22.16 -3.56
CA PRO A 698 31.84 -23.15 -4.31
C PRO A 698 31.81 -24.49 -3.58
N LEU A 699 30.78 -25.28 -3.91
CA LEU A 699 30.74 -26.66 -3.42
C LEU A 699 31.81 -27.51 -4.07
N GLY A 700 32.05 -27.32 -5.36
CA GLY A 700 32.87 -28.23 -6.13
C GLY A 700 32.10 -28.75 -7.31
N PRO A 701 32.53 -29.87 -7.90
CA PRO A 701 31.84 -30.41 -9.08
C PRO A 701 30.35 -30.64 -8.82
N ILE A 702 29.52 -30.06 -9.68
CA ILE A 702 28.08 -30.21 -9.58
C ILE A 702 27.57 -30.97 -10.78
N VAL A 703 26.76 -31.98 -10.54
CA VAL A 703 26.15 -32.78 -11.59
C VAL A 703 24.78 -32.17 -11.89
N CYS A 704 24.56 -31.78 -13.14
CA CYS A 704 23.32 -31.13 -13.58
C CYS A 704 22.61 -32.10 -14.50
N ILE A 705 21.47 -32.61 -14.05
CA ILE A 705 20.66 -33.56 -14.81
C ILE A 705 19.39 -32.83 -15.19
N SER A 706 19.14 -32.71 -16.50
CA SER A 706 18.07 -31.87 -17.01
C SER A 706 17.04 -32.70 -17.77
N PRO A 707 15.82 -32.20 -17.90
CA PRO A 707 14.73 -33.00 -18.48
C PRO A 707 14.58 -32.73 -19.97
N TRP A 708 13.76 -33.57 -20.62
CA TRP A 708 13.51 -33.41 -22.05
C TRP A 708 12.41 -32.41 -22.35
N ASN A 709 11.63 -31.98 -21.35
CA ASN A 709 10.52 -31.07 -21.61
C ASN A 709 10.95 -29.61 -21.66
N PHE A 710 12.10 -29.27 -21.08
CA PHE A 710 12.72 -27.95 -21.24
C PHE A 710 14.20 -28.17 -21.53
N PRO A 711 14.50 -28.75 -22.69
CA PRO A 711 15.86 -29.24 -22.94
C PRO A 711 16.86 -28.13 -23.16
N LEU A 712 16.42 -26.89 -23.35
CA LEU A 712 17.35 -25.77 -23.33
C LEU A 712 17.22 -24.94 -22.07
N ALA A 713 16.00 -24.59 -21.65
CA ALA A 713 15.85 -23.61 -20.57
C ALA A 713 16.31 -24.17 -19.23
N ILE A 714 15.79 -25.34 -18.83
CA ILE A 714 16.19 -25.88 -17.53
C ILE A 714 17.61 -26.44 -17.60
N PHE A 715 18.00 -26.98 -18.76
CA PHE A 715 19.39 -27.33 -18.98
C PHE A 715 20.30 -26.14 -18.70
N THR A 716 20.03 -25.01 -19.35
CA THR A 716 20.84 -23.81 -19.17
C THR A 716 20.73 -23.27 -17.75
N GLY A 717 19.53 -23.24 -17.19
CA GLY A 717 19.36 -22.62 -15.88
C GLY A 717 20.18 -23.30 -14.80
N GLN A 718 20.11 -24.63 -14.73
CA GLN A 718 20.85 -25.34 -13.69
C GLN A 718 22.34 -25.16 -13.87
N ILE A 719 22.80 -25.29 -15.11
CA ILE A 719 24.22 -25.22 -15.39
C ILE A 719 24.74 -23.80 -15.13
N ALA A 720 24.01 -22.79 -15.61
CA ALA A 720 24.47 -21.42 -15.44
C ALA A 720 24.60 -21.06 -13.97
N ALA A 721 23.62 -21.46 -13.17
CA ALA A 721 23.67 -21.16 -11.74
C ALA A 721 24.87 -21.82 -11.09
N ALA A 722 25.07 -23.11 -11.35
CA ALA A 722 26.21 -23.80 -10.77
C ALA A 722 27.52 -23.18 -11.23
N LEU A 723 27.65 -22.88 -12.53
CA LEU A 723 28.87 -22.27 -13.05
C LEU A 723 29.13 -20.92 -12.40
N VAL A 724 28.11 -20.07 -12.34
CA VAL A 724 28.37 -18.71 -11.90
C VAL A 724 28.64 -18.68 -10.40
N ALA A 725 28.12 -19.67 -9.67
CA ALA A 725 28.48 -19.84 -8.26
C ALA A 725 29.89 -20.37 -8.06
N GLY A 726 30.65 -20.60 -9.13
CA GLY A 726 32.03 -21.02 -9.02
C GLY A 726 32.28 -22.51 -9.09
N ASN A 727 31.29 -23.30 -9.48
CA ASN A 727 31.41 -24.76 -9.52
C ASN A 727 31.63 -25.24 -10.95
N PRO A 728 32.54 -26.18 -11.17
CA PRO A 728 32.58 -26.85 -12.47
C PRO A 728 31.38 -27.78 -12.58
N VAL A 729 30.91 -27.99 -13.81
CA VAL A 729 29.63 -28.66 -14.04
C VAL A 729 29.84 -29.89 -14.91
N LEU A 730 29.15 -30.97 -14.54
CA LEU A 730 28.97 -32.14 -15.39
C LEU A 730 27.51 -32.10 -15.84
N ALA A 731 27.29 -31.89 -17.14
CA ALA A 731 25.95 -31.68 -17.67
C ALA A 731 25.47 -32.97 -18.31
N LYS A 732 24.46 -33.59 -17.70
CA LYS A 732 23.86 -34.82 -18.22
C LYS A 732 22.49 -34.47 -18.79
N PRO A 733 22.35 -34.26 -20.09
CA PRO A 733 21.04 -33.94 -20.65
C PRO A 733 20.18 -35.18 -20.74
N ALA A 734 18.88 -34.95 -20.84
CA ALA A 734 17.95 -36.05 -21.05
C ALA A 734 18.35 -36.86 -22.28
N GLU A 735 18.20 -38.18 -22.19
CA GLU A 735 18.53 -39.05 -23.31
C GLU A 735 17.81 -38.63 -24.59
N GLU A 736 16.60 -38.10 -24.46
CA GLU A 736 15.79 -37.76 -25.62
C GLU A 736 16.26 -36.51 -26.35
N THR A 737 16.96 -35.61 -25.67
CA THR A 737 17.20 -34.26 -26.22
C THR A 737 18.64 -33.82 -26.03
N PRO A 738 19.61 -34.57 -26.60
CA PRO A 738 21.01 -34.20 -26.41
C PRO A 738 21.48 -33.07 -27.31
N LEU A 739 20.86 -32.88 -28.48
CA LEU A 739 21.42 -31.96 -29.47
C LEU A 739 21.32 -30.51 -29.00
N ILE A 740 20.16 -30.11 -28.49
CA ILE A 740 20.03 -28.73 -28.03
C ILE A 740 20.94 -28.51 -26.82
N ALA A 741 21.19 -29.57 -26.04
CA ALA A 741 22.14 -29.48 -24.94
C ALA A 741 23.55 -29.22 -25.47
N ALA A 742 23.97 -29.97 -26.48
CA ALA A 742 25.30 -29.78 -27.05
C ALA A 742 25.43 -28.36 -27.59
N GLU A 743 24.35 -27.82 -28.17
CA GLU A 743 24.40 -26.45 -28.67
C GLU A 743 24.47 -25.45 -27.53
N GLY A 744 23.74 -25.68 -26.44
CA GLY A 744 23.86 -24.84 -25.27
C GLY A 744 25.28 -24.83 -24.72
N VAL A 745 25.94 -26.00 -24.74
CA VAL A 745 27.33 -26.07 -24.29
C VAL A 745 28.27 -25.31 -25.24
N ARG A 746 28.08 -25.49 -26.56
CA ARG A 746 28.88 -24.72 -27.52
C ARG A 746 28.79 -23.23 -27.24
N ILE A 747 27.58 -22.76 -26.97
CA ILE A 747 27.37 -21.33 -26.74
C ILE A 747 28.04 -20.90 -25.44
N LEU A 748 27.87 -21.68 -24.37
CA LEU A 748 28.50 -21.33 -23.10
C LEU A 748 30.02 -21.34 -23.21
N ARG A 749 30.55 -22.31 -23.93
CA ARG A 749 31.99 -22.32 -24.14
C ARG A 749 32.42 -21.15 -25.01
N GLU A 750 31.66 -20.83 -26.06
CA GLU A 750 32.02 -19.67 -26.88
C GLU A 750 32.03 -18.40 -26.03
N ALA A 751 31.12 -18.30 -25.08
CA ALA A 751 31.02 -17.16 -24.18
C ALA A 751 32.14 -17.11 -23.15
N GLY A 752 32.99 -18.13 -23.07
CA GLY A 752 34.15 -18.08 -22.20
C GLY A 752 34.18 -19.10 -21.08
N ILE A 753 33.17 -19.95 -20.92
CA ILE A 753 33.23 -21.02 -19.93
C ILE A 753 34.28 -22.02 -20.40
N PRO A 754 35.32 -22.29 -19.61
CA PRO A 754 36.36 -23.24 -20.05
C PRO A 754 35.81 -24.65 -20.18
N ALA A 755 36.42 -25.41 -21.09
CA ALA A 755 36.02 -26.80 -21.30
C ALA A 755 36.14 -27.60 -20.01
N SER A 756 37.12 -27.31 -19.18
CA SER A 756 37.27 -28.00 -17.90
C SER A 756 36.15 -27.64 -16.94
N ALA A 757 35.48 -26.50 -17.12
CA ALA A 757 34.42 -26.08 -16.23
C ALA A 757 33.04 -26.59 -16.64
N LEU A 758 32.88 -27.02 -17.89
CA LEU A 758 31.57 -27.42 -18.40
C LEU A 758 31.78 -28.59 -19.35
N GLN A 759 31.52 -29.79 -18.86
CA GLN A 759 31.61 -31.01 -19.64
C GLN A 759 30.21 -31.55 -19.91
N LEU A 760 30.00 -32.03 -21.13
CA LEU A 760 28.71 -32.54 -21.58
C LEU A 760 28.79 -34.06 -21.66
N LEU A 761 27.88 -34.75 -20.99
CA LEU A 761 27.88 -36.21 -20.93
C LEU A 761 26.52 -36.72 -21.40
N PRO A 762 26.31 -36.84 -22.71
CA PRO A 762 25.05 -37.40 -23.21
C PRO A 762 24.93 -38.87 -22.85
N GLY A 763 23.70 -39.34 -22.69
CA GLY A 763 23.47 -40.74 -22.44
C GLY A 763 22.21 -40.95 -21.60
N ASP A 764 22.03 -42.19 -21.17
CA ASP A 764 20.84 -42.60 -20.44
C ASP A 764 21.04 -42.35 -18.94
N GLY A 765 20.29 -43.07 -18.09
CA GLY A 765 20.37 -42.86 -16.65
C GLY A 765 21.58 -43.49 -16.00
N ARG A 766 22.25 -44.42 -16.67
CA ARG A 766 23.51 -44.95 -16.17
C ARG A 766 24.56 -43.87 -16.08
N VAL A 767 24.56 -42.94 -17.04
CA VAL A 767 25.49 -41.82 -17.00
C VAL A 767 25.16 -40.92 -15.83
N GLY A 768 23.88 -40.56 -15.68
CA GLY A 768 23.48 -39.78 -14.53
C GLY A 768 23.83 -40.45 -13.22
N ALA A 769 23.61 -41.77 -13.13
CA ALA A 769 23.89 -42.47 -11.89
C ALA A 769 25.39 -42.54 -11.61
N ALA A 770 26.19 -42.82 -12.64
CA ALA A 770 27.65 -42.80 -12.48
C ALA A 770 28.13 -41.44 -11.99
N LEU A 771 27.57 -40.37 -12.54
CA LEU A 771 27.97 -39.03 -12.11
C LEU A 771 27.56 -38.76 -10.67
N VAL A 772 26.35 -39.15 -10.29
CA VAL A 772 25.85 -38.89 -8.94
C VAL A 772 26.68 -39.65 -7.92
N ALA A 773 27.09 -40.87 -8.25
CA ALA A 773 27.82 -41.72 -7.31
C ALA A 773 29.27 -41.32 -7.16
N ALA A 774 29.80 -40.49 -8.04
CA ALA A 774 31.22 -40.20 -8.06
C ALA A 774 31.64 -39.47 -6.79
N ALA A 775 32.74 -39.92 -6.19
CA ALA A 775 33.13 -39.42 -4.88
C ALA A 775 33.34 -37.92 -4.87
N GLU A 776 33.80 -37.34 -5.97
CA GLU A 776 34.09 -35.92 -6.00
C GLU A 776 32.89 -35.07 -6.45
N THR A 777 31.74 -35.70 -6.71
CA THR A 777 30.54 -34.93 -6.96
C THR A 777 30.10 -34.25 -5.68
N ALA A 778 30.05 -32.93 -5.70
CA ALA A 778 29.82 -32.13 -4.51
C ALA A 778 28.39 -31.63 -4.37
N GLY A 779 27.56 -31.84 -5.40
CA GLY A 779 26.21 -31.32 -5.41
C GLY A 779 25.50 -31.82 -6.64
N VAL A 780 24.18 -31.96 -6.57
CA VAL A 780 23.40 -32.50 -7.66
C VAL A 780 22.19 -31.58 -7.87
N MET A 781 21.95 -31.22 -9.13
CA MET A 781 20.78 -30.46 -9.53
C MET A 781 20.00 -31.33 -10.50
N PHE A 782 18.80 -31.72 -10.10
CA PHE A 782 17.98 -32.66 -10.86
C PHE A 782 16.62 -32.06 -11.11
N THR A 783 16.17 -32.14 -12.35
CA THR A 783 14.77 -31.87 -12.66
C THR A 783 14.24 -33.04 -13.46
N GLY A 784 13.17 -33.66 -12.97
CA GLY A 784 12.65 -34.87 -13.60
C GLY A 784 11.60 -35.51 -12.72
N SER A 785 11.48 -36.83 -12.83
CA SER A 785 10.44 -37.55 -12.10
C SER A 785 10.77 -37.71 -10.62
N THR A 786 9.73 -37.82 -9.80
CA THR A 786 9.91 -38.06 -8.38
C THR A 786 10.66 -39.37 -8.13
N GLU A 787 10.35 -40.41 -8.91
CA GLU A 787 10.96 -41.71 -8.66
C GLU A 787 12.46 -41.67 -8.92
N VAL A 788 12.90 -40.97 -9.97
CA VAL A 788 14.33 -40.89 -10.22
C VAL A 788 15.00 -40.00 -9.17
N ALA A 789 14.36 -38.90 -8.80
CA ALA A 789 14.90 -38.06 -7.73
C ALA A 789 15.09 -38.88 -6.46
N ARG A 790 14.14 -39.76 -6.15
CA ARG A 790 14.25 -40.57 -4.94
C ARG A 790 15.42 -41.55 -5.04
N LEU A 791 15.65 -42.09 -6.23
CA LEU A 791 16.81 -42.97 -6.41
C LEU A 791 18.11 -42.19 -6.28
N ILE A 792 18.14 -40.95 -6.78
CA ILE A 792 19.34 -40.13 -6.62
C ILE A 792 19.56 -39.80 -5.15
N GLN A 793 18.49 -39.45 -4.44
CA GLN A 793 18.59 -39.17 -3.01
C GLN A 793 19.19 -40.34 -2.26
N ALA A 794 18.78 -41.56 -2.60
CA ALA A 794 19.32 -42.73 -1.91
C ALA A 794 20.81 -42.91 -2.20
N GLN A 795 21.23 -42.62 -3.44
CA GLN A 795 22.66 -42.63 -3.77
C GLN A 795 23.42 -41.65 -2.91
N LEU A 796 22.95 -40.40 -2.87
CA LEU A 796 23.68 -39.36 -2.15
C LEU A 796 23.71 -39.62 -0.66
N ALA A 797 22.69 -40.29 -0.12
CA ALA A 797 22.69 -40.54 1.32
C ALA A 797 23.82 -41.49 1.73
N ASP A 798 24.39 -42.24 0.79
CA ASP A 798 25.57 -43.03 1.09
C ASP A 798 26.82 -42.20 1.28
N ARG A 799 26.81 -40.93 0.90
CA ARG A 799 28.04 -40.16 0.80
C ARG A 799 27.99 -38.93 1.70
N LEU A 800 29.17 -38.44 2.05
CA LEU A 800 29.33 -37.17 2.72
C LEU A 800 30.39 -36.37 1.96
N SER A 801 30.34 -35.06 2.14
CA SER A 801 31.39 -34.20 1.63
C SER A 801 32.69 -34.51 2.36
N PRO A 802 33.85 -34.04 1.86
CA PRO A 802 35.08 -34.20 2.64
C PRO A 802 34.97 -33.63 4.04
N ALA A 803 34.16 -32.59 4.22
CA ALA A 803 33.86 -32.01 5.52
C ALA A 803 32.90 -32.84 6.36
N GLY A 804 32.40 -33.96 5.84
CA GLY A 804 31.49 -34.80 6.58
C GLY A 804 30.06 -34.31 6.62
N ARG A 805 29.58 -33.68 5.55
CA ARG A 805 28.27 -33.07 5.50
C ARG A 805 27.50 -33.59 4.29
N PRO A 806 26.17 -33.56 4.33
CA PRO A 806 25.38 -34.10 3.22
C PRO A 806 25.65 -33.37 1.91
N ILE A 807 25.61 -34.11 0.82
CA ILE A 807 25.75 -33.56 -0.53
C ILE A 807 24.46 -32.86 -0.90
N PRO A 808 24.48 -31.56 -1.21
CA PRO A 808 23.24 -30.85 -1.50
C PRO A 808 22.57 -31.41 -2.75
N LEU A 809 21.25 -31.54 -2.67
CA LEU A 809 20.45 -31.98 -3.81
C LEU A 809 19.35 -30.96 -4.04
N ILE A 810 19.29 -30.40 -5.24
CA ILE A 810 18.15 -29.58 -5.65
C ILE A 810 17.37 -30.43 -6.64
N ALA A 811 16.17 -30.84 -6.25
CA ALA A 811 15.36 -31.76 -7.04
C ALA A 811 13.98 -31.16 -7.25
N GLU A 812 13.68 -30.80 -8.49
N GLU A 812 13.67 -30.76 -8.50
CA GLU A 812 12.38 -30.23 -8.82
CA GLU A 812 12.33 -30.31 -8.92
C GLU A 812 11.63 -31.24 -9.66
C GLU A 812 11.60 -31.49 -9.56
N THR A 813 10.51 -31.73 -9.12
N THR A 813 10.34 -31.74 -9.16
CA THR A 813 9.78 -32.82 -9.72
CA THR A 813 9.75 -33.04 -9.51
C THR A 813 8.40 -32.32 -10.16
C THR A 813 8.25 -32.96 -9.79
N GLY A 814 7.46 -33.25 -10.30
N GLY A 814 7.78 -31.89 -10.45
CA GLY A 814 6.19 -32.97 -10.89
CA GLY A 814 6.44 -31.91 -11.03
C GLY A 814 5.20 -32.36 -9.92
C GLY A 814 5.32 -31.62 -10.04
N GLY A 815 3.98 -32.16 -10.41
N GLY A 815 4.10 -32.03 -10.39
CA GLY A 815 2.93 -31.58 -9.61
CA GLY A 815 2.98 -31.81 -9.49
C GLY A 815 1.57 -31.96 -10.14
C GLY A 815 1.70 -32.45 -10.01
N GLN A 816 0.63 -32.24 -9.24
CA GLN A 816 -0.73 -32.59 -9.64
C GLN A 816 -1.54 -31.30 -9.61
N ASN A 817 -1.23 -30.42 -10.56
CA ASN A 817 -1.63 -29.02 -10.45
C ASN A 817 -3.11 -28.83 -10.72
N ALA A 818 -3.76 -28.10 -9.82
CA ALA A 818 -5.19 -27.84 -9.89
C ALA A 818 -5.48 -26.39 -10.22
N MET A 819 -6.66 -26.15 -10.76
CA MET A 819 -7.20 -24.81 -10.89
C MET A 819 -8.62 -24.83 -10.33
N ILE A 820 -8.95 -23.86 -9.48
CA ILE A 820 -10.29 -23.77 -8.91
C ILE A 820 -11.00 -22.59 -9.57
N VAL A 821 -12.23 -22.83 -10.00
CA VAL A 821 -13.03 -21.84 -10.73
C VAL A 821 -14.35 -21.73 -10.00
N ASP A 822 -14.75 -20.52 -9.62
CA ASP A 822 -16.04 -20.36 -8.97
C ASP A 822 -17.01 -19.68 -9.94
N SER A 823 -18.23 -19.45 -9.47
CA SER A 823 -19.28 -18.95 -10.35
C SER A 823 -19.13 -17.49 -10.71
N SER A 824 -18.13 -16.78 -10.17
CA SER A 824 -17.89 -15.40 -10.52
C SER A 824 -16.91 -15.22 -11.67
N ALA A 825 -16.19 -16.29 -12.05
CA ALA A 825 -15.23 -16.18 -13.13
C ALA A 825 -15.94 -16.10 -14.48
N LEU A 826 -15.27 -15.47 -15.44
CA LEU A 826 -15.81 -15.33 -16.80
C LEU A 826 -15.45 -16.58 -17.60
N ALA A 827 -16.47 -17.30 -18.06
CA ALA A 827 -16.24 -18.61 -18.68
C ALA A 827 -15.22 -18.55 -19.80
N GLU A 828 -15.33 -17.54 -20.68
CA GLU A 828 -14.43 -17.43 -21.83
C GLU A 828 -12.97 -17.30 -21.39
N GLN A 829 -12.72 -16.51 -20.34
CA GLN A 829 -11.37 -16.38 -19.80
C GLN A 829 -10.88 -17.70 -19.24
N VAL A 830 -11.72 -18.35 -18.42
CA VAL A 830 -11.37 -19.64 -17.83
C VAL A 830 -10.98 -20.62 -18.92
N VAL A 831 -11.84 -20.74 -19.94
CA VAL A 831 -11.64 -21.80 -20.92
C VAL A 831 -10.35 -21.57 -21.68
N GLY A 832 -10.08 -20.32 -22.08
CA GLY A 832 -8.81 -20.01 -22.72
C GLY A 832 -7.62 -20.37 -21.85
N ASP A 833 -7.71 -20.04 -20.55
CA ASP A 833 -6.60 -20.34 -19.64
C ASP A 833 -6.48 -21.83 -19.37
N VAL A 834 -7.59 -22.56 -19.40
CA VAL A 834 -7.54 -24.00 -19.19
C VAL A 834 -6.97 -24.70 -20.41
N ILE A 835 -7.44 -24.31 -21.61
CA ILE A 835 -6.95 -24.90 -22.85
C ILE A 835 -5.44 -24.71 -22.95
N THR A 836 -4.96 -23.50 -22.66
CA THR A 836 -3.53 -23.27 -22.65
C THR A 836 -2.84 -24.08 -21.56
N SER A 837 -3.32 -23.99 -20.33
CA SER A 837 -2.58 -24.58 -19.22
C SER A 837 -2.50 -26.10 -19.35
N ALA A 838 -3.56 -26.72 -19.84
CA ALA A 838 -3.60 -28.18 -19.87
C ALA A 838 -2.95 -28.78 -21.10
N PHE A 839 -3.02 -28.13 -22.27
CA PHE A 839 -2.65 -28.78 -23.52
C PHE A 839 -1.47 -28.14 -24.25
N ASP A 840 -1.08 -26.92 -23.88
CA ASP A 840 0.17 -26.37 -24.37
C ASP A 840 1.31 -27.35 -24.11
N SER A 841 2.19 -27.50 -25.11
CA SER A 841 3.34 -28.41 -25.00
C SER A 841 2.91 -29.84 -24.75
N ALA A 842 1.72 -30.20 -25.26
CA ALA A 842 1.15 -31.53 -25.09
C ALA A 842 1.04 -31.91 -23.62
N GLY A 843 0.79 -30.93 -22.76
CA GLY A 843 0.69 -31.21 -21.34
C GLY A 843 1.97 -31.69 -20.72
N GLN A 844 3.11 -31.44 -21.36
CA GLN A 844 4.38 -31.96 -20.89
C GLN A 844 5.14 -30.96 -20.03
N ARG A 845 4.53 -29.83 -19.69
CA ARG A 845 5.10 -28.96 -18.68
C ARG A 845 4.89 -29.55 -17.30
N CYS A 846 5.89 -29.40 -16.43
CA CYS A 846 5.65 -29.74 -15.03
C CYS A 846 4.58 -28.86 -14.42
N SER A 847 4.44 -27.62 -14.91
CA SER A 847 3.45 -26.67 -14.43
C SER A 847 2.05 -26.89 -15.02
N ALA A 848 1.88 -27.88 -15.89
CA ALA A 848 0.63 -28.02 -16.64
C ALA A 848 -0.56 -28.28 -15.73
N LEU A 849 -1.72 -27.76 -16.14
CA LEU A 849 -2.95 -27.97 -15.41
C LEU A 849 -3.40 -29.42 -15.55
N ARG A 850 -3.54 -30.13 -14.42
CA ARG A 850 -3.95 -31.52 -14.39
C ARG A 850 -5.39 -31.74 -13.93
N VAL A 851 -5.88 -30.92 -12.99
CA VAL A 851 -7.22 -31.09 -12.43
C VAL A 851 -7.91 -29.73 -12.44
N LEU A 852 -8.99 -29.61 -13.21
CA LEU A 852 -9.84 -28.43 -13.19
C LEU A 852 -11.01 -28.66 -12.23
N CYS A 853 -11.22 -27.73 -11.31
CA CYS A 853 -12.26 -27.86 -10.30
C CYS A 853 -13.30 -26.76 -10.53
N LEU A 854 -14.52 -27.17 -10.86
CA LEU A 854 -15.57 -26.26 -11.33
C LEU A 854 -16.69 -26.20 -10.31
N GLN A 855 -17.04 -24.99 -9.87
CA GLN A 855 -18.18 -24.87 -8.96
C GLN A 855 -19.42 -25.42 -9.64
N GLU A 856 -20.20 -26.21 -8.88
CA GLU A 856 -21.27 -27.00 -9.48
C GLU A 856 -22.19 -26.17 -10.36
N ASP A 857 -22.54 -24.96 -9.92
CA ASP A 857 -23.54 -24.14 -10.61
C ASP A 857 -23.11 -23.71 -12.01
N VAL A 858 -21.81 -23.63 -12.30
CA VAL A 858 -21.33 -23.22 -13.61
C VAL A 858 -20.61 -24.34 -14.34
N ALA A 859 -20.58 -25.55 -13.76
CA ALA A 859 -19.72 -26.59 -14.30
C ALA A 859 -20.19 -27.05 -15.68
N ASP A 860 -21.50 -27.21 -15.87
CA ASP A 860 -21.99 -27.70 -17.16
C ASP A 860 -21.72 -26.70 -18.28
N ARG A 861 -21.93 -25.41 -18.02
CA ARG A 861 -21.69 -24.42 -19.08
C ARG A 861 -20.21 -24.33 -19.41
N ILE A 862 -19.35 -24.31 -18.40
CA ILE A 862 -17.92 -24.24 -18.66
C ILE A 862 -17.43 -25.52 -19.34
N LEU A 863 -17.94 -26.68 -18.92
CA LEU A 863 -17.54 -27.94 -19.55
C LEU A 863 -17.96 -27.95 -21.02
N THR A 864 -19.18 -27.51 -21.31
CA THR A 864 -19.62 -27.42 -22.69
C THR A 864 -18.69 -26.53 -23.50
N MET A 865 -18.37 -25.36 -22.98
CA MET A 865 -17.48 -24.46 -23.69
C MET A 865 -16.07 -25.05 -23.82
N LEU A 866 -15.61 -25.73 -22.77
CA LEU A 866 -14.28 -26.33 -22.80
C LEU A 866 -14.19 -27.41 -23.88
N LYS A 867 -15.20 -28.29 -23.95
CA LYS A 867 -15.18 -29.32 -24.98
C LYS A 867 -15.23 -28.70 -26.37
N GLY A 868 -16.01 -27.63 -26.54
CA GLY A 868 -16.05 -26.97 -27.83
C GLY A 868 -14.72 -26.38 -28.23
N ALA A 869 -14.02 -25.77 -27.26
CA ALA A 869 -12.71 -25.21 -27.54
C ALA A 869 -11.70 -26.30 -27.81
N LEU A 870 -11.81 -27.44 -27.11
CA LEU A 870 -10.91 -28.56 -27.35
C LEU A 870 -10.89 -28.96 -28.82
N HIS A 871 -12.07 -29.03 -29.44
CA HIS A 871 -12.13 -29.54 -30.80
C HIS A 871 -11.64 -28.55 -31.84
N GLU A 872 -11.29 -27.34 -31.44
CA GLU A 872 -10.70 -26.36 -32.34
C GLU A 872 -9.19 -26.43 -32.38
N LEU A 873 -8.57 -27.35 -31.62
CA LEU A 873 -7.12 -27.48 -31.58
C LEU A 873 -6.62 -28.29 -32.76
N HIS A 874 -5.49 -27.87 -33.31
CA HIS A 874 -4.83 -28.53 -34.43
C HIS A 874 -3.62 -29.27 -33.86
N ILE A 875 -3.62 -30.59 -34.02
CA ILE A 875 -2.54 -31.44 -33.52
C ILE A 875 -1.74 -31.93 -34.72
N GLY A 876 -0.42 -31.79 -34.67
CA GLY A 876 0.39 -32.32 -35.75
C GLY A 876 1.85 -32.00 -35.55
N ARG A 877 2.66 -32.40 -36.54
CA ARG A 877 4.07 -32.06 -36.54
C ARG A 877 4.22 -30.54 -36.45
N THR A 878 5.15 -30.09 -35.60
CA THR A 878 5.15 -28.71 -35.16
C THR A 878 5.95 -27.78 -36.05
N ASP A 879 6.26 -28.18 -37.27
CA ASP A 879 6.91 -27.26 -38.20
C ASP A 879 5.90 -26.50 -39.04
N ARG A 880 4.65 -26.39 -38.56
CA ARG A 880 3.63 -25.51 -39.11
C ARG A 880 3.12 -24.61 -38.01
N LEU A 881 3.02 -23.31 -38.31
CA LEU A 881 2.52 -22.34 -37.33
C LEU A 881 1.10 -22.68 -36.87
N SER A 882 0.31 -23.35 -37.72
CA SER A 882 -1.07 -23.64 -37.37
C SER A 882 -1.22 -24.72 -36.33
N VAL A 883 -0.15 -25.44 -35.99
CA VAL A 883 -0.26 -26.51 -35.02
C VAL A 883 -0.29 -25.92 -33.61
N ASP A 884 -1.29 -26.34 -32.85
CA ASP A 884 -1.47 -25.93 -31.47
C ASP A 884 -0.84 -26.89 -30.47
N VAL A 885 -0.90 -28.18 -30.77
CA VAL A 885 -0.40 -29.21 -29.87
C VAL A 885 0.46 -30.17 -30.70
N GLY A 886 1.69 -30.38 -30.25
CA GLY A 886 2.60 -31.28 -30.93
C GLY A 886 2.59 -32.67 -30.33
N PRO A 887 3.62 -33.46 -30.65
CA PRO A 887 3.69 -34.82 -30.14
C PRO A 887 4.16 -34.87 -28.70
N VAL A 888 3.92 -36.01 -28.06
CA VAL A 888 4.60 -36.32 -26.80
C VAL A 888 5.97 -36.89 -27.15
N ILE A 889 6.85 -36.98 -26.16
CA ILE A 889 8.28 -37.04 -26.46
C ILE A 889 8.67 -38.41 -27.02
N THR A 890 8.04 -39.49 -26.56
CA THR A 890 8.42 -40.83 -26.98
C THR A 890 7.20 -41.72 -27.13
N SER A 891 7.42 -42.88 -27.76
CA SER A 891 6.39 -43.92 -27.80
CA SER A 891 6.38 -43.90 -27.80
C SER A 891 6.06 -44.40 -26.40
N GLU A 892 7.06 -44.50 -25.51
CA GLU A 892 6.80 -44.98 -24.16
C GLU A 892 5.96 -43.97 -23.39
N ALA A 893 6.24 -42.68 -23.55
CA ALA A 893 5.39 -41.65 -22.97
C ALA A 893 3.97 -41.79 -23.50
N LYS A 894 3.83 -41.96 -24.82
CA LYS A 894 2.52 -42.13 -25.42
C LYS A 894 1.78 -43.31 -24.80
N ASP A 895 2.47 -44.45 -24.69
CA ASP A 895 1.79 -45.66 -24.21
C ASP A 895 1.35 -45.49 -22.76
N ASN A 896 2.18 -44.82 -21.95
CA ASN A 896 1.83 -44.62 -20.56
C ASN A 896 0.61 -43.73 -20.42
N ILE A 897 0.56 -42.64 -21.21
CA ILE A 897 -0.58 -41.73 -21.15
C ILE A 897 -1.85 -42.44 -21.63
N GLU A 898 -1.76 -43.15 -22.76
CA GLU A 898 -2.94 -43.83 -23.30
C GLU A 898 -3.46 -44.89 -22.33
N LYS A 899 -2.56 -45.62 -21.66
CA LYS A 899 -3.01 -46.61 -20.70
C LYS A 899 -3.86 -45.96 -19.61
N HIS A 900 -3.46 -44.77 -19.17
CA HIS A 900 -4.24 -44.06 -18.16
C HIS A 900 -5.62 -43.70 -18.71
N ILE A 901 -5.66 -43.17 -19.94
CA ILE A 901 -6.92 -42.72 -20.51
C ILE A 901 -7.87 -43.90 -20.63
N GLU A 902 -7.37 -45.06 -21.07
CA GLU A 902 -8.24 -46.21 -21.23
C GLU A 902 -8.68 -46.77 -19.89
N ARG A 903 -7.80 -46.72 -18.89
CA ARG A 903 -8.20 -47.12 -17.54
C ARG A 903 -9.39 -46.30 -17.07
N MET A 904 -9.32 -44.98 -17.25
CA MET A 904 -10.44 -44.10 -16.90
C MET A 904 -11.68 -44.42 -17.72
N ARG A 905 -11.50 -44.59 -19.03
CA ARG A 905 -12.63 -44.95 -19.88
C ARG A 905 -13.29 -46.24 -19.38
N GLY A 906 -12.48 -47.23 -19.03
CA GLY A 906 -13.01 -48.50 -18.58
C GLY A 906 -13.77 -48.39 -17.28
N LEU A 907 -13.43 -47.41 -16.44
CA LEU A 907 -14.16 -47.16 -15.20
C LEU A 907 -15.45 -46.39 -15.43
N GLY A 908 -15.80 -46.08 -16.67
CA GLY A 908 -17.04 -45.40 -16.97
C GLY A 908 -16.98 -43.89 -16.92
N ARG A 909 -15.80 -43.31 -16.76
CA ARG A 909 -15.67 -41.85 -16.74
C ARG A 909 -15.82 -41.31 -18.16
N LYS A 910 -16.46 -40.15 -18.26
CA LYS A 910 -16.64 -39.52 -19.55
C LYS A 910 -15.31 -38.98 -20.07
N VAL A 911 -14.96 -39.37 -21.30
CA VAL A 911 -13.69 -39.03 -21.92
C VAL A 911 -13.97 -38.30 -23.22
N GLU A 912 -13.46 -37.07 -23.36
CA GLU A 912 -13.55 -36.30 -24.58
C GLU A 912 -12.17 -36.23 -25.22
N GLN A 913 -12.10 -36.55 -26.52
CA GLN A 913 -10.82 -36.53 -27.23
C GLN A 913 -10.99 -35.95 -28.62
N ILE A 914 -10.02 -35.16 -29.06
CA ILE A 914 -9.97 -34.71 -30.45
C ILE A 914 -9.57 -35.87 -31.35
N GLY A 915 -10.10 -35.88 -32.57
CA GLY A 915 -9.63 -36.84 -33.57
C GLY A 915 -8.27 -36.42 -34.12
N LEU A 916 -7.41 -37.42 -34.32
CA LEU A 916 -6.07 -37.19 -34.85
C LEU A 916 -6.01 -37.49 -36.35
N ALA A 917 -5.36 -36.60 -37.10
CA ALA A 917 -5.18 -36.83 -38.52
C ALA A 917 -4.24 -38.01 -38.76
N SER A 918 -4.39 -38.63 -39.92
CA SER A 918 -3.60 -39.81 -40.27
C SER A 918 -2.11 -39.51 -40.27
N GLU A 919 -1.73 -38.27 -40.57
CA GLU A 919 -0.31 -37.91 -40.60
C GLU A 919 0.36 -38.02 -39.25
N THR A 920 -0.41 -38.07 -38.16
CA THR A 920 0.23 -38.20 -36.86
C THR A 920 0.82 -39.59 -36.64
N GLY A 921 0.45 -40.58 -37.45
CA GLY A 921 0.91 -41.93 -37.24
C GLY A 921 2.42 -42.12 -37.33
N VAL A 922 3.11 -41.23 -38.05
CA VAL A 922 4.57 -41.37 -38.18
C VAL A 922 5.30 -40.79 -36.97
N GLY A 923 4.59 -40.15 -36.05
CA GLY A 923 5.19 -39.64 -34.84
C GLY A 923 4.49 -40.25 -33.63
N THR A 924 4.69 -39.65 -32.45
CA THR A 924 4.09 -40.16 -31.22
C THR A 924 3.19 -39.08 -30.62
N PHE A 925 1.89 -39.18 -30.90
CA PHE A 925 0.92 -38.17 -30.51
C PHE A 925 -0.14 -38.75 -29.58
N VAL A 926 -0.54 -37.95 -28.60
CA VAL A 926 -1.71 -38.21 -27.77
C VAL A 926 -2.68 -37.07 -28.00
N PRO A 927 -3.93 -37.33 -28.35
CA PRO A 927 -4.86 -36.23 -28.57
C PRO A 927 -5.21 -35.56 -27.26
N PRO A 928 -5.34 -34.24 -27.25
CA PRO A 928 -5.87 -33.56 -26.06
C PRO A 928 -7.15 -34.23 -25.58
N THR A 929 -7.22 -34.42 -24.26
CA THR A 929 -8.22 -35.29 -23.65
C THR A 929 -8.78 -34.60 -22.41
N ILE A 930 -10.09 -34.74 -22.22
CA ILE A 930 -10.75 -34.28 -21.00
C ILE A 930 -11.41 -35.49 -20.36
N ILE A 931 -11.13 -35.69 -19.08
CA ILE A 931 -11.65 -36.83 -18.33
C ILE A 931 -12.40 -36.28 -17.12
N GLU A 932 -13.68 -36.63 -17.01
CA GLU A 932 -14.51 -36.14 -15.91
C GLU A 932 -14.45 -37.12 -14.76
N LEU A 933 -13.98 -36.65 -13.61
CA LEU A 933 -13.86 -37.47 -12.42
C LEU A 933 -14.91 -37.08 -11.39
N GLU A 934 -15.25 -38.04 -10.52
CA GLU A 934 -16.16 -37.76 -9.41
C GLU A 934 -15.48 -37.00 -8.29
N LYS A 935 -14.26 -37.42 -7.91
CA LYS A 935 -13.54 -36.81 -6.81
C LYS A 935 -12.06 -36.68 -7.19
N LEU A 936 -11.39 -35.73 -6.55
CA LEU A 936 -9.96 -35.52 -6.81
C LEU A 936 -9.15 -36.78 -6.52
N SER A 937 -9.54 -37.54 -5.50
CA SER A 937 -8.82 -38.76 -5.16
C SER A 937 -8.91 -39.84 -6.24
N ASP A 938 -9.82 -39.69 -7.21
CA ASP A 938 -9.84 -40.62 -8.33
C ASP A 938 -8.58 -40.54 -9.19
N LEU A 939 -7.81 -39.47 -9.08
CA LEU A 939 -6.57 -39.31 -9.83
C LEU A 939 -5.43 -39.65 -8.90
N GLN A 940 -4.74 -40.78 -9.16
CA GLN A 940 -3.78 -41.32 -8.21
C GLN A 940 -2.37 -41.43 -8.77
N ARG A 941 -2.07 -40.77 -9.89
CA ARG A 941 -0.74 -40.77 -10.47
C ARG A 941 -0.63 -39.56 -11.39
N GLU A 942 0.57 -39.01 -11.50
CA GLU A 942 0.77 -37.90 -12.40
C GLU A 942 0.83 -38.43 -13.83
N VAL A 943 0.01 -37.84 -14.71
CA VAL A 943 -0.11 -38.28 -16.09
C VAL A 943 0.45 -37.17 -16.96
N PHE A 944 1.62 -37.41 -17.53
CA PHE A 944 2.47 -36.34 -18.07
C PHE A 944 2.19 -36.15 -19.56
N GLY A 945 0.96 -35.73 -19.85
CA GLY A 945 0.51 -35.59 -21.22
C GLY A 945 -0.67 -34.65 -21.28
N PRO A 946 -1.30 -34.55 -22.46
CA PRO A 946 -2.36 -33.54 -22.65
C PRO A 946 -3.71 -34.06 -22.16
N VAL A 947 -3.83 -34.22 -20.84
CA VAL A 947 -4.97 -34.92 -20.27
C VAL A 947 -5.47 -34.12 -19.08
N LEU A 948 -6.61 -33.49 -19.27
CA LEU A 948 -7.20 -32.64 -18.24
C LEU A 948 -8.26 -33.45 -17.52
N HIS A 949 -8.21 -33.43 -16.19
CA HIS A 949 -9.24 -34.06 -15.39
C HIS A 949 -10.12 -32.96 -14.82
N VAL A 950 -11.42 -33.22 -14.75
CA VAL A 950 -12.39 -32.21 -14.33
C VAL A 950 -13.21 -32.79 -13.20
N ILE A 951 -13.27 -32.05 -12.08
CA ILE A 951 -14.17 -32.38 -10.99
C ILE A 951 -15.04 -31.17 -10.71
N ARG A 952 -16.17 -31.43 -10.05
CA ARG A 952 -17.14 -30.42 -9.66
C ARG A 952 -17.17 -30.31 -8.13
N TYR A 953 -17.53 -29.13 -7.63
CA TYR A 953 -17.61 -28.96 -6.18
C TYR A 953 -18.72 -27.98 -5.84
N ARG A 954 -19.37 -28.24 -4.70
CA ARG A 954 -20.33 -27.28 -4.15
C ARG A 954 -19.58 -26.18 -3.42
N ARG A 955 -20.09 -24.95 -3.52
CA ARG A 955 -19.33 -23.81 -3.02
C ARG A 955 -19.05 -23.93 -1.53
N ASP A 956 -19.96 -24.52 -0.76
CA ASP A 956 -19.73 -24.68 0.67
C ASP A 956 -18.60 -25.64 0.98
N ASP A 957 -18.23 -26.50 0.04
CA ASP A 957 -17.15 -27.44 0.18
C ASP A 957 -15.82 -26.94 -0.37
N LEU A 958 -15.71 -25.63 -0.63
CA LEU A 958 -14.46 -25.08 -1.16
C LEU A 958 -13.28 -25.39 -0.25
N ASP A 959 -13.44 -25.15 1.06
CA ASP A 959 -12.32 -25.40 1.96
C ASP A 959 -11.92 -26.87 1.94
N ARG A 960 -12.90 -27.77 1.85
CA ARG A 960 -12.58 -29.19 1.77
C ARG A 960 -11.85 -29.51 0.47
N LEU A 961 -12.25 -28.87 -0.63
CA LEU A 961 -11.56 -29.07 -1.90
C LEU A 961 -10.11 -28.65 -1.83
N VAL A 962 -9.83 -27.50 -1.19
CA VAL A 962 -8.44 -27.08 -1.04
C VAL A 962 -7.66 -28.11 -0.24
N ASP A 963 -8.27 -28.65 0.82
CA ASP A 963 -7.71 -29.80 1.52
C ASP A 963 -7.40 -30.94 0.55
N ASP A 964 -8.37 -31.28 -0.32
CA ASP A 964 -8.19 -32.36 -1.28
C ASP A 964 -6.98 -32.11 -2.18
N VAL A 965 -6.86 -30.88 -2.70
CA VAL A 965 -5.72 -30.52 -3.53
C VAL A 965 -4.43 -30.70 -2.75
N ASN A 966 -4.38 -30.17 -1.51
CA ASN A 966 -3.17 -30.27 -0.71
C ASN A 966 -2.87 -31.72 -0.35
N ALA A 967 -3.90 -32.55 -0.22
CA ALA A 967 -3.72 -33.91 0.28
C ALA A 967 -2.89 -34.76 -0.67
N THR A 968 -2.85 -34.43 -1.95
CA THR A 968 -2.03 -35.19 -2.90
C THR A 968 -0.56 -35.20 -2.50
N GLY A 969 -0.12 -34.21 -1.73
CA GLY A 969 1.27 -34.08 -1.35
C GLY A 969 2.12 -33.25 -2.29
N TYR A 970 1.59 -32.94 -3.47
CA TYR A 970 2.28 -32.08 -4.41
C TYR A 970 2.03 -30.61 -4.05
N GLY A 971 2.71 -29.72 -4.76
CA GLY A 971 2.58 -28.31 -4.41
C GLY A 971 3.35 -27.43 -5.35
N LEU A 972 3.10 -27.60 -6.65
CA LEU A 972 3.88 -26.88 -7.63
C LEU A 972 3.12 -25.65 -8.13
N THR A 973 2.27 -25.81 -9.14
CA THR A 973 1.48 -24.69 -9.60
C THR A 973 0.02 -24.87 -9.19
N PHE A 974 -0.68 -23.74 -9.10
CA PHE A 974 -2.07 -23.71 -8.67
C PHE A 974 -2.73 -22.47 -9.28
N GLY A 975 -3.95 -22.63 -9.79
CA GLY A 975 -4.69 -21.54 -10.37
C GLY A 975 -6.01 -21.31 -9.66
N LEU A 976 -6.42 -20.04 -9.60
CA LEU A 976 -7.72 -19.69 -9.06
C LEU A 976 -8.34 -18.65 -9.98
N HIS A 977 -9.56 -18.92 -10.45
CA HIS A 977 -10.35 -17.94 -11.20
C HIS A 977 -11.53 -17.54 -10.31
N THR A 978 -11.53 -16.28 -9.88
CA THR A 978 -12.59 -15.70 -9.09
C THR A 978 -12.41 -14.19 -9.13
N ARG A 979 -13.52 -13.47 -9.00
CA ARG A 979 -13.46 -12.03 -8.82
C ARG A 979 -13.56 -11.61 -7.36
N LEU A 980 -13.71 -12.56 -6.43
CA LEU A 980 -14.16 -12.26 -5.09
C LEU A 980 -13.00 -12.28 -4.10
N ASP A 981 -12.78 -11.14 -3.43
CA ASP A 981 -11.64 -11.04 -2.50
C ASP A 981 -11.72 -12.07 -1.39
N GLU A 982 -12.93 -12.35 -0.86
CA GLU A 982 -13.02 -13.33 0.22
C GLU A 982 -12.54 -14.70 -0.25
N THR A 983 -12.87 -15.06 -1.48
CA THR A 983 -12.44 -16.34 -2.03
C THR A 983 -10.94 -16.35 -2.31
N ILE A 984 -10.40 -15.24 -2.84
CA ILE A 984 -8.95 -15.14 -3.03
C ILE A 984 -8.23 -15.30 -1.70
N ALA A 985 -8.66 -14.54 -0.69
CA ALA A 985 -8.01 -14.62 0.63
C ALA A 985 -8.06 -16.04 1.18
N HIS A 986 -9.25 -16.65 1.17
CA HIS A 986 -9.43 -18.00 1.69
C HIS A 986 -8.56 -19.00 0.95
N VAL A 987 -8.69 -19.05 -0.37
CA VAL A 987 -7.98 -20.07 -1.12
C VAL A 987 -6.47 -19.88 -1.02
N THR A 988 -5.98 -18.65 -1.22
CA THR A 988 -4.53 -18.47 -1.20
C THR A 988 -3.95 -18.67 0.19
N SER A 989 -4.74 -18.47 1.24
CA SER A 989 -4.18 -18.72 2.58
C SER A 989 -4.13 -20.21 2.91
N ARG A 990 -4.95 -21.03 2.25
CA ARG A 990 -5.03 -22.43 2.62
C ARG A 990 -4.32 -23.35 1.66
N ILE A 991 -4.14 -22.92 0.40
CA ILE A 991 -3.43 -23.75 -0.57
C ILE A 991 -1.95 -23.80 -0.17
N LYS A 992 -1.32 -24.94 -0.44
CA LYS A 992 0.10 -25.13 -0.16
C LYS A 992 0.80 -25.46 -1.47
N ALA A 993 1.12 -24.42 -2.24
CA ALA A 993 1.82 -24.64 -3.50
C ALA A 993 2.78 -23.48 -3.73
N GLY A 994 3.80 -23.74 -4.55
CA GLY A 994 4.86 -22.76 -4.68
C GLY A 994 4.57 -21.66 -5.69
N ASN A 995 3.74 -21.93 -6.69
CA ASN A 995 3.49 -20.96 -7.74
C ASN A 995 1.99 -20.82 -7.92
N LEU A 996 1.45 -19.69 -7.46
CA LEU A 996 0.03 -19.42 -7.52
C LEU A 996 -0.25 -18.44 -8.65
N TYR A 997 -1.42 -18.61 -9.26
CA TYR A 997 -1.81 -17.83 -10.42
C TYR A 997 -3.28 -17.47 -10.27
N ILE A 998 -3.60 -16.18 -10.30
CA ILE A 998 -4.96 -15.71 -10.06
C ILE A 998 -5.47 -15.08 -11.34
N ASN A 999 -6.54 -15.68 -11.91
CA ASN A 999 -7.25 -15.15 -13.07
C ASN A 999 -6.37 -15.10 -14.32
N ARG A 1000 -5.50 -16.10 -14.46
CA ARG A 1000 -4.67 -16.24 -15.64
C ARG A 1000 -4.29 -17.72 -15.74
N ASN A 1001 -3.54 -18.07 -16.78
CA ASN A 1001 -3.08 -19.45 -16.88
C ASN A 1001 -2.01 -19.73 -15.83
N ILE A 1002 -1.65 -21.01 -15.68
CA ILE A 1002 -0.71 -21.43 -14.65
C ILE A 1002 0.63 -21.87 -15.23
N ILE A 1003 0.93 -21.51 -16.48
CA ILE A 1003 2.13 -22.01 -17.13
C ILE A 1003 3.05 -20.86 -17.53
N GLY A 1004 4.26 -21.23 -17.95
CA GLY A 1004 5.21 -20.25 -18.44
C GLY A 1004 5.74 -19.31 -17.37
N ALA A 1005 6.06 -19.82 -16.19
CA ALA A 1005 6.69 -19.02 -15.15
C ALA A 1005 7.88 -18.28 -15.74
N VAL A 1006 7.99 -16.99 -15.38
CA VAL A 1006 8.97 -16.08 -15.94
C VAL A 1006 10.08 -15.88 -14.92
N VAL A 1007 11.32 -16.07 -15.37
CA VAL A 1007 12.49 -15.94 -14.50
C VAL A 1007 12.49 -14.58 -13.83
N GLY A 1008 12.72 -14.57 -12.51
CA GLY A 1008 12.82 -13.33 -11.74
C GLY A 1008 11.52 -12.62 -11.51
N VAL A 1009 10.42 -13.15 -12.04
CA VAL A 1009 9.09 -12.56 -11.94
C VAL A 1009 8.13 -13.52 -11.26
N GLN A 1010 8.09 -14.77 -11.73
CA GLN A 1010 7.52 -15.88 -10.97
C GLN A 1010 8.65 -16.88 -10.76
N PRO A 1011 9.52 -16.64 -9.79
CA PRO A 1011 10.48 -17.69 -9.39
C PRO A 1011 9.73 -19.00 -9.21
N PHE A 1012 10.28 -20.07 -9.76
CA PHE A 1012 9.50 -21.27 -10.00
C PHE A 1012 10.00 -22.42 -9.14
N GLY A 1013 9.07 -23.08 -8.48
CA GLY A 1013 9.42 -24.25 -7.69
C GLY A 1013 8.43 -24.42 -6.57
N GLY A 1014 8.21 -25.67 -6.20
CA GLY A 1014 7.20 -25.96 -5.22
C GLY A 1014 7.70 -26.71 -4.02
N ARG A 1015 6.78 -27.40 -3.35
CA ARG A 1015 7.05 -28.00 -2.06
C ARG A 1015 6.56 -29.45 -2.08
N GLY A 1016 6.81 -30.15 -0.98
CA GLY A 1016 6.27 -31.49 -0.85
C GLY A 1016 6.86 -32.41 -1.92
N LEU A 1017 5.97 -33.15 -2.58
CA LEU A 1017 6.37 -34.08 -3.64
C LEU A 1017 6.85 -33.36 -4.90
N SER A 1018 6.69 -32.03 -4.95
CA SER A 1018 7.08 -31.24 -6.11
C SER A 1018 8.53 -30.76 -6.05
N GLY A 1019 9.19 -30.85 -4.92
CA GLY A 1019 10.60 -30.49 -4.93
C GLY A 1019 11.15 -30.11 -3.58
N THR A 1020 12.45 -29.83 -3.60
CA THR A 1020 13.19 -29.39 -2.43
C THR A 1020 13.32 -27.87 -2.35
N GLY A 1021 13.22 -27.18 -3.50
CA GLY A 1021 13.67 -25.82 -3.59
C GLY A 1021 15.19 -25.78 -3.47
N PRO A 1022 15.78 -24.57 -3.49
CA PRO A 1022 15.13 -23.27 -3.67
C PRO A 1022 14.60 -23.08 -5.09
N LYS A 1023 13.79 -22.06 -5.28
CA LYS A 1023 13.16 -21.82 -6.57
C LYS A 1023 14.19 -21.44 -7.63
N ALA A 1024 14.05 -22.03 -8.81
CA ALA A 1024 14.78 -21.57 -9.98
C ALA A 1024 14.30 -20.19 -10.38
N GLY A 1025 15.22 -19.36 -10.85
CA GLY A 1025 14.84 -18.01 -11.24
C GLY A 1025 14.45 -17.17 -10.05
N GLY A 1026 14.94 -17.51 -8.88
CA GLY A 1026 14.67 -16.79 -7.67
C GLY A 1026 15.95 -16.52 -6.90
N PRO A 1027 15.82 -15.70 -5.85
CA PRO A 1027 17.01 -15.12 -5.23
C PRO A 1027 17.74 -16.04 -4.25
N LEU A 1028 17.16 -17.18 -3.90
CA LEU A 1028 17.79 -18.12 -2.98
C LEU A 1028 18.56 -19.21 -3.73
N TYR A 1029 18.48 -19.21 -5.05
CA TYR A 1029 19.00 -20.34 -5.83
C TYR A 1029 20.51 -20.44 -5.73
N LEU A 1030 21.23 -19.35 -6.04
CA LEU A 1030 22.69 -19.42 -6.04
C LEU A 1030 23.23 -19.80 -4.68
N GLY A 1031 22.57 -19.37 -3.61
CA GLY A 1031 23.10 -19.63 -2.28
C GLY A 1031 23.11 -21.09 -1.88
N ARG A 1032 22.33 -21.92 -2.57
CA ARG A 1032 22.38 -23.35 -2.32
C ARG A 1032 23.59 -24.00 -2.97
N LEU A 1033 24.25 -23.31 -3.88
CA LEU A 1033 25.35 -23.84 -4.69
C LEU A 1033 26.71 -23.38 -4.19
N VAL A 1034 26.78 -22.83 -2.97
CA VAL A 1034 28.03 -22.44 -2.36
C VAL A 1034 28.04 -23.01 -0.95
N THR A 1035 29.22 -23.08 -0.34
CA THR A 1035 29.30 -23.67 0.99
C THR A 1035 28.80 -22.72 2.08
N THR A 1036 28.94 -21.41 1.86
CA THR A 1036 28.44 -20.39 2.78
C THR A 1036 27.54 -19.47 1.97
N ALA A 1037 26.24 -19.45 2.29
CA ALA A 1037 25.28 -18.73 1.47
C ALA A 1037 25.39 -17.22 1.70
N PRO A 1038 25.27 -16.42 0.66
CA PRO A 1038 25.21 -14.97 0.84
C PRO A 1038 23.80 -14.55 1.28
N VAL A 1039 23.68 -13.27 1.60
CA VAL A 1039 22.38 -12.66 1.87
C VAL A 1039 21.80 -12.23 0.53
N PRO A 1040 20.68 -12.81 0.08
CA PRO A 1040 20.12 -12.43 -1.21
C PRO A 1040 19.66 -10.98 -1.20
N PRO A 1041 19.57 -10.36 -2.35
CA PRO A 1041 18.96 -9.03 -2.43
C PRO A 1041 17.56 -9.05 -1.84
N GLN A 1042 17.23 -8.00 -1.09
CA GLN A 1042 15.92 -7.75 -0.50
C GLN A 1042 15.53 -8.81 0.53
N HIS A 1043 16.47 -9.65 0.97
CA HIS A 1043 16.15 -10.81 1.80
C HIS A 1043 16.25 -10.42 3.26
N SER A 1044 15.11 -10.07 3.85
CA SER A 1044 15.03 -9.73 5.28
C SER A 1044 13.56 -9.64 5.65
N SER A 1045 13.30 -9.57 6.96
CA SER A 1045 11.95 -9.40 7.46
C SER A 1045 11.99 -8.71 8.81
N VAL A 1046 11.09 -7.75 9.01
CA VAL A 1046 11.01 -7.07 10.31
C VAL A 1046 10.15 -7.83 11.29
N HIS A 1047 9.57 -8.94 10.89
CA HIS A 1047 8.64 -9.66 11.75
C HIS A 1047 9.39 -10.76 12.48
N THR A 1048 9.01 -10.96 13.73
CA THR A 1048 9.66 -11.94 14.59
C THR A 1048 8.61 -12.97 14.97
N ASP A 1049 8.92 -14.24 14.75
CA ASP A 1049 7.96 -15.29 15.09
C ASP A 1049 7.65 -15.25 16.58
N PRO A 1050 6.38 -15.27 16.98
CA PRO A 1050 6.07 -15.11 18.40
C PRO A 1050 6.34 -16.35 19.21
N VAL A 1051 6.31 -17.51 18.57
CA VAL A 1051 6.64 -18.74 19.29
C VAL A 1051 8.13 -18.80 19.54
N LEU A 1052 8.93 -18.37 18.56
CA LEU A 1052 10.35 -18.17 18.80
C LEU A 1052 10.59 -17.30 20.02
N LEU A 1053 9.87 -16.17 20.10
CA LEU A 1053 10.05 -15.26 21.24
C LEU A 1053 9.70 -15.94 22.55
N ASP A 1054 8.60 -16.70 22.58
CA ASP A 1054 8.24 -17.43 23.79
C ASP A 1054 9.30 -18.46 24.14
N PHE A 1055 9.89 -19.11 23.12
CA PHE A 1055 10.94 -20.08 23.38
C PHE A 1055 12.19 -19.43 23.96
N ALA A 1056 12.59 -18.28 23.40
CA ALA A 1056 13.74 -17.57 23.94
C ALA A 1056 13.51 -17.18 25.40
N LYS A 1057 12.29 -16.75 25.73
CA LYS A 1057 11.98 -16.44 27.13
C LYS A 1057 12.04 -17.69 28.00
N TRP A 1058 11.53 -18.82 27.50
CA TRP A 1058 11.63 -20.08 28.23
C TRP A 1058 13.09 -20.43 28.49
N LEU A 1059 13.93 -20.33 27.45
CA LEU A 1059 15.35 -20.60 27.61
C LEU A 1059 15.95 -19.74 28.71
N ASP A 1060 15.64 -18.45 28.71
CA ASP A 1060 16.15 -17.57 29.76
C ASP A 1060 15.68 -18.02 31.14
N GLY A 1061 14.40 -18.40 31.25
CA GLY A 1061 13.90 -18.90 32.53
C GLY A 1061 14.59 -20.17 32.99
N LYS A 1062 15.01 -21.01 32.06
CA LYS A 1062 15.79 -22.21 32.38
C LYS A 1062 17.25 -21.92 32.64
N GLY A 1063 17.70 -20.68 32.44
CA GLY A 1063 19.10 -20.33 32.62
C GLY A 1063 19.99 -20.56 31.42
N ALA A 1064 19.41 -20.96 30.28
CA ALA A 1064 20.19 -21.22 29.06
C ALA A 1064 20.38 -19.92 28.31
N ARG A 1065 21.22 -19.06 28.86
CA ARG A 1065 21.26 -17.68 28.38
C ARG A 1065 21.96 -17.57 27.03
N ALA A 1066 22.97 -18.39 26.76
CA ALA A 1066 23.61 -18.36 25.44
C ALA A 1066 22.62 -18.80 24.36
N GLU A 1067 21.86 -19.87 24.61
CA GLU A 1067 20.88 -20.33 23.62
C GLU A 1067 19.72 -19.35 23.49
N ALA A 1068 19.33 -18.68 24.58
CA ALA A 1068 18.30 -17.66 24.46
C ALA A 1068 18.76 -16.52 23.56
N GLU A 1069 20.02 -16.10 23.71
CA GLU A 1069 20.57 -15.08 22.82
C GLU A 1069 20.61 -15.57 21.38
N ALA A 1070 21.04 -16.82 21.19
CA ALA A 1070 21.04 -17.40 19.85
C ALA A 1070 19.62 -17.48 19.29
N ALA A 1071 18.64 -17.75 20.15
CA ALA A 1071 17.26 -17.81 19.69
C ALA A 1071 16.77 -16.45 19.24
N ARG A 1072 17.02 -15.41 20.04
CA ARG A 1072 16.62 -14.06 19.61
C ARG A 1072 17.34 -13.66 18.33
N ASN A 1073 18.61 -14.05 18.17
CA ASN A 1073 19.32 -13.73 16.94
C ASN A 1073 18.68 -14.41 15.74
N ALA A 1074 18.32 -15.70 15.89
CA ALA A 1074 17.59 -16.40 14.82
C ALA A 1074 16.26 -15.71 14.53
N GLY A 1075 15.55 -15.26 15.58
CA GLY A 1075 14.30 -14.56 15.36
C GLY A 1075 14.47 -13.33 14.48
N SER A 1076 15.57 -12.59 14.67
CA SER A 1076 15.84 -11.39 13.88
C SER A 1076 16.38 -11.74 12.51
N SER A 1077 17.24 -12.75 12.42
CA SER A 1077 17.87 -13.13 11.16
C SER A 1077 16.87 -13.77 10.21
N SER A 1078 15.84 -14.39 10.75
CA SER A 1078 14.84 -15.07 9.92
C SER A 1078 14.22 -14.09 8.93
N ALA A 1079 14.03 -14.55 7.69
CA ALA A 1079 13.34 -13.75 6.68
C ALA A 1079 11.89 -14.18 6.54
N LEU A 1080 11.40 -15.04 7.43
CA LEU A 1080 9.98 -15.34 7.50
C LEU A 1080 9.18 -14.05 7.50
N GLY A 1081 8.19 -13.97 6.60
CA GLY A 1081 7.35 -12.80 6.53
C GLY A 1081 7.76 -11.82 5.46
N LEU A 1082 8.90 -12.04 4.81
CA LEU A 1082 9.26 -11.30 3.61
CA LEU A 1082 9.25 -11.30 3.61
C LEU A 1082 8.07 -11.28 2.66
N ASP A 1083 7.77 -10.10 2.11
CA ASP A 1083 6.58 -9.93 1.27
C ASP A 1083 6.90 -8.85 0.24
N LEU A 1084 7.21 -9.26 -0.99
CA LEU A 1084 7.74 -8.34 -1.98
C LEU A 1084 6.89 -8.38 -3.24
N GLU A 1085 6.92 -7.29 -3.99
CA GLU A 1085 6.39 -7.28 -5.34
C GLU A 1085 7.55 -7.16 -6.31
N LEU A 1086 7.62 -8.08 -7.27
CA LEU A 1086 8.72 -8.12 -8.22
C LEU A 1086 8.36 -7.33 -9.47
N PRO A 1087 9.32 -6.61 -10.04
CA PRO A 1087 9.06 -5.89 -11.30
C PRO A 1087 8.66 -6.86 -12.40
N GLY A 1088 7.70 -6.43 -13.22
CA GLY A 1088 7.23 -7.24 -14.31
C GLY A 1088 6.34 -6.44 -15.24
N PRO A 1089 5.53 -7.12 -16.03
CA PRO A 1089 4.66 -6.41 -16.98
C PRO A 1089 3.53 -5.68 -16.29
N VAL A 1090 3.01 -4.68 -17.00
CA VAL A 1090 1.80 -4.03 -16.55
C VAL A 1090 0.65 -5.04 -16.58
N GLY A 1091 -0.40 -4.72 -15.82
CA GLY A 1091 -1.58 -5.58 -15.80
C GLY A 1091 -1.39 -6.86 -15.03
N GLU A 1092 -0.32 -6.95 -14.25
CA GLU A 1092 -0.03 -8.12 -13.46
C GLU A 1092 0.63 -7.63 -12.18
N ARG A 1093 0.32 -8.28 -11.06
CA ARG A 1093 1.07 -8.08 -9.83
C ARG A 1093 1.74 -9.39 -9.48
N ASN A 1094 3.06 -9.36 -9.37
CA ASN A 1094 3.85 -10.56 -9.16
C ASN A 1094 4.51 -10.46 -7.79
N LEU A 1095 4.10 -11.36 -6.89
CA LEU A 1095 4.43 -11.25 -5.49
C LEU A 1095 5.30 -12.43 -5.10
N TYR A 1096 6.17 -12.19 -4.11
CA TYR A 1096 7.11 -13.20 -3.66
C TYR A 1096 7.16 -13.12 -2.15
N THR A 1097 6.94 -14.25 -1.48
CA THR A 1097 6.77 -14.24 -0.03
C THR A 1097 7.48 -15.45 0.56
N LEU A 1098 7.94 -15.30 1.80
CA LEU A 1098 8.60 -16.38 2.53
C LEU A 1098 7.69 -16.80 3.70
N HIS A 1099 7.36 -18.09 3.73
CA HIS A 1099 6.49 -18.71 4.70
C HIS A 1099 7.26 -19.79 5.44
N ALA A 1100 6.62 -20.34 6.47
CA ALA A 1100 7.16 -21.53 7.10
C ALA A 1100 7.09 -22.70 6.12
N ARG A 1101 8.01 -23.64 6.29
CA ARG A 1101 7.94 -24.83 5.44
C ARG A 1101 6.90 -25.83 5.96
N GLY A 1102 6.79 -25.98 7.27
CA GLY A 1102 5.85 -26.92 7.84
C GLY A 1102 6.41 -27.55 9.08
N ARG A 1103 6.44 -28.88 9.17
CA ARG A 1103 6.97 -29.57 10.34
C ARG A 1103 8.37 -30.07 10.00
N ILE A 1104 9.36 -29.59 10.73
CA ILE A 1104 10.75 -29.92 10.50
C ILE A 1104 11.11 -31.07 11.42
N LEU A 1105 11.74 -32.11 10.87
CA LEU A 1105 12.26 -33.21 11.68
C LEU A 1105 13.56 -32.77 12.34
N LEU A 1106 13.61 -32.80 13.66
CA LEU A 1106 14.81 -32.48 14.42
C LEU A 1106 15.45 -33.77 14.91
N VAL A 1107 16.71 -33.98 14.56
CA VAL A 1107 17.45 -35.14 15.05
C VAL A 1107 18.63 -34.62 15.86
N PRO A 1108 18.44 -34.29 17.13
CA PRO A 1108 19.52 -33.73 17.93
C PRO A 1108 20.37 -34.81 18.56
N ALA A 1109 21.53 -34.39 19.06
CA ALA A 1109 22.40 -35.24 19.88
C ALA A 1109 22.61 -34.69 21.29
N THR A 1110 22.61 -33.37 21.47
CA THR A 1110 22.91 -32.75 22.74
C THR A 1110 21.81 -31.78 23.09
N GLU A 1111 21.75 -31.44 24.38
CA GLU A 1111 20.80 -30.44 24.84
C GLU A 1111 20.99 -29.11 24.11
N SER A 1112 22.21 -28.60 24.05
CA SER A 1112 22.43 -27.33 23.38
C SER A 1112 22.12 -27.43 21.89
N GLY A 1113 22.45 -28.57 21.28
CA GLY A 1113 22.10 -28.76 19.88
C GLY A 1113 20.61 -28.71 19.64
N LEU A 1114 19.85 -29.37 20.50
CA LEU A 1114 18.39 -29.33 20.39
C LEU A 1114 17.87 -27.91 20.52
N TYR A 1115 18.37 -27.15 21.50
CA TYR A 1115 17.92 -25.76 21.65
C TYR A 1115 18.23 -24.94 20.40
N HIS A 1116 19.44 -25.11 19.84
CA HIS A 1116 19.77 -24.41 18.60
C HIS A 1116 18.88 -24.85 17.45
N GLN A 1117 18.62 -26.16 17.33
CA GLN A 1117 17.74 -26.62 16.26
C GLN A 1117 16.34 -26.05 16.41
N LEU A 1118 15.81 -26.08 17.64
CA LEU A 1118 14.47 -25.55 17.87
CA LEU A 1118 14.47 -25.54 17.89
C LEU A 1118 14.42 -24.06 17.59
N ALA A 1119 15.46 -23.32 17.97
CA ALA A 1119 15.47 -21.89 17.68
C ALA A 1119 15.43 -21.62 16.19
N ALA A 1120 16.21 -22.35 15.40
CA ALA A 1120 16.22 -22.16 13.95
C ALA A 1120 14.86 -22.48 13.34
N ALA A 1121 14.25 -23.59 13.76
CA ALA A 1121 12.97 -24.00 13.18
C ALA A 1121 11.85 -23.06 13.59
N LEU A 1122 11.82 -22.67 14.86
CA LEU A 1122 10.76 -21.79 15.34
C LEU A 1122 10.89 -20.40 14.76
N ALA A 1123 12.11 -19.88 14.63
CA ALA A 1123 12.34 -18.55 14.08
C ALA A 1123 11.83 -18.44 12.65
N THR A 1124 11.76 -19.57 11.94
CA THR A 1124 11.29 -19.59 10.57
C THR A 1124 9.83 -20.08 10.47
N GLY A 1125 9.12 -20.10 11.61
CA GLY A 1125 7.68 -20.33 11.61
C GLY A 1125 7.25 -21.78 11.62
N ASN A 1126 8.18 -22.71 11.75
CA ASN A 1126 7.89 -24.12 11.61
C ASN A 1126 7.46 -24.75 12.93
N SER A 1127 6.76 -25.87 12.81
CA SER A 1127 6.65 -26.81 13.92
C SER A 1127 7.78 -27.82 13.79
N VAL A 1128 7.91 -28.68 14.79
CA VAL A 1128 9.01 -29.65 14.81
C VAL A 1128 8.50 -31.01 15.28
N ALA A 1129 9.14 -32.06 14.77
CA ALA A 1129 9.06 -33.40 15.32
C ALA A 1129 10.47 -33.75 15.80
N ILE A 1130 10.63 -33.96 17.10
CA ILE A 1130 11.94 -34.20 17.68
C ILE A 1130 12.12 -35.70 17.85
N ASP A 1131 13.26 -36.21 17.36
CA ASP A 1131 13.54 -37.64 17.44
C ASP A 1131 13.55 -38.11 18.89
N ALA A 1132 12.61 -39.01 19.21
CA ALA A 1132 12.50 -39.50 20.59
C ALA A 1132 13.72 -40.34 20.97
N ALA A 1133 14.40 -40.94 19.99
CA ALA A 1133 15.59 -41.74 20.29
C ALA A 1133 16.77 -40.89 20.71
N SER A 1134 16.64 -39.56 20.66
CA SER A 1134 17.69 -38.70 21.20
C SER A 1134 17.84 -38.83 22.71
N GLY A 1135 16.78 -39.25 23.40
CA GLY A 1135 16.80 -39.29 24.85
C GLY A 1135 16.80 -37.93 25.51
N LEU A 1136 16.46 -36.88 24.78
CA LEU A 1136 16.57 -35.52 25.30
C LEU A 1136 15.24 -34.95 25.77
N GLN A 1137 14.23 -35.80 26.02
CA GLN A 1137 12.93 -35.30 26.44
C GLN A 1137 13.03 -34.42 27.68
N ALA A 1138 13.91 -34.78 28.63
CA ALA A 1138 14.05 -34.00 29.86
C ALA A 1138 14.58 -32.59 29.63
N SER A 1139 15.14 -32.30 28.45
CA SER A 1139 15.67 -30.97 28.18
C SER A 1139 14.59 -29.95 27.86
N LEU A 1140 13.35 -30.40 27.65
CA LEU A 1140 12.25 -29.54 27.19
C LEU A 1140 11.06 -29.64 28.12
N LYS A 1141 11.30 -29.62 29.42
CA LYS A 1141 10.19 -29.68 30.37
C LYS A 1141 9.57 -28.30 30.54
N ASN A 1142 8.25 -28.29 30.78
CA ASN A 1142 7.52 -27.07 31.14
C ASN A 1142 7.58 -26.01 30.05
N LEU A 1143 7.45 -26.43 28.79
CA LEU A 1143 7.39 -25.46 27.71
C LEU A 1143 6.14 -24.60 27.83
N PRO A 1144 6.22 -23.33 27.44
CA PRO A 1144 4.99 -22.55 27.24
C PRO A 1144 4.06 -23.27 26.28
N GLN A 1145 2.76 -23.14 26.53
CA GLN A 1145 1.79 -23.81 25.67
C GLN A 1145 1.98 -23.42 24.21
N THR A 1146 2.30 -22.15 23.94
CA THR A 1146 2.50 -21.72 22.56
C THR A 1146 3.58 -22.54 21.87
N VAL A 1147 4.66 -22.83 22.59
CA VAL A 1147 5.74 -23.62 22.00
C VAL A 1147 5.36 -25.11 21.97
N GLY A 1148 4.77 -25.62 23.05
CA GLY A 1148 4.31 -27.01 23.04
C GLY A 1148 3.41 -27.34 21.88
N LEU A 1149 2.56 -26.40 21.45
CA LEU A 1149 1.70 -26.63 20.30
C LEU A 1149 2.51 -26.92 19.04
N ARG A 1150 3.72 -26.39 18.97
CA ARG A 1150 4.57 -26.60 17.81
C ARG A 1150 5.52 -27.76 17.96
N VAL A 1151 5.54 -28.43 19.11
CA VAL A 1151 6.54 -29.45 19.40
C VAL A 1151 5.85 -30.80 19.56
N SER A 1152 6.34 -31.79 18.81
CA SER A 1152 5.98 -33.18 19.02
C SER A 1152 7.24 -34.01 19.06
N TRP A 1153 7.14 -35.18 19.66
CA TRP A 1153 8.22 -36.15 19.71
C TRP A 1153 7.87 -37.34 18.85
N SER A 1154 8.85 -37.85 18.09
CA SER A 1154 8.62 -38.90 17.12
C SER A 1154 9.54 -40.07 17.42
N LYS A 1155 8.95 -41.25 17.64
CA LYS A 1155 9.74 -42.47 17.67
C LYS A 1155 9.83 -43.10 16.28
N ASP A 1156 8.74 -43.04 15.52
CA ASP A 1156 8.63 -43.65 14.20
C ASP A 1156 8.49 -42.52 13.18
N TRP A 1157 9.63 -42.05 12.65
CA TRP A 1157 9.61 -40.86 11.79
C TRP A 1157 8.69 -41.06 10.59
N ALA A 1158 8.65 -42.27 10.04
CA ALA A 1158 7.83 -42.52 8.85
C ALA A 1158 6.35 -42.34 9.15
N ALA A 1159 5.92 -42.66 10.37
CA ALA A 1159 4.51 -42.53 10.70
C ALA A 1159 4.09 -41.09 10.94
N ASP A 1160 5.02 -40.22 11.30
CA ASP A 1160 4.72 -38.88 11.77
C ASP A 1160 4.93 -37.81 10.72
N GLY A 1161 5.25 -38.20 9.49
CA GLY A 1161 5.42 -37.27 8.40
C GLY A 1161 4.08 -36.93 7.77
N PRO A 1162 4.11 -36.21 6.65
CA PRO A 1162 5.34 -35.75 5.98
C PRO A 1162 6.01 -34.58 6.68
N PHE A 1163 7.34 -34.55 6.59
CA PHE A 1163 8.10 -33.41 7.08
C PHE A 1163 8.40 -32.48 5.92
N ALA A 1164 8.86 -31.29 6.27
CA ALA A 1164 9.18 -30.27 5.27
C ALA A 1164 10.66 -29.93 5.24
N GLY A 1165 11.47 -30.63 6.03
CA GLY A 1165 12.89 -30.38 6.11
C GLY A 1165 13.40 -31.10 7.33
N ALA A 1166 14.73 -31.07 7.52
CA ALA A 1166 15.27 -31.72 8.70
C ALA A 1166 16.52 -30.97 9.15
N LEU A 1167 16.76 -31.03 10.46
CA LEU A 1167 17.99 -30.55 11.09
C LEU A 1167 18.58 -31.73 11.85
N VAL A 1168 19.86 -31.99 11.63
CA VAL A 1168 20.53 -33.16 12.19
C VAL A 1168 21.78 -32.70 12.92
N GLU A 1169 22.01 -33.26 14.11
CA GLU A 1169 23.23 -33.01 14.87
C GLU A 1169 23.95 -34.33 15.07
N GLY A 1170 25.25 -34.36 14.81
CA GLY A 1170 26.02 -35.53 15.13
C GLY A 1170 27.38 -35.51 14.49
N ASP A 1171 28.16 -36.54 14.81
CA ASP A 1171 29.42 -36.71 14.10
C ASP A 1171 29.16 -37.24 12.70
N ALA A 1172 30.24 -37.41 11.93
CA ALA A 1172 30.06 -37.69 10.51
C ALA A 1172 29.31 -39.01 10.28
N GLU A 1173 29.61 -40.05 11.06
CA GLU A 1173 28.90 -41.31 10.82
C GLU A 1173 27.46 -41.27 11.33
N ARG A 1174 27.21 -40.49 12.38
CA ARG A 1174 25.82 -40.28 12.80
C ARG A 1174 25.03 -39.55 11.72
N ILE A 1175 25.63 -38.53 11.11
CA ILE A 1175 24.97 -37.78 10.05
C ILE A 1175 24.68 -38.69 8.86
N ARG A 1176 25.65 -39.52 8.48
CA ARG A 1176 25.43 -40.43 7.36
C ARG A 1176 24.31 -41.40 7.66
N ALA A 1177 24.28 -41.93 8.88
CA ALA A 1177 23.23 -42.87 9.26
C ALA A 1177 21.86 -42.20 9.26
N VAL A 1178 21.77 -40.98 9.80
CA VAL A 1178 20.49 -40.29 9.82
C VAL A 1178 20.05 -39.94 8.41
N ASN A 1179 21.00 -39.52 7.58
CA ASN A 1179 20.68 -39.15 6.19
C ASN A 1179 20.05 -40.34 5.46
N LYS A 1180 20.59 -41.53 5.65
CA LYS A 1180 20.00 -42.71 5.04
C LYS A 1180 18.60 -42.99 5.61
N ALA A 1181 18.45 -42.85 6.93
CA ALA A 1181 17.14 -43.04 7.55
C ALA A 1181 16.12 -42.05 7.02
N ILE A 1182 16.54 -40.80 6.79
CA ILE A 1182 15.63 -39.79 6.25
C ILE A 1182 15.28 -40.11 4.80
N ALA A 1183 16.28 -40.53 4.01
CA ALA A 1183 15.99 -40.89 2.63
C ALA A 1183 15.02 -42.07 2.54
N ALA A 1184 14.92 -42.88 3.59
CA ALA A 1184 14.01 -44.01 3.62
C ALA A 1184 12.58 -43.62 3.96
N LEU A 1185 12.35 -42.38 4.35
CA LEU A 1185 10.99 -41.96 4.68
C LEU A 1185 10.17 -41.82 3.40
N PRO A 1186 8.97 -42.40 3.35
CA PRO A 1186 8.12 -42.20 2.17
C PRO A 1186 7.71 -40.74 2.03
N GLY A 1187 7.38 -40.36 0.80
CA GLY A 1187 6.89 -39.02 0.53
C GLY A 1187 7.96 -38.09 0.03
N PRO A 1188 7.94 -36.84 0.50
CA PRO A 1188 8.80 -35.81 -0.10
C PRO A 1188 10.27 -36.03 0.20
N LEU A 1189 11.10 -35.54 -0.71
CA LEU A 1189 12.54 -35.47 -0.47
C LEU A 1189 12.81 -34.30 0.45
N LEU A 1190 13.37 -34.58 1.63
CA LEU A 1190 13.58 -33.52 2.61
C LEU A 1190 14.89 -32.79 2.33
N LEU A 1191 14.85 -31.47 2.44
CA LEU A 1191 16.07 -30.67 2.46
C LEU A 1191 16.64 -30.76 3.86
N VAL A 1192 17.77 -31.46 3.99
CA VAL A 1192 18.38 -31.79 5.27
C VAL A 1192 19.59 -30.90 5.50
N GLN A 1193 19.70 -30.36 6.72
CA GLN A 1193 20.90 -29.66 7.16
C GLN A 1193 21.50 -30.39 8.36
N ALA A 1194 22.80 -30.62 8.31
CA ALA A 1194 23.47 -31.34 9.38
C ALA A 1194 24.62 -30.50 9.93
N ALA A 1195 24.91 -30.72 11.22
CA ALA A 1195 26.04 -30.06 11.85
C ALA A 1195 26.52 -30.93 12.99
N SER A 1196 27.82 -30.87 13.27
CA SER A 1196 28.35 -31.47 14.48
C SER A 1196 28.05 -30.58 15.68
N SER A 1197 28.12 -31.17 16.87
CA SER A 1197 27.98 -30.37 18.08
C SER A 1197 28.97 -29.22 18.10
N GLY A 1198 30.22 -29.49 17.69
CA GLY A 1198 31.22 -28.43 17.71
C GLY A 1198 30.92 -27.32 16.72
N GLU A 1199 30.40 -27.68 15.55
CA GLU A 1199 30.01 -26.67 14.56
C GLU A 1199 28.87 -25.81 15.10
N ILE A 1200 27.92 -26.43 15.81
CA ILE A 1200 26.85 -25.67 16.42
C ILE A 1200 27.42 -24.65 17.41
N ALA A 1201 28.44 -25.06 18.15
CA ALA A 1201 29.07 -24.19 19.14
C ALA A 1201 29.86 -23.07 18.47
N ARG A 1202 30.56 -23.38 17.37
CA ARG A 1202 31.45 -22.41 16.72
C ARG A 1202 30.71 -21.49 15.76
N ASN A 1203 29.70 -21.99 15.05
CA ASN A 1203 29.11 -21.26 13.93
C ASN A 1203 27.64 -20.96 14.20
N PRO A 1204 27.28 -19.70 14.49
CA PRO A 1204 25.86 -19.37 14.69
C PRO A 1204 25.02 -19.70 13.47
N ASP A 1205 25.62 -19.79 12.29
CA ASP A 1205 24.89 -20.13 11.07
C ASP A 1205 25.00 -21.59 10.71
N ALA A 1206 25.37 -22.45 11.67
CA ALA A 1206 25.52 -23.88 11.38
C ALA A 1206 24.30 -24.42 10.65
N TYR A 1207 23.11 -24.05 11.10
CA TYR A 1207 21.87 -24.31 10.37
C TYR A 1207 21.43 -23.03 9.70
N CYS A 1208 21.40 -23.02 8.38
CA CYS A 1208 21.15 -21.79 7.65
C CYS A 1208 19.65 -21.56 7.53
N LEU A 1209 19.19 -20.36 7.90
CA LEU A 1209 17.76 -20.13 7.94
C LEU A 1209 17.16 -20.00 6.53
N ASN A 1210 17.99 -19.82 5.50
CA ASN A 1210 17.48 -19.78 4.13
C ASN A 1210 16.67 -21.02 3.80
N TRP A 1211 17.08 -22.18 4.31
CA TRP A 1211 16.50 -23.44 3.88
C TRP A 1211 15.41 -23.92 4.81
N LEU A 1212 15.00 -23.09 5.78
CA LEU A 1212 13.91 -23.41 6.70
C LEU A 1212 12.67 -22.56 6.43
N VAL A 1213 12.67 -21.74 5.40
CA VAL A 1213 11.47 -21.06 4.95
C VAL A 1213 11.11 -21.61 3.58
N GLU A 1214 9.87 -21.33 3.20
CA GLU A 1214 9.28 -21.80 1.96
C GLU A 1214 8.98 -20.58 1.11
N GLU A 1215 9.41 -20.61 -0.15
CA GLU A 1215 9.13 -19.51 -1.07
C GLU A 1215 7.80 -19.73 -1.75
N VAL A 1216 7.03 -18.66 -1.88
CA VAL A 1216 5.77 -18.72 -2.61
C VAL A 1216 5.74 -17.55 -3.59
N SER A 1217 5.43 -17.87 -4.84
CA SER A 1217 5.21 -16.89 -5.88
C SER A 1217 3.73 -16.81 -6.19
N ALA A 1218 3.21 -15.60 -6.35
CA ALA A 1218 1.83 -15.41 -6.74
C ALA A 1218 1.78 -14.39 -7.85
N SER A 1219 1.16 -14.75 -8.96
CA SER A 1219 0.99 -13.85 -10.10
C SER A 1219 -0.50 -13.59 -10.27
N ILE A 1220 -0.90 -12.33 -10.15
CA ILE A 1220 -2.31 -11.92 -10.20
C ILE A 1220 -2.50 -11.10 -11.46
N ASN A 1221 -3.39 -11.57 -12.34
CA ASN A 1221 -3.76 -10.81 -13.54
C ASN A 1221 -4.69 -9.69 -13.10
N THR A 1222 -4.14 -8.49 -12.94
CA THR A 1222 -4.95 -7.38 -12.48
C THR A 1222 -5.74 -6.73 -13.62
N ALA A 1223 -5.56 -7.19 -14.84
CA ALA A 1223 -6.36 -6.70 -15.96
C ALA A 1223 -7.57 -7.57 -16.23
N ALA A 1224 -7.81 -8.59 -15.40
CA ALA A 1224 -8.83 -9.60 -15.70
C ALA A 1224 -10.23 -9.01 -15.78
N ALA A 1225 -10.51 -7.90 -15.08
CA ALA A 1225 -11.84 -7.31 -15.14
C ALA A 1225 -12.12 -6.62 -16.48
N GLY A 1226 -11.12 -6.40 -17.32
CA GLY A 1226 -11.39 -5.85 -18.63
C GLY A 1226 -10.47 -4.70 -18.99
N GLY A 1227 -9.72 -4.21 -18.02
CA GLY A 1227 -8.81 -3.12 -18.24
C GLY A 1227 -7.85 -2.97 -17.07
N ASN A 1228 -6.98 -1.98 -17.19
CA ASN A 1228 -5.85 -1.76 -16.28
C ASN A 1228 -6.06 -0.44 -15.55
N ALA A 1229 -6.41 -0.51 -14.27
CA ALA A 1229 -6.64 0.69 -13.47
C ALA A 1229 -5.42 1.61 -13.46
N SER A 1230 -4.23 1.06 -13.23
CA SER A 1230 -3.03 1.89 -13.16
C SER A 1230 -2.80 2.65 -14.45
N LEU A 1231 -3.02 2.00 -15.59
CA LEU A 1231 -2.80 2.64 -16.87
C LEU A 1231 -3.89 3.65 -17.24
N MET A 1232 -5.02 3.67 -16.53
CA MET A 1232 -5.99 4.74 -16.75
C MET A 1232 -5.41 6.10 -16.39
N ALA A 1233 -4.34 6.14 -15.60
CA ALA A 1233 -3.69 7.38 -15.21
C ALA A 1233 -2.55 7.79 -16.14
N ILE A 1234 -2.23 6.96 -17.14
CA ILE A 1234 -1.07 7.16 -18.00
C ILE A 1234 -1.55 7.61 -19.36
N GLY A 1235 -1.25 8.86 -19.71
CA GLY A 1235 -1.59 9.39 -21.02
C GLY A 1235 -0.54 10.38 -21.48
N ALA B 16 -6.64 37.63 47.23
CA ALA B 16 -7.31 36.75 46.28
C ALA B 16 -7.38 37.36 44.89
N PRO B 17 -6.50 36.92 44.00
CA PRO B 17 -6.44 37.53 42.66
C PRO B 17 -7.73 37.31 41.89
N ALA B 18 -8.21 38.38 41.24
CA ALA B 18 -9.42 38.28 40.46
C ALA B 18 -9.23 37.29 39.31
N PRO B 19 -10.24 36.49 38.98
CA PRO B 19 -10.08 35.50 37.90
C PRO B 19 -9.71 36.17 36.58
N PHE B 20 -8.68 35.62 35.94
CA PHE B 20 -8.23 36.01 34.60
C PHE B 20 -7.74 37.46 34.52
N ALA B 21 -7.48 38.09 35.67
CA ALA B 21 -6.97 39.46 35.68
C ALA B 21 -5.59 39.56 35.04
N ASP B 22 -4.82 38.48 35.05
CA ASP B 22 -3.50 38.48 34.44
C ASP B 22 -3.34 37.29 33.51
N PHE B 23 -4.36 37.06 32.67
CA PHE B 23 -4.36 35.81 31.89
C PHE B 23 -3.22 35.79 30.88
N ALA B 24 -3.17 36.80 30.02
CA ALA B 24 -2.14 36.78 28.99
C ALA B 24 -1.83 38.19 28.50
N PRO B 25 -1.42 39.10 29.37
CA PRO B 25 -1.14 40.46 28.93
C PRO B 25 0.01 40.48 27.94
N PRO B 26 -0.08 41.25 26.86
CA PRO B 26 1.01 41.28 25.89
C PRO B 26 2.23 41.98 26.47
N VAL B 27 3.37 41.70 25.84
CA VAL B 27 4.63 42.30 26.27
C VAL B 27 4.54 43.81 26.22
N ARG B 28 3.85 44.35 25.23
CA ARG B 28 3.70 45.78 25.04
C ARG B 28 2.39 46.03 24.34
N PRO B 29 1.82 47.22 24.48
CA PRO B 29 0.62 47.55 23.70
C PRO B 29 0.90 47.41 22.21
N GLN B 30 -0.05 46.83 21.49
CA GLN B 30 0.14 46.52 20.08
C GLN B 30 -0.09 47.76 19.23
N SER B 31 0.94 48.21 18.54
CA SER B 31 0.84 49.34 17.62
C SER B 31 -0.03 48.99 16.41
N THR B 32 -0.38 50.02 15.64
CA THR B 32 -1.07 49.80 14.36
C THR B 32 -0.32 48.80 13.50
N LEU B 33 1.00 48.98 13.38
CA LEU B 33 1.80 48.07 12.56
C LEU B 33 1.82 46.65 13.14
N ARG B 34 1.96 46.52 14.47
CA ARG B 34 1.94 45.17 15.03
C ARG B 34 0.57 44.52 14.81
N ARG B 35 -0.50 45.31 14.94
CA ARG B 35 -1.84 44.74 14.75
C ARG B 35 -2.06 44.28 13.32
N ALA B 36 -1.48 44.97 12.33
CA ALA B 36 -1.64 44.54 10.95
C ALA B 36 -0.95 43.21 10.69
N ILE B 37 0.16 42.95 11.39
CA ILE B 37 0.80 41.64 11.34
C ILE B 37 -0.16 40.58 11.87
N THR B 38 -0.65 40.77 13.09
CA THR B 38 -1.51 39.77 13.71
C THR B 38 -2.75 39.51 12.86
N ALA B 39 -3.29 40.57 12.24
CA ALA B 39 -4.50 40.44 11.44
C ALA B 39 -4.30 39.48 10.26
N ALA B 40 -3.08 39.35 9.76
CA ALA B 40 -2.78 38.52 8.60
C ALA B 40 -2.41 37.08 8.94
N TYR B 41 -2.38 36.74 10.23
CA TYR B 41 -1.80 35.48 10.69
C TYR B 41 -2.32 34.29 9.89
N ARG B 42 -3.65 34.15 9.77
CA ARG B 42 -4.24 33.03 9.04
C ARG B 42 -5.20 33.52 7.97
N ARG B 43 -4.86 34.63 7.34
CA ARG B 43 -5.67 35.20 6.27
C ARG B 43 -5.87 34.19 5.15
N PRO B 44 -7.08 34.04 4.61
CA PRO B 44 -7.28 33.11 3.51
C PRO B 44 -6.28 33.36 2.38
N GLU B 45 -5.83 32.27 1.77
CA GLU B 45 -4.83 32.36 0.71
C GLU B 45 -5.32 33.22 -0.45
N THR B 46 -6.61 33.12 -0.79
CA THR B 46 -7.15 33.92 -1.88
C THR B 46 -7.14 35.41 -1.58
N GLU B 47 -7.10 35.80 -0.30
CA GLU B 47 -6.94 37.22 0.02
C GLU B 47 -5.48 37.66 0.01
N CYS B 48 -4.57 36.77 0.39
CA CYS B 48 -3.16 37.15 0.47
C CYS B 48 -2.56 37.41 -0.89
N LEU B 49 -2.93 36.62 -1.89
CA LEU B 49 -2.14 36.63 -3.12
C LEU B 49 -2.33 37.87 -3.99
N PRO B 50 -3.53 38.41 -4.19
CA PRO B 50 -3.69 39.54 -5.13
C PRO B 50 -2.76 40.70 -4.83
N PRO B 51 -2.66 41.19 -3.58
CA PRO B 51 -1.70 42.29 -3.34
C PRO B 51 -0.25 41.89 -3.57
N LEU B 52 0.12 40.64 -3.28
CA LEU B 52 1.47 40.18 -3.58
C LEU B 52 1.72 40.12 -5.09
N VAL B 53 0.73 39.64 -5.85
CA VAL B 53 0.86 39.65 -7.31
C VAL B 53 1.11 41.07 -7.82
N GLU B 54 0.38 42.04 -7.28
CA GLU B 54 0.56 43.42 -7.73
C GLU B 54 1.95 43.94 -7.39
N ALA B 55 2.39 43.69 -6.15
CA ALA B 55 3.70 44.19 -5.71
C ALA B 55 4.84 43.49 -6.43
N ALA B 56 4.63 42.25 -6.89
CA ALA B 56 5.67 41.49 -7.57
C ALA B 56 5.68 41.70 -9.08
N THR B 57 4.78 42.52 -9.60
CA THR B 57 4.70 42.76 -11.04
C THR B 57 5.90 43.56 -11.52
N GLN B 58 6.47 43.14 -12.66
CA GLN B 58 7.57 43.84 -13.30
C GLN B 58 7.32 43.96 -14.80
N SER B 59 7.93 44.98 -15.40
CA SER B 59 7.75 45.28 -16.82
C SER B 59 8.16 44.08 -17.68
N LYS B 60 7.60 44.04 -18.90
CA LYS B 60 7.97 42.98 -19.84
C LYS B 60 9.47 43.01 -20.12
N GLU B 61 10.05 44.20 -20.23
CA GLU B 61 11.49 44.32 -20.46
C GLU B 61 12.27 43.63 -19.34
N ILE B 62 11.94 43.93 -18.09
CA ILE B 62 12.64 43.32 -16.96
C ILE B 62 12.41 41.82 -16.93
N ARG B 63 11.17 41.40 -17.18
CA ARG B 63 10.84 39.97 -17.13
C ARG B 63 11.59 39.20 -18.22
N ASP B 64 11.66 39.76 -19.43
CA ASP B 64 12.44 39.13 -20.49
C ASP B 64 13.92 39.06 -20.11
N ALA B 65 14.46 40.15 -19.57
CA ALA B 65 15.87 40.18 -19.20
C ALA B 65 16.17 39.20 -18.06
N ALA B 66 15.26 39.14 -17.08
CA ALA B 66 15.45 38.21 -15.97
C ALA B 66 15.42 36.76 -16.46
N ALA B 67 14.52 36.46 -17.40
CA ALA B 67 14.46 35.10 -17.95
C ALA B 67 15.77 34.73 -18.63
N SER B 68 16.38 35.68 -19.35
CA SER B 68 17.66 35.40 -19.99
C SER B 68 18.75 35.19 -18.96
N THR B 69 18.77 36.03 -17.92
CA THR B 69 19.75 35.86 -16.85
C THR B 69 19.58 34.50 -16.17
N ALA B 70 18.33 34.12 -15.89
CA ALA B 70 18.10 32.84 -15.21
C ALA B 70 18.51 31.68 -16.11
N ARG B 71 18.21 31.75 -17.40
CA ARG B 71 18.64 30.70 -18.32
C ARG B 71 20.16 30.55 -18.30
N LYS B 72 20.89 31.67 -18.35
CA LYS B 72 22.34 31.60 -18.30
C LYS B 72 22.81 30.98 -16.98
N LEU B 73 22.19 31.36 -15.87
CA LEU B 73 22.57 30.78 -14.59
C LEU B 73 22.32 29.28 -14.57
N ILE B 74 21.18 28.86 -15.12
CA ILE B 74 20.78 27.45 -15.06
C ILE B 74 21.65 26.60 -15.97
N GLU B 75 21.96 27.13 -17.17
CA GLU B 75 22.93 26.46 -18.03
C GLU B 75 24.25 26.25 -17.30
N ALA B 76 24.73 27.28 -16.60
CA ALA B 76 25.97 27.14 -15.84
C ALA B 76 25.81 26.09 -14.74
N LEU B 77 24.71 26.14 -13.99
CA LEU B 77 24.48 25.16 -12.92
C LEU B 77 24.51 23.74 -13.46
N ARG B 78 23.83 23.51 -14.58
CA ARG B 78 23.72 22.16 -15.12
C ARG B 78 24.98 21.72 -15.85
N GLY B 79 25.85 22.65 -16.25
CA GLY B 79 27.09 22.26 -16.87
C GLY B 79 28.21 21.95 -15.90
N LYS B 80 28.05 22.23 -14.62
CA LYS B 80 29.11 22.03 -13.64
C LYS B 80 28.86 20.80 -12.78
N GLY B 85 29.33 12.85 -5.00
CA GLY B 85 30.24 11.88 -4.42
C GLY B 85 29.58 10.57 -4.09
N VAL B 86 28.46 10.63 -3.38
CA VAL B 86 27.74 9.41 -3.01
C VAL B 86 27.28 8.65 -4.26
N GLU B 87 26.91 9.37 -5.31
CA GLU B 87 26.51 8.72 -6.56
C GLU B 87 27.67 7.92 -7.16
N GLY B 88 28.88 8.51 -7.17
CA GLY B 88 30.03 7.81 -7.71
C GLY B 88 30.44 6.61 -6.87
N LEU B 89 30.21 6.68 -5.56
CA LEU B 89 30.46 5.52 -4.70
C LEU B 89 29.46 4.42 -4.98
N VAL B 90 28.17 4.78 -5.07
CA VAL B 90 27.13 3.80 -5.38
C VAL B 90 27.39 3.15 -6.72
N GLN B 91 27.79 3.93 -7.72
CA GLN B 91 28.04 3.36 -9.04
C GLN B 91 29.29 2.48 -9.04
N GLU B 92 30.36 2.91 -8.35
CA GLU B 92 31.61 2.17 -8.39
C GLU B 92 31.46 0.79 -7.77
N TYR B 93 30.69 0.68 -6.69
CA TYR B 93 30.53 -0.58 -5.99
C TYR B 93 29.20 -1.24 -6.27
N SER B 94 28.44 -0.75 -7.25
CA SER B 94 27.15 -1.33 -7.65
C SER B 94 26.26 -1.52 -6.44
N LEU B 95 26.21 -0.51 -5.59
CA LEU B 95 25.40 -0.59 -4.39
C LEU B 95 23.94 -0.39 -4.71
N SER B 96 23.08 -1.14 -4.03
CA SER B 96 21.69 -0.79 -3.96
C SER B 96 21.53 0.43 -3.06
N SER B 97 20.32 0.99 -3.03
CA SER B 97 20.06 2.13 -2.16
C SER B 97 20.24 1.76 -0.70
N GLN B 98 19.69 0.61 -0.29
CA GLN B 98 19.81 0.20 1.11
C GLN B 98 21.26 -0.07 1.46
N GLU B 99 22.02 -0.64 0.52
CA GLU B 99 23.45 -0.83 0.75
C GLU B 99 24.16 0.50 0.89
N GLY B 100 23.82 1.48 0.06
CA GLY B 100 24.42 2.79 0.23
C GLY B 100 24.07 3.41 1.57
N VAL B 101 22.81 3.31 1.99
CA VAL B 101 22.40 3.85 3.29
C VAL B 101 23.14 3.11 4.42
N ALA B 102 23.14 1.78 4.36
CA ALA B 102 23.81 0.99 5.39
C ALA B 102 25.29 1.33 5.48
N LEU B 103 25.94 1.52 4.33
CA LEU B 103 27.36 1.85 4.34
C LEU B 103 27.61 3.19 5.01
N MET B 104 26.77 4.19 4.72
CA MET B 104 26.97 5.50 5.33
C MET B 104 26.69 5.45 6.83
N CYS B 105 25.74 4.62 7.27
CA CYS B 105 25.53 4.43 8.71
C CYS B 105 26.76 3.80 9.35
N LEU B 106 27.31 2.78 8.71
CA LEU B 106 28.55 2.19 9.20
C LEU B 106 29.66 3.23 9.25
N ALA B 107 29.75 4.05 8.20
CA ALA B 107 30.79 5.07 8.15
C ALA B 107 30.63 6.06 9.28
N GLU B 108 29.39 6.53 9.49
CA GLU B 108 29.10 7.42 10.62
C GLU B 108 29.58 6.82 11.93
N ALA B 109 29.27 5.54 12.17
CA ALA B 109 29.66 4.91 13.44
C ALA B 109 31.18 4.81 13.56
N LEU B 110 31.86 4.41 12.48
CA LEU B 110 33.31 4.35 12.51
C LEU B 110 33.92 5.73 12.80
N LEU B 111 33.30 6.80 12.30
CA LEU B 111 33.83 8.13 12.53
C LEU B 111 33.63 8.62 13.96
N ARG B 112 32.80 7.95 14.76
CA ARG B 112 32.72 8.28 16.17
C ARG B 112 33.94 7.79 16.94
N ILE B 113 34.72 6.89 16.36
CA ILE B 113 36.02 6.52 16.91
C ILE B 113 36.99 7.65 16.58
N PRO B 114 37.45 8.44 17.57
CA PRO B 114 38.27 9.62 17.23
C PRO B 114 39.68 9.26 16.77
N ASP B 115 40.24 8.17 17.27
CA ASP B 115 41.61 7.80 16.97
C ASP B 115 41.66 7.10 15.61
N THR B 116 42.32 7.73 14.63
CA THR B 116 42.39 7.16 13.29
C THR B 116 42.97 5.75 13.29
N ALA B 117 44.03 5.54 14.08
CA ALA B 117 44.67 4.22 14.11
C ALA B 117 43.72 3.17 14.68
N THR B 118 42.99 3.51 15.73
CA THR B 118 42.03 2.55 16.29
C THR B 118 40.93 2.25 15.29
N ARG B 119 40.43 3.29 14.62
CA ARG B 119 39.37 3.11 13.64
C ARG B 119 39.84 2.21 12.50
N ASP B 120 40.98 2.53 11.90
CA ASP B 120 41.49 1.75 10.77
C ASP B 120 41.83 0.33 11.19
N ALA B 121 42.30 0.12 12.42
CA ALA B 121 42.55 -1.25 12.89
C ALA B 121 41.25 -2.01 13.05
N LEU B 122 40.20 -1.36 13.55
CA LEU B 122 38.90 -2.03 13.66
C LEU B 122 38.40 -2.43 12.28
N ILE B 123 38.57 -1.55 11.30
CA ILE B 123 38.08 -1.83 9.95
C ILE B 123 38.81 -3.04 9.36
N ARG B 124 40.15 -3.02 9.44
CA ARG B 124 40.94 -4.06 8.80
C ARG B 124 40.76 -5.41 9.49
N ASP B 125 40.68 -5.42 10.82
CA ASP B 125 40.75 -6.67 11.56
C ASP B 125 39.41 -7.19 12.04
N LYS B 126 38.37 -6.36 12.05
CA LYS B 126 37.07 -6.80 12.58
C LYS B 126 35.93 -6.58 11.60
N ILE B 127 35.84 -5.37 11.02
CA ILE B 127 34.68 -5.02 10.21
C ILE B 127 34.74 -5.69 8.84
N ALA B 128 35.91 -5.74 8.22
CA ALA B 128 36.00 -6.25 6.86
C ALA B 128 35.76 -7.76 6.78
N ASP B 129 35.84 -8.47 7.90
CA ASP B 129 35.54 -9.88 8.00
C ASP B 129 34.10 -10.12 8.47
N GLY B 130 33.21 -9.14 8.24
CA GLY B 130 31.81 -9.27 8.57
C GLY B 130 31.44 -9.06 10.01
N ASN B 131 32.38 -9.25 10.95
CA ASN B 131 32.04 -9.14 12.37
C ASN B 131 31.74 -7.69 12.75
N TRP B 132 30.80 -7.06 12.02
CA TRP B 132 30.45 -5.67 12.30
C TRP B 132 29.41 -5.56 13.40
N LYS B 133 28.50 -6.54 13.51
CA LYS B 133 27.45 -6.48 14.50
C LYS B 133 27.99 -6.48 15.93
N SER B 134 29.22 -6.97 16.14
CA SER B 134 29.78 -7.10 17.47
C SER B 134 30.51 -5.84 17.94
N HIS B 135 31.30 -5.23 17.07
CA HIS B 135 32.22 -4.17 17.47
C HIS B 135 31.64 -2.77 17.34
N LEU B 136 30.43 -2.61 16.82
CA LEU B 136 29.85 -1.29 16.66
C LEU B 136 28.37 -1.26 17.06
N SER B 139 24.86 -1.72 21.63
CA SER B 139 23.74 -1.17 22.39
C SER B 139 22.99 -0.12 21.57
N ARG B 140 23.72 0.60 20.74
CA ARG B 140 23.16 1.60 19.84
C ARG B 140 23.13 1.00 18.44
N SER B 141 21.94 0.99 17.82
CA SER B 141 21.85 0.51 16.45
C SER B 141 22.77 1.33 15.55
N LEU B 142 23.46 0.64 14.65
CA LEU B 142 24.25 1.32 13.64
C LEU B 142 23.39 2.26 12.80
N PHE B 143 22.08 1.97 12.70
CA PHE B 143 21.21 2.61 11.74
C PHE B 143 20.28 3.66 12.36
N VAL B 144 20.65 4.20 13.53
CA VAL B 144 19.83 5.21 14.19
C VAL B 144 19.52 6.39 13.27
N ASN B 145 20.52 6.84 12.51
CA ASN B 145 20.36 8.00 11.64
C ASN B 145 20.15 7.61 10.18
N ALA B 146 19.66 6.40 9.92
CA ALA B 146 19.52 5.93 8.55
C ALA B 146 18.50 6.76 7.78
N ALA B 147 17.49 7.33 8.44
CA ALA B 147 16.55 8.17 7.70
C ALA B 147 17.28 9.36 7.10
N THR B 148 18.25 9.90 7.83
CA THR B 148 19.07 10.99 7.32
C THR B 148 19.91 10.52 6.13
N TRP B 149 20.63 9.41 6.28
CA TRP B 149 21.42 8.92 5.17
C TRP B 149 20.55 8.47 4.01
N GLY B 150 19.34 7.99 4.28
CA GLY B 150 18.42 7.67 3.20
C GLY B 150 18.12 8.86 2.33
N LEU B 151 17.92 10.04 2.95
CA LEU B 151 17.79 11.26 2.17
C LEU B 151 19.05 11.53 1.36
N VAL B 152 20.23 11.40 1.98
CA VAL B 152 21.47 11.67 1.27
C VAL B 152 21.59 10.78 0.04
N VAL B 153 21.31 9.48 0.23
CA VAL B 153 21.58 8.50 -0.82
C VAL B 153 20.50 8.51 -1.89
N THR B 154 19.23 8.61 -1.48
CA THR B 154 18.12 8.40 -2.39
C THR B 154 17.33 9.65 -2.71
N GLY B 155 17.45 10.70 -1.92
CA GLY B 155 16.57 11.84 -2.04
C GLY B 155 15.20 11.65 -1.46
N LYS B 156 14.90 10.48 -0.90
CA LYS B 156 13.60 10.19 -0.32
C LYS B 156 13.74 10.06 1.19
N LEU B 157 12.73 10.52 1.92
CA LEU B 157 12.71 10.41 3.37
C LEU B 157 11.81 9.25 3.77
N THR B 158 12.32 8.35 4.59
CA THR B 158 11.52 7.29 5.20
C THR B 158 11.55 7.53 6.70
N SER B 159 10.36 7.63 7.30
CA SER B 159 10.27 8.13 8.68
C SER B 159 10.95 7.20 9.68
N THR B 160 10.79 5.89 9.50
CA THR B 160 11.46 4.93 10.35
C THR B 160 12.38 4.06 9.49
N VAL B 161 13.21 3.30 10.19
CA VAL B 161 14.37 2.62 9.61
C VAL B 161 14.05 1.15 9.52
N ASN B 162 14.17 0.55 8.32
CA ASN B 162 14.07 -0.90 8.23
C ASN B 162 15.44 -1.47 8.59
N ASP B 163 15.64 -1.69 9.90
CA ASP B 163 16.95 -2.13 10.35
C ASP B 163 17.28 -3.57 9.97
N ARG B 164 16.29 -4.41 9.69
CA ARG B 164 16.62 -5.74 9.18
C ARG B 164 17.07 -5.69 7.74
N SER B 165 16.43 -4.85 6.93
CA SER B 165 16.89 -4.62 5.56
C SER B 165 18.30 -4.06 5.54
N LEU B 166 18.57 -3.09 6.40
CA LEU B 166 19.88 -2.44 6.41
C LEU B 166 20.95 -3.39 6.92
N ALA B 167 20.63 -4.21 7.93
CA ALA B 167 21.59 -5.20 8.40
C ALA B 167 21.92 -6.19 7.30
N ALA B 168 20.89 -6.66 6.59
CA ALA B 168 21.12 -7.56 5.46
C ALA B 168 21.99 -6.90 4.40
N ALA B 169 21.70 -5.63 4.08
CA ALA B 169 22.45 -4.94 3.03
C ALA B 169 23.89 -4.69 3.44
N LEU B 170 24.12 -4.38 4.72
CA LEU B 170 25.48 -4.14 5.16
C LEU B 170 26.30 -5.43 5.14
N THR B 171 25.72 -6.53 5.60
CA THR B 171 26.41 -7.80 5.50
C THR B 171 26.69 -8.16 4.05
N ARG B 172 25.72 -7.90 3.17
CA ARG B 172 25.89 -8.27 1.78
C ARG B 172 27.01 -7.46 1.14
N LEU B 173 27.04 -6.14 1.39
CA LEU B 173 28.03 -5.31 0.74
C LEU B 173 29.44 -5.59 1.30
N ILE B 174 29.57 -5.84 2.60
CA ILE B 174 30.89 -6.12 3.15
C ILE B 174 31.39 -7.47 2.65
N SER B 175 30.51 -8.47 2.66
CA SER B 175 30.92 -9.79 2.17
C SER B 175 31.25 -9.75 0.68
N ARG B 176 30.67 -8.80 -0.06
CA ARG B 176 30.94 -8.71 -1.49
C ARG B 176 32.21 -7.92 -1.79
N CYS B 177 32.41 -6.78 -1.12
CA CYS B 177 33.46 -5.85 -1.52
C CYS B 177 34.47 -5.53 -0.42
N GLY B 178 34.24 -5.92 0.82
CA GLY B 178 35.30 -5.95 1.81
C GLY B 178 35.80 -4.58 2.24
N GLU B 179 37.05 -4.55 2.72
CA GLU B 179 37.61 -3.32 3.24
C GLU B 179 37.60 -2.16 2.24
N PRO B 180 37.87 -2.34 0.94
CA PRO B 180 37.86 -1.17 0.05
C PRO B 180 36.55 -0.38 0.05
N VAL B 181 35.39 -1.05 0.10
CA VAL B 181 34.16 -0.27 0.10
C VAL B 181 33.93 0.39 1.45
N ILE B 182 34.35 -0.25 2.54
CA ILE B 182 34.27 0.37 3.86
C ILE B 182 35.12 1.63 3.89
N ARG B 183 36.34 1.52 3.37
CA ARG B 183 37.24 2.66 3.26
C ARG B 183 36.59 3.82 2.50
N ARG B 184 36.07 3.53 1.30
CA ARG B 184 35.42 4.57 0.51
C ARG B 184 34.26 5.21 1.25
N GLY B 185 33.45 4.40 1.94
CA GLY B 185 32.34 4.98 2.68
C GLY B 185 32.81 5.88 3.82
N VAL B 186 33.81 5.43 4.56
CA VAL B 186 34.36 6.24 5.65
C VAL B 186 34.87 7.57 5.12
N ASP B 187 35.71 7.51 4.08
CA ASP B 187 36.29 8.75 3.55
C ASP B 187 35.21 9.67 3.02
N MET B 188 34.16 9.10 2.41
CA MET B 188 33.05 9.89 1.88
C MET B 188 32.26 10.55 3.01
N ALA B 189 31.93 9.80 4.05
CA ALA B 189 31.21 10.39 5.18
C ALA B 189 32.06 11.45 5.88
N MET B 190 33.36 11.19 6.02
CA MET B 190 34.25 12.17 6.65
C MET B 190 34.21 13.50 5.89
N ARG B 191 34.31 13.45 4.57
CA ARG B 191 34.26 14.66 3.76
C ARG B 191 32.90 15.33 3.86
N MET B 192 31.82 14.55 3.76
CA MET B 192 30.49 15.16 3.80
C MET B 192 30.24 15.82 5.15
N MET B 193 30.59 15.12 6.23
CA MET B 193 30.28 15.63 7.55
C MET B 193 31.30 16.65 8.04
N GLY B 194 32.46 16.75 7.39
CA GLY B 194 33.48 17.67 7.84
C GLY B 194 33.62 18.90 6.97
N GLU B 195 33.15 18.83 5.71
CA GLU B 195 33.38 19.90 4.74
C GLU B 195 32.15 20.32 3.95
N GLN B 196 31.13 19.48 3.84
CA GLN B 196 29.95 19.80 3.04
CA GLN B 196 29.96 19.81 3.04
C GLN B 196 28.76 20.19 3.90
N PHE B 197 28.38 19.35 4.87
CA PHE B 197 27.27 19.71 5.75
C PHE B 197 27.66 20.82 6.72
N VAL B 198 28.95 21.02 6.96
CA VAL B 198 29.44 22.13 7.75
C VAL B 198 30.61 22.75 7.00
N THR B 199 30.83 24.03 7.24
CA THR B 199 32.04 24.67 6.76
C THR B 199 33.26 24.15 7.53
N GLY B 200 33.07 23.89 8.81
CA GLY B 200 34.11 23.28 9.61
C GLY B 200 33.53 22.77 10.90
N GLU B 201 34.29 21.89 11.56
CA GLU B 201 33.84 21.33 12.82
C GLU B 201 33.89 22.35 13.94
N THR B 202 34.85 23.27 13.89
CA THR B 202 35.00 24.32 14.89
C THR B 202 35.03 25.66 14.17
N ILE B 203 34.86 26.74 14.93
CA ILE B 203 34.93 28.07 14.32
C ILE B 203 36.32 28.32 13.75
N ARG B 204 37.37 27.83 14.42
CA ARG B 204 38.72 28.03 13.88
C ARG B 204 38.86 27.38 12.52
N GLU B 205 38.33 26.17 12.36
CA GLU B 205 38.41 25.51 11.06
C GLU B 205 37.55 26.22 10.03
N ALA B 206 36.34 26.63 10.42
CA ALA B 206 35.45 27.31 9.47
C ALA B 206 36.06 28.62 9.00
N LEU B 207 36.64 29.40 9.93
CA LEU B 207 37.24 30.68 9.56
C LEU B 207 38.42 30.48 8.63
N LYS B 208 39.25 29.46 8.91
CA LYS B 208 40.38 29.19 8.03
C LYS B 208 39.90 28.84 6.62
N ARG B 209 38.81 28.10 6.52
CA ARG B 209 38.30 27.70 5.21
C ARG B 209 37.50 28.80 4.52
N SER B 210 37.23 29.91 5.21
CA SER B 210 36.42 30.97 4.64
C SER B 210 37.23 31.94 3.77
N LYS B 211 38.55 32.00 3.99
CA LYS B 211 39.37 32.99 3.31
C LYS B 211 39.27 32.87 1.79
N GLU B 212 39.20 31.64 1.27
CA GLU B 212 39.26 31.44 -0.17
C GLU B 212 38.13 32.15 -0.88
N LEU B 213 36.90 31.96 -0.42
CA LEU B 213 35.77 32.59 -1.08
C LEU B 213 35.62 34.05 -0.67
N GLU B 214 36.08 34.44 0.52
CA GLU B 214 36.08 35.86 0.86
C GLU B 214 36.98 36.65 -0.07
N GLU B 215 38.10 36.05 -0.50
CA GLU B 215 38.99 36.73 -1.44
C GLU B 215 38.34 36.90 -2.80
N LYS B 216 37.33 36.12 -3.13
CA LYS B 216 36.57 36.28 -4.35
C LYS B 216 35.39 37.22 -4.22
N GLY B 217 35.10 37.71 -3.01
CA GLY B 217 34.02 38.64 -2.80
C GLY B 217 32.82 38.06 -2.05
N PHE B 218 32.89 36.80 -1.63
CA PHE B 218 31.85 36.28 -0.74
C PHE B 218 32.07 36.80 0.67
N SER B 219 31.02 36.73 1.48
CA SER B 219 31.12 36.98 2.91
C SER B 219 30.49 35.79 3.62
N TYR B 220 30.49 35.82 4.96
CA TYR B 220 30.03 34.67 5.72
C TYR B 220 29.13 35.10 6.86
N SER B 221 28.22 34.20 7.23
CA SER B 221 27.47 34.29 8.47
C SER B 221 27.47 32.90 9.08
N TYR B 222 28.07 32.74 10.25
CA TYR B 222 28.29 31.42 10.82
C TYR B 222 27.07 30.95 11.60
N ASP B 223 26.68 29.72 11.35
CA ASP B 223 25.53 29.08 11.97
C ASP B 223 26.09 28.05 12.94
N MET B 224 26.08 28.38 14.23
CA MET B 224 26.70 27.50 15.20
C MET B 224 25.85 26.27 15.56
N LEU B 225 24.73 26.07 14.86
CA LEU B 225 23.97 24.81 14.91
C LEU B 225 23.43 24.51 16.31
N GLY B 226 23.09 25.54 17.08
CA GLY B 226 22.38 25.37 18.33
C GLY B 226 20.92 25.72 18.14
N GLU B 227 20.04 24.94 18.76
CA GLU B 227 18.63 25.30 18.75
C GLU B 227 17.87 24.44 19.74
N ALA B 228 16.68 24.93 20.09
CA ALA B 228 15.72 24.19 20.90
C ALA B 228 16.35 23.68 22.19
N ALA B 229 16.85 24.62 23.00
CA ALA B 229 17.29 24.28 24.35
C ALA B 229 16.17 23.57 25.10
N THR B 230 16.51 22.47 25.76
CA THR B 230 15.56 21.71 26.56
C THR B 230 15.67 22.04 28.04
N THR B 231 16.86 22.38 28.50
CA THR B 231 17.11 22.64 29.91
C THR B 231 17.79 23.99 30.04
N ALA B 232 17.80 24.49 31.27
CA ALA B 232 18.57 25.68 31.58
C ALA B 232 20.03 25.50 31.18
N ALA B 233 20.61 24.34 31.48
CA ALA B 233 22.02 24.12 31.16
C ALA B 233 22.25 24.17 29.65
N ASP B 234 21.32 23.63 28.87
CA ASP B 234 21.41 23.73 27.41
C ASP B 234 21.51 25.18 26.97
N ALA B 235 20.60 26.01 27.47
CA ALA B 235 20.53 27.40 27.01
C ALA B 235 21.75 28.18 27.46
N GLU B 236 22.24 27.91 28.67
CA GLU B 236 23.43 28.61 29.14
C GLU B 236 24.64 28.21 28.31
N ARG B 237 24.72 26.94 27.93
CA ARG B 237 25.83 26.49 27.10
C ARG B 237 25.75 27.12 25.71
N TYR B 238 24.56 27.13 25.10
CA TYR B 238 24.44 27.75 23.78
C TYR B 238 24.83 29.21 23.83
N TYR B 239 24.41 29.90 24.89
CA TYR B 239 24.76 31.30 25.08
C TYR B 239 26.28 31.48 25.14
N ARG B 240 26.94 30.68 25.97
CA ARG B 240 28.39 30.81 26.08
C ARG B 240 29.08 30.41 24.78
N ASP B 241 28.55 29.41 24.08
CA ASP B 241 29.13 29.02 22.80
C ASP B 241 28.98 30.14 21.77
N TYR B 242 27.83 30.81 21.75
CA TYR B 242 27.65 31.97 20.88
C TYR B 242 28.65 33.07 21.25
N GLU B 243 28.77 33.35 22.54
CA GLU B 243 29.68 34.39 23.00
C GLU B 243 31.10 34.11 22.54
N SER B 244 31.54 32.87 22.73
CA SER B 244 32.88 32.48 22.28
C SER B 244 33.03 32.62 20.78
N ALA B 245 32.01 32.20 20.03
CA ALA B 245 32.06 32.31 18.57
C ALA B 245 32.16 33.76 18.12
N ILE B 246 31.44 34.68 18.79
CA ILE B 246 31.47 36.08 18.38
C ILE B 246 32.86 36.65 18.59
N HIS B 247 33.52 36.30 19.69
CA HIS B 247 34.90 36.74 19.86
C HIS B 247 35.77 36.25 18.70
N ALA B 248 35.61 34.99 18.30
CA ALA B 248 36.44 34.46 17.22
C ALA B 248 36.11 35.12 15.90
N ILE B 249 34.82 35.25 15.59
CA ILE B 249 34.39 35.87 14.35
C ILE B 249 34.76 37.34 14.32
N GLY B 250 34.58 38.03 15.46
CA GLY B 250 34.89 39.45 15.50
C GLY B 250 36.38 39.71 15.32
N LYS B 251 37.22 38.92 15.98
CA LYS B 251 38.66 39.06 15.79
C LYS B 251 39.06 38.78 14.35
N ALA B 252 38.46 37.74 13.75
CA ALA B 252 38.74 37.42 12.34
C ALA B 252 38.28 38.55 11.42
N SER B 253 37.12 39.13 11.70
CA SER B 253 36.62 40.25 10.92
C SER B 253 37.66 41.36 10.84
N ALA B 254 38.36 41.60 11.94
CA ALA B 254 39.48 42.55 11.99
C ALA B 254 39.08 43.88 11.36
N GLY B 255 37.91 44.38 11.75
CA GLY B 255 37.49 45.70 11.32
C GLY B 255 36.96 45.82 9.91
N ARG B 256 36.65 44.72 9.23
CA ARG B 256 36.09 44.81 7.89
C ARG B 256 34.66 45.34 7.89
N GLY B 257 34.00 45.40 9.04
CA GLY B 257 32.64 45.91 9.09
C GLY B 257 31.60 44.86 8.77
N ILE B 258 30.34 45.28 8.81
CA ILE B 258 29.23 44.32 8.76
C ILE B 258 28.91 43.81 7.35
N TYR B 259 29.39 44.46 6.30
CA TYR B 259 29.10 44.01 4.93
C TYR B 259 30.21 43.13 4.37
N GLU B 260 31.45 43.60 4.37
CA GLU B 260 32.54 42.76 3.88
C GLU B 260 32.87 41.67 4.88
N GLY B 261 32.82 42.00 6.17
CA GLY B 261 33.27 41.09 7.20
C GLY B 261 32.22 40.07 7.59
N PRO B 262 32.66 39.02 8.29
CA PRO B 262 31.74 37.95 8.67
C PRO B 262 30.82 38.35 9.80
N GLY B 263 29.73 37.59 9.91
CA GLY B 263 28.79 37.74 11.01
C GLY B 263 28.40 36.40 11.61
N ILE B 264 27.46 36.42 12.55
CA ILE B 264 26.96 35.22 13.19
C ILE B 264 25.45 35.21 13.07
N SER B 265 24.88 34.00 13.06
CA SER B 265 23.44 33.81 13.14
C SER B 265 23.14 33.04 14.41
N ILE B 266 22.02 33.38 15.05
CA ILE B 266 21.59 32.72 16.27
C ILE B 266 20.13 32.32 16.12
N LYS B 267 19.72 31.33 16.91
CA LYS B 267 18.31 30.98 17.06
C LYS B 267 17.88 31.29 18.48
N LEU B 268 16.79 32.06 18.62
CA LEU B 268 16.34 32.39 19.97
C LEU B 268 15.95 31.14 20.77
N SER B 269 15.51 30.08 20.10
CA SER B 269 15.14 28.85 20.80
C SER B 269 16.33 28.19 21.49
N ALA B 270 17.54 28.53 21.06
CA ALA B 270 18.74 28.01 21.71
C ALA B 270 19.02 28.70 23.04
N LEU B 271 18.45 29.89 23.25
CA LEU B 271 18.85 30.74 24.36
C LEU B 271 17.91 30.66 25.54
N HIS B 272 16.87 29.83 25.46
CA HIS B 272 15.98 29.66 26.59
C HIS B 272 15.21 28.38 26.42
N PRO B 273 15.01 27.59 27.48
CA PRO B 273 14.22 26.36 27.35
C PRO B 273 12.73 26.59 27.22
N ARG B 274 12.21 27.80 27.50
CA ARG B 274 10.77 28.08 27.42
C ARG B 274 10.53 29.29 26.52
N TYR B 275 11.04 29.20 25.29
CA TYR B 275 10.87 30.26 24.30
C TYR B 275 9.52 30.08 23.64
N SER B 276 8.51 30.76 24.18
CA SER B 276 7.15 30.67 23.65
C SER B 276 6.34 31.85 24.15
N ARG B 277 5.28 32.18 23.41
CA ARG B 277 4.38 33.25 23.82
C ARG B 277 3.80 32.98 25.20
N ALA B 278 3.53 31.71 25.52
CA ALA B 278 2.96 31.41 26.83
C ALA B 278 3.91 31.80 27.95
N GLN B 279 5.21 31.87 27.70
CA GLN B 279 6.19 32.27 28.71
C GLN B 279 6.84 33.60 28.36
N ALA B 280 6.06 34.51 27.76
CA ALA B 280 6.64 35.74 27.22
C ALA B 280 7.37 36.54 28.31
N ALA B 281 6.84 36.57 29.52
CA ALA B 281 7.52 37.30 30.58
C ALA B 281 8.90 36.72 30.86
N ARG B 282 9.01 35.39 30.93
CA ARG B 282 10.33 34.79 31.12
C ARG B 282 11.22 35.05 29.91
N VAL B 283 10.64 35.04 28.72
CA VAL B 283 11.44 35.34 27.53
C VAL B 283 12.01 36.75 27.61
N MET B 284 11.18 37.74 27.93
CA MET B 284 11.69 39.11 27.98
C MET B 284 12.67 39.30 29.14
N GLY B 285 12.47 38.56 30.24
CA GLY B 285 13.30 38.76 31.42
C GLY B 285 14.59 37.99 31.42
N GLU B 286 14.63 36.86 30.70
CA GLU B 286 15.76 35.93 30.78
C GLU B 286 16.43 35.69 29.44
N LEU B 287 15.65 35.58 28.37
CA LEU B 287 16.23 35.38 27.05
C LEU B 287 16.76 36.68 26.49
N LEU B 288 15.98 37.75 26.56
CA LEU B 288 16.40 39.04 25.99
C LEU B 288 17.73 39.53 26.51
N PRO B 289 18.03 39.48 27.82
CA PRO B 289 19.36 39.93 28.27
C PRO B 289 20.50 39.15 27.63
N ARG B 290 20.28 37.89 27.31
CA ARG B 290 21.31 37.11 26.64
C ARG B 290 21.54 37.63 25.23
N VAL B 291 20.46 37.87 24.48
CA VAL B 291 20.63 38.42 23.13
C VAL B 291 21.29 39.79 23.21
N LYS B 292 20.88 40.61 24.18
CA LYS B 292 21.51 41.92 24.32
C LYS B 292 23.01 41.79 24.54
N ALA B 293 23.42 40.85 25.40
CA ALA B 293 24.84 40.70 25.66
C ALA B 293 25.59 40.29 24.41
N LEU B 294 25.01 39.38 23.63
CA LEU B 294 25.64 38.95 22.39
C LEU B 294 25.71 40.10 21.39
N ALA B 295 24.62 40.87 21.31
CA ALA B 295 24.59 42.03 20.42
C ALA B 295 25.65 43.06 20.81
N LEU B 296 25.78 43.32 22.11
CA LEU B 296 26.83 44.23 22.58
C LEU B 296 28.21 43.77 22.12
N LEU B 297 28.47 42.46 22.18
CA LEU B 297 29.75 41.94 21.69
C LEU B 297 29.88 42.10 20.18
N ALA B 298 28.81 41.79 19.44
CA ALA B 298 28.85 41.97 18.00
C ALA B 298 29.06 43.42 17.64
N LYS B 299 28.41 44.35 18.37
CA LYS B 299 28.67 45.77 18.16
C LYS B 299 30.14 46.11 18.40
N ASN B 300 30.71 45.59 19.48
CA ASN B 300 32.10 45.90 19.82
C ASN B 300 33.03 45.52 18.69
N TYR B 301 32.79 44.39 18.04
CA TYR B 301 33.60 43.98 16.90
C TYR B 301 33.08 44.50 15.57
N ASP B 302 31.94 45.19 15.58
CA ASP B 302 31.25 45.65 14.38
C ASP B 302 31.05 44.51 13.36
N ILE B 303 30.37 43.46 13.82
CA ILE B 303 29.95 42.37 12.95
C ILE B 303 28.42 42.29 12.96
N GLY B 304 27.89 41.55 12.00
CA GLY B 304 26.45 41.30 11.97
C GLY B 304 26.06 40.19 12.93
N LEU B 305 24.91 40.37 13.56
CA LEU B 305 24.32 39.35 14.42
C LEU B 305 22.88 39.19 13.97
N ASN B 306 22.58 38.03 13.38
CA ASN B 306 21.32 37.76 12.72
C ASN B 306 20.46 36.82 13.56
N ILE B 307 19.19 37.16 13.73
CA ILE B 307 18.23 36.30 14.42
C ILE B 307 17.50 35.47 13.36
N ASP B 308 17.80 34.16 13.34
CA ASP B 308 17.12 33.24 12.45
C ASP B 308 15.63 33.18 12.79
N ALA B 309 14.82 32.91 11.78
CA ALA B 309 13.38 32.75 11.97
C ALA B 309 13.03 31.28 12.12
N GLU B 310 12.14 30.98 13.05
CA GLU B 310 11.82 29.60 13.37
C GLU B 310 10.34 29.33 13.15
N GLU B 311 9.66 28.70 14.11
CA GLU B 311 8.27 28.31 13.88
C GLU B 311 7.35 29.53 13.84
N ALA B 312 6.19 29.35 13.20
CA ALA B 312 5.28 30.47 12.99
C ALA B 312 4.79 31.08 14.30
N ASP B 313 4.61 30.27 15.34
CA ASP B 313 4.12 30.83 16.59
C ASP B 313 5.21 31.51 17.42
N ARG B 314 6.41 31.68 16.88
CA ARG B 314 7.45 32.46 17.52
C ARG B 314 7.74 33.76 16.80
N LEU B 315 7.12 33.99 15.64
CA LEU B 315 7.43 35.17 14.84
C LEU B 315 7.17 36.46 15.60
N GLU B 316 5.94 36.65 16.08
CA GLU B 316 5.61 37.95 16.65
C GLU B 316 6.31 38.15 18.00
N LEU B 317 6.46 37.08 18.78
CA LEU B 317 7.25 37.19 20.01
C LEU B 317 8.65 37.70 19.73
N SER B 318 9.28 37.19 18.67
CA SER B 318 10.64 37.63 18.36
C SER B 318 10.68 39.12 18.04
N LEU B 319 9.58 39.68 17.54
CA LEU B 319 9.56 41.12 17.25
C LEU B 319 9.66 41.94 18.52
N ASP B 320 9.16 41.41 19.64
CA ASP B 320 9.28 42.17 20.89
C ASP B 320 10.72 42.25 21.35
N LEU B 321 11.54 41.24 21.04
CA LEU B 321 12.97 41.34 21.32
C LEU B 321 13.65 42.30 20.35
N LEU B 322 13.33 42.19 19.05
CA LEU B 322 13.88 43.10 18.07
C LEU B 322 13.60 44.55 18.42
N GLU B 323 12.36 44.85 18.82
CA GLU B 323 11.99 46.18 19.27
C GLU B 323 12.95 46.73 20.31
N VAL B 324 13.17 45.95 21.38
CA VAL B 324 13.99 46.42 22.50
C VAL B 324 15.44 46.59 22.07
N LEU B 325 15.95 45.67 21.25
CA LEU B 325 17.35 45.75 20.86
C LEU B 325 17.62 46.98 19.99
N CYS B 326 16.71 47.29 19.07
CA CYS B 326 16.91 48.44 18.20
C CYS B 326 16.79 49.77 18.94
N LEU B 327 16.03 49.80 20.05
CA LEU B 327 15.89 51.02 20.85
C LEU B 327 16.89 51.11 21.98
N ASP B 328 17.75 50.10 22.15
CA ASP B 328 18.69 50.06 23.27
C ASP B 328 19.88 50.97 22.96
N GLY B 329 20.02 52.06 23.70
CA GLY B 329 21.10 53.00 23.47
C GLY B 329 22.49 52.41 23.61
N ASP B 330 22.63 51.28 24.33
CA ASP B 330 23.93 50.66 24.43
C ASP B 330 24.42 50.15 23.08
N LEU B 331 23.51 49.94 22.13
CA LEU B 331 23.87 49.48 20.79
C LEU B 331 23.90 50.61 19.77
N SER B 332 23.93 51.85 20.25
CA SER B 332 23.87 53.03 19.38
C SER B 332 24.85 52.94 18.22
N GLY B 333 24.37 53.21 17.01
CA GLY B 333 25.23 53.30 15.85
C GLY B 333 25.60 51.98 15.20
N TRP B 334 25.29 50.86 15.85
CA TRP B 334 25.57 49.54 15.27
C TRP B 334 24.48 49.20 14.27
N ASN B 335 24.85 48.91 13.03
CA ASN B 335 23.89 48.52 12.01
C ASN B 335 23.95 47.03 11.73
N GLY B 336 24.53 46.25 12.63
CA GLY B 336 24.67 44.83 12.40
C GLY B 336 23.54 43.97 12.87
N MET B 337 22.52 44.52 13.50
CA MET B 337 21.36 43.72 13.92
C MET B 337 20.67 43.16 12.70
N GLY B 338 20.59 41.83 12.61
CA GLY B 338 19.97 41.16 11.49
C GLY B 338 18.74 40.39 11.92
N PHE B 339 17.79 40.24 10.99
CA PHE B 339 16.52 39.59 11.35
C PHE B 339 15.95 38.93 10.10
N VAL B 340 15.57 37.65 10.22
CA VAL B 340 15.03 36.87 9.12
C VAL B 340 13.52 37.04 9.08
N VAL B 341 12.96 37.15 7.88
CA VAL B 341 11.52 37.05 7.68
CA VAL B 341 11.52 37.05 7.69
C VAL B 341 11.26 36.00 6.62
N GLN B 342 10.22 35.20 6.82
CA GLN B 342 9.93 34.04 5.98
C GLN B 342 8.83 34.37 4.98
N ALA B 343 9.18 34.37 3.70
CA ALA B 343 8.22 34.73 2.64
C ALA B 343 7.13 33.67 2.47
N TYR B 344 7.33 32.44 2.96
CA TYR B 344 6.18 31.54 2.91
C TYR B 344 5.11 31.89 3.94
N GLY B 345 5.37 32.88 4.79
CA GLY B 345 4.41 33.26 5.82
C GLY B 345 3.50 34.37 5.35
N LYS B 346 2.22 34.26 5.71
CA LYS B 346 1.23 35.24 5.27
C LYS B 346 1.48 36.62 5.86
N ARG B 347 2.17 36.68 7.00
CA ARG B 347 2.40 37.97 7.64
C ARG B 347 3.61 38.71 7.09
N CYS B 348 4.40 38.06 6.23
CA CYS B 348 5.72 38.57 5.83
C CYS B 348 5.72 40.04 5.40
N PRO B 349 4.88 40.49 4.45
CA PRO B 349 4.96 41.90 4.06
C PRO B 349 4.61 42.85 5.21
N PHE B 350 3.71 42.43 6.10
CA PHE B 350 3.35 43.28 7.24
C PHE B 350 4.45 43.29 8.29
N VAL B 351 5.15 42.17 8.46
CA VAL B 351 6.32 42.16 9.33
C VAL B 351 7.38 43.09 8.76
N LEU B 352 7.55 43.12 7.44
CA LEU B 352 8.53 44.00 6.82
C LEU B 352 8.16 45.47 7.03
N ASP B 353 6.87 45.81 6.92
CA ASP B 353 6.44 47.17 7.22
C ASP B 353 6.81 47.57 8.64
N PHE B 354 6.60 46.64 9.59
CA PHE B 354 6.98 46.90 10.97
C PHE B 354 8.48 47.12 11.12
N ILE B 355 9.30 46.25 10.50
CA ILE B 355 10.75 46.34 10.62
C ILE B 355 11.26 47.63 9.98
N ILE B 356 10.75 47.95 8.79
CA ILE B 356 11.19 49.16 8.12
C ILE B 356 10.87 50.37 8.97
N ASP B 357 9.68 50.40 9.57
CA ASP B 357 9.31 51.53 10.42
C ASP B 357 10.16 51.56 11.69
N LEU B 358 10.42 50.39 12.28
CA LEU B 358 11.28 50.32 13.46
C LEU B 358 12.68 50.85 13.15
N ALA B 359 13.21 50.49 11.98
CA ALA B 359 14.51 51.00 11.57
C ALA B 359 14.49 52.52 11.44
N ARG B 360 13.46 53.05 10.78
CA ARG B 360 13.36 54.50 10.59
C ARG B 360 13.39 55.24 11.93
N ARG B 361 12.56 54.80 12.87
CA ARG B 361 12.42 55.55 14.11
C ARG B 361 13.55 55.26 15.11
N SER B 362 14.26 54.15 14.97
CA SER B 362 15.35 53.85 15.89
C SER B 362 16.69 54.34 15.39
N GLY B 363 16.80 54.79 14.14
CA GLY B 363 18.11 55.17 13.63
C GLY B 363 19.05 54.00 13.48
N ARG B 364 18.51 52.81 13.23
CA ARG B 364 19.28 51.60 12.99
C ARG B 364 19.01 51.11 11.59
N ARG B 365 20.05 50.85 10.82
CA ARG B 365 19.88 50.13 9.59
C ARG B 365 19.83 48.65 9.93
N ILE B 366 18.68 48.03 9.76
CA ILE B 366 18.47 46.64 10.15
C ILE B 366 18.78 45.76 8.95
N MET B 367 19.57 44.71 9.17
CA MET B 367 19.84 43.74 8.10
C MET B 367 18.68 42.76 8.05
N VAL B 368 18.02 42.65 6.90
CA VAL B 368 16.80 41.86 6.78
C VAL B 368 17.07 40.71 5.83
N ARG B 369 17.10 39.49 6.35
CA ARG B 369 17.30 38.32 5.49
C ARG B 369 15.94 37.82 5.07
N LEU B 370 15.64 37.91 3.79
CA LEU B 370 14.40 37.37 3.24
C LEU B 370 14.67 35.93 2.81
N VAL B 371 13.94 35.00 3.42
CA VAL B 371 14.03 33.59 3.08
C VAL B 371 12.64 33.13 2.70
N LYS B 372 12.56 31.92 2.15
CA LYS B 372 11.22 31.38 1.90
C LYS B 372 10.67 30.73 3.17
N GLY B 373 11.38 29.75 3.74
CA GLY B 373 11.02 29.24 5.05
C GLY B 373 11.29 27.76 5.18
N ALA B 374 11.76 27.31 6.36
CA ALA B 374 12.31 25.97 6.51
C ALA B 374 11.37 24.98 7.20
N TYR B 375 10.19 25.41 7.65
CA TYR B 375 9.36 24.59 8.53
C TYR B 375 8.02 24.26 7.89
N TRP B 376 7.94 24.26 6.55
CA TRP B 376 6.64 24.23 5.89
C TRP B 376 5.78 23.03 6.32
N ASP B 377 6.31 21.80 6.18
CA ASP B 377 5.41 20.67 6.43
C ASP B 377 5.02 20.58 7.90
N ALA B 378 5.86 21.08 8.81
CA ALA B 378 5.48 21.09 10.22
C ALA B 378 4.38 22.12 10.50
N GLU B 379 4.41 23.24 9.78
CA GLU B 379 3.36 24.24 9.96
C GLU B 379 2.03 23.72 9.47
N ILE B 380 2.03 22.94 8.38
CA ILE B 380 0.79 22.34 7.91
C ILE B 380 0.25 21.39 8.97
N LYS B 381 1.10 20.51 9.48
CA LYS B 381 0.66 19.55 10.48
C LYS B 381 0.13 20.25 11.72
N ARG B 382 0.83 21.29 12.17
CA ARG B 382 0.47 21.93 13.43
C ARG B 382 -0.89 22.63 13.34
N ALA B 383 -1.15 23.34 12.25
CA ALA B 383 -2.44 24.02 12.11
C ALA B 383 -3.57 23.01 12.02
N GLN B 384 -3.34 21.88 11.34
CA GLN B 384 -4.36 20.84 11.30
C GLN B 384 -4.60 20.25 12.68
N LEU B 385 -3.53 19.89 13.40
CA LEU B 385 -3.70 19.34 14.73
C LEU B 385 -4.48 20.27 15.63
N ASP B 386 -4.20 21.57 15.52
CA ASP B 386 -4.81 22.53 16.43
C ASP B 386 -6.16 23.05 15.95
N GLY B 387 -6.66 22.57 14.81
CA GLY B 387 -7.99 22.95 14.36
C GLY B 387 -8.13 24.44 14.09
N LEU B 388 -7.08 25.07 13.59
CA LEU B 388 -7.12 26.52 13.49
C LEU B 388 -7.71 26.95 12.15
N ALA B 389 -7.99 28.26 12.03
CA ALA B 389 -8.82 28.75 10.93
C ALA B 389 -8.19 28.50 9.57
N ASP B 390 -6.87 28.61 9.49
CA ASP B 390 -6.16 28.45 8.24
C ASP B 390 -4.69 28.23 8.60
N PHE B 391 -3.87 28.07 7.60
CA PHE B 391 -2.45 27.94 7.83
C PHE B 391 -1.79 29.31 7.95
N PRO B 392 -0.68 29.40 8.67
CA PRO B 392 0.11 30.63 8.72
C PRO B 392 1.15 30.72 7.61
N VAL B 393 1.15 29.75 6.71
CA VAL B 393 2.03 29.73 5.55
C VAL B 393 1.15 29.44 4.34
N PHE B 394 1.70 29.71 3.16
CA PHE B 394 1.03 29.35 1.92
C PHE B 394 1.07 27.84 1.74
N THR B 395 0.16 27.33 0.89
CA THR B 395 0.09 25.91 0.62
C THR B 395 0.53 25.54 -0.80
N ARG B 396 0.67 26.51 -1.70
CA ARG B 396 1.26 26.28 -3.02
C ARG B 396 2.64 26.92 -3.06
N LYS B 397 3.61 26.18 -3.58
CA LYS B 397 4.98 26.68 -3.62
C LYS B 397 5.08 27.99 -4.40
N ILE B 398 4.34 28.12 -5.51
CA ILE B 398 4.46 29.33 -6.30
C ILE B 398 3.94 30.54 -5.55
N HIS B 399 3.03 30.34 -4.60
CA HIS B 399 2.60 31.46 -3.78
C HIS B 399 3.75 31.98 -2.94
N THR B 400 4.50 31.07 -2.32
CA THR B 400 5.70 31.49 -1.60
C THR B 400 6.65 32.25 -2.52
N ASP B 401 6.81 31.77 -3.75
CA ASP B 401 7.70 32.45 -4.69
C ASP B 401 7.20 33.85 -4.99
N VAL B 402 5.90 34.01 -5.24
CA VAL B 402 5.36 35.34 -5.51
C VAL B 402 5.52 36.23 -4.29
N SER B 403 5.22 35.70 -3.11
CA SER B 403 5.39 36.44 -1.87
C SER B 403 6.83 36.95 -1.73
N TYR B 404 7.80 36.09 -2.02
CA TYR B 404 9.21 36.48 -1.94
C TYR B 404 9.50 37.66 -2.85
N ILE B 405 9.04 37.60 -4.11
CA ILE B 405 9.30 38.67 -5.06
C ILE B 405 8.62 39.97 -4.60
N ALA B 406 7.38 39.86 -4.13
CA ALA B 406 6.67 41.03 -3.62
C ALA B 406 7.41 41.66 -2.45
N CYS B 407 7.91 40.82 -1.54
CA CYS B 407 8.62 41.36 -0.38
C CYS B 407 10.00 41.91 -0.75
N ALA B 408 10.65 41.35 -1.76
CA ALA B 408 11.88 41.95 -2.26
C ALA B 408 11.62 43.36 -2.80
N ALA B 409 10.48 43.56 -3.47
CA ALA B 409 10.16 44.88 -4.00
C ALA B 409 10.01 45.89 -2.87
N LYS B 410 9.33 45.49 -1.80
CA LYS B 410 9.19 46.34 -0.62
C LYS B 410 10.56 46.67 -0.02
N LEU B 411 11.42 45.65 0.13
CA LEU B 411 12.73 45.86 0.74
C LEU B 411 13.59 46.78 -0.12
N LEU B 412 13.60 46.56 -1.43
CA LEU B 412 14.46 47.34 -2.32
C LEU B 412 14.06 48.81 -2.37
N ALA B 413 12.86 49.13 -1.94
CA ALA B 413 12.42 50.53 -1.90
C ALA B 413 12.77 51.21 -0.58
N ALA B 414 13.39 50.48 0.36
CA ALA B 414 13.71 51.04 1.67
C ALA B 414 15.17 50.83 2.05
N THR B 415 16.07 50.75 1.07
CA THR B 415 17.47 50.42 1.37
C THR B 415 18.18 51.50 2.18
N ASP B 416 17.60 52.69 2.33
CA ASP B 416 18.19 53.67 3.24
C ASP B 416 18.18 53.18 4.68
N VAL B 417 17.08 52.53 5.09
CA VAL B 417 16.92 52.16 6.49
C VAL B 417 17.01 50.66 6.74
N VAL B 418 16.98 49.81 5.71
CA VAL B 418 17.20 48.38 5.92
C VAL B 418 18.17 47.85 4.88
N PHE B 419 18.89 46.78 5.24
CA PHE B 419 19.84 46.15 4.34
C PHE B 419 19.27 44.82 3.88
N PRO B 420 18.67 44.75 2.69
CA PRO B 420 18.03 43.50 2.25
C PRO B 420 19.04 42.42 1.90
N GLN B 421 18.77 41.21 2.38
CA GLN B 421 19.65 40.07 2.16
C GLN B 421 18.80 38.95 1.58
N PHE B 422 18.95 38.68 0.28
CA PHE B 422 18.04 37.77 -0.41
C PHE B 422 18.63 36.37 -0.40
N ALA B 423 18.19 35.57 0.57
CA ALA B 423 18.68 34.20 0.71
C ALA B 423 17.83 33.29 -0.15
N THR B 424 18.42 32.76 -1.22
CA THR B 424 17.70 31.81 -2.04
C THR B 424 18.69 31.06 -2.93
N HIS B 425 18.35 29.82 -3.22
CA HIS B 425 19.07 29.01 -4.20
C HIS B 425 18.36 28.94 -5.53
N ASN B 426 17.25 29.67 -5.67
CA ASN B 426 16.42 29.62 -6.86
C ASN B 426 16.92 30.66 -7.86
N ALA B 427 17.45 30.20 -9.00
CA ALA B 427 18.02 31.13 -9.98
C ALA B 427 16.94 32.00 -10.63
N GLN B 428 15.72 31.49 -10.74
CA GLN B 428 14.65 32.33 -11.27
C GLN B 428 14.30 33.44 -10.29
N THR B 429 14.19 33.10 -8.99
CA THR B 429 14.00 34.12 -7.96
C THR B 429 15.12 35.15 -7.99
N LEU B 430 16.36 34.66 -8.00
CA LEU B 430 17.53 35.53 -7.99
C LEU B 430 17.49 36.50 -9.17
N ALA B 431 17.29 35.97 -10.38
CA ALA B 431 17.33 36.82 -11.56
C ALA B 431 16.27 37.90 -11.51
N ALA B 432 15.08 37.57 -10.99
CA ALA B 432 14.01 38.56 -10.93
C ALA B 432 14.41 39.72 -10.03
N ILE B 433 15.04 39.42 -8.89
CA ILE B 433 15.45 40.47 -7.96
C ILE B 433 16.66 41.22 -8.46
N TYR B 434 17.60 40.50 -9.10
CA TYR B 434 18.75 41.15 -9.70
C TYR B 434 18.33 42.24 -10.67
N HIS B 435 17.32 41.97 -11.50
CA HIS B 435 16.86 42.98 -12.45
C HIS B 435 15.91 43.99 -11.79
N MET B 436 15.14 43.55 -10.81
CA MET B 436 14.30 44.49 -10.06
C MET B 436 15.13 45.59 -9.41
N ALA B 437 16.30 45.24 -8.89
CA ALA B 437 17.10 46.20 -8.14
C ALA B 437 17.72 47.28 -9.02
N GLY B 438 17.77 47.05 -10.33
CA GLY B 438 18.26 48.08 -11.22
C GLY B 438 19.78 48.09 -11.34
N LYS B 439 20.27 49.11 -12.05
CA LYS B 439 21.69 49.20 -12.38
C LYS B 439 22.53 49.86 -11.29
N ASP B 440 21.92 50.72 -10.46
CA ASP B 440 22.67 51.40 -9.42
C ASP B 440 22.96 50.41 -8.30
N PHE B 441 24.23 50.06 -8.11
CA PHE B 441 24.60 49.15 -7.05
C PHE B 441 25.91 49.55 -6.40
N HIS B 442 25.95 49.41 -5.08
CA HIS B 442 27.18 49.52 -4.30
C HIS B 442 27.13 48.45 -3.23
N VAL B 443 28.30 47.98 -2.80
CA VAL B 443 28.31 47.06 -1.66
C VAL B 443 27.76 47.79 -0.46
N GLY B 444 26.80 47.17 0.22
CA GLY B 444 26.06 47.80 1.29
C GLY B 444 24.63 48.13 0.91
N LYS B 445 24.30 48.12 -0.37
CA LYS B 445 22.92 48.39 -0.78
C LYS B 445 22.04 47.19 -0.47
N TYR B 446 22.40 46.03 -1.00
CA TYR B 446 21.75 44.76 -0.67
C TYR B 446 22.74 43.65 -0.97
N GLU B 447 22.40 42.43 -0.55
CA GLU B 447 23.23 41.30 -0.90
C GLU B 447 22.34 40.09 -1.15
N PHE B 448 22.93 39.07 -1.76
CA PHE B 448 22.32 37.75 -1.78
C PHE B 448 22.93 36.91 -0.68
N GLN B 449 22.28 35.78 -0.39
CA GLN B 449 22.79 34.83 0.60
C GLN B 449 22.51 33.42 0.12
N CYS B 450 23.35 32.48 0.55
CA CYS B 450 23.18 31.07 0.22
C CYS B 450 23.74 30.21 1.34
N LEU B 451 23.45 28.93 1.26
CA LEU B 451 23.92 27.95 2.22
C LEU B 451 25.26 27.38 1.78
N HIS B 452 26.19 27.23 2.72
CA HIS B 452 27.46 26.58 2.44
C HIS B 452 27.25 25.20 1.82
N GLY B 453 28.06 24.89 0.82
CA GLY B 453 28.04 23.54 0.26
C GLY B 453 26.74 23.20 -0.42
N MET B 454 26.01 24.21 -0.88
CA MET B 454 24.76 24.03 -1.59
C MET B 454 24.60 25.16 -2.58
N GLY B 455 24.85 26.39 -2.13
CA GLY B 455 24.62 27.56 -2.95
C GLY B 455 25.79 28.04 -3.76
N GLU B 456 27.00 27.53 -3.52
CA GLU B 456 28.16 28.07 -4.22
C GLU B 456 28.10 27.87 -5.73
N PRO B 457 27.64 26.74 -6.28
CA PRO B 457 27.56 26.65 -7.75
C PRO B 457 26.76 27.78 -8.37
N LEU B 458 25.63 28.15 -7.77
CA LEU B 458 24.86 29.27 -8.30
C LEU B 458 25.57 30.60 -8.09
N TYR B 459 26.07 30.85 -6.88
CA TYR B 459 26.60 32.17 -6.64
C TYR B 459 28.02 32.37 -7.15
N GLU B 460 28.71 31.28 -7.54
CA GLU B 460 29.91 31.40 -8.36
C GLU B 460 29.63 32.14 -9.65
N GLU B 461 28.36 32.18 -10.08
CA GLU B 461 27.92 32.82 -11.31
C GLU B 461 27.33 34.19 -11.04
N VAL B 462 27.46 34.69 -9.81
CA VAL B 462 26.88 35.95 -9.37
C VAL B 462 27.94 36.90 -8.86
N VAL B 463 28.76 36.43 -7.91
CA VAL B 463 29.78 37.28 -7.31
C VAL B 463 30.90 37.53 -8.31
N GLY B 464 31.41 38.74 -8.31
CA GLY B 464 32.60 39.11 -9.05
C GLY B 464 32.28 40.00 -10.24
N ARG B 465 33.24 40.86 -10.59
CA ARG B 465 33.05 41.75 -11.73
C ARG B 465 32.83 40.98 -13.03
N GLY B 466 33.40 39.78 -13.13
CA GLY B 466 33.20 38.92 -14.29
C GLY B 466 31.86 38.24 -14.34
N LYS B 467 31.05 38.33 -13.29
CA LYS B 467 29.72 37.74 -13.29
C LYS B 467 28.67 38.84 -13.18
N LEU B 468 27.80 38.77 -12.18
CA LEU B 468 26.81 39.82 -11.99
C LEU B 468 27.30 40.93 -11.07
N ASP B 469 28.50 40.78 -10.50
CA ASP B 469 29.07 41.77 -9.58
C ASP B 469 28.12 42.08 -8.44
N ARG B 470 27.54 41.02 -7.87
CA ARG B 470 26.69 41.14 -6.71
C ARG B 470 27.21 40.24 -5.59
N PRO B 471 27.23 40.72 -4.35
CA PRO B 471 27.82 39.94 -3.27
C PRO B 471 26.87 38.87 -2.77
N CYS B 472 27.46 37.87 -2.13
CA CYS B 472 26.69 36.78 -1.56
C CYS B 472 27.30 36.39 -0.22
N ARG B 473 26.47 36.35 0.81
CA ARG B 473 26.91 35.92 2.14
C ARG B 473 26.57 34.44 2.31
N ILE B 474 27.56 33.65 2.68
CA ILE B 474 27.38 32.21 2.85
C ILE B 474 27.00 31.93 4.30
N TYR B 475 25.83 31.31 4.47
CA TYR B 475 25.37 30.78 5.75
C TYR B 475 26.14 29.50 6.02
N ALA B 476 27.03 29.54 7.00
CA ALA B 476 28.07 28.52 7.16
C ALA B 476 27.86 27.74 8.44
N PRO B 477 27.32 26.53 8.37
CA PRO B 477 27.16 25.74 9.60
C PRO B 477 28.51 25.33 10.15
N VAL B 478 28.60 25.34 11.48
CA VAL B 478 29.81 24.99 12.21
C VAL B 478 29.42 24.05 13.33
N GLY B 479 30.01 22.88 13.37
CA GLY B 479 29.70 21.97 14.44
C GLY B 479 30.22 20.58 14.20
N THR B 480 30.14 19.78 15.26
CA THR B 480 30.51 18.38 15.27
C THR B 480 29.46 17.55 14.55
N HIS B 481 29.83 16.29 14.29
CA HIS B 481 28.93 15.35 13.63
C HIS B 481 27.60 15.26 14.37
N GLU B 482 27.65 15.13 15.69
CA GLU B 482 26.41 14.99 16.46
C GLU B 482 25.52 16.19 16.25
N THR B 483 26.11 17.39 16.28
CA THR B 483 25.34 18.60 16.15
C THR B 483 24.73 18.73 14.75
N LEU B 484 25.50 18.45 13.71
CA LEU B 484 24.97 18.64 12.37
C LEU B 484 23.90 17.61 12.04
N LEU B 485 24.00 16.41 12.62
CA LEU B 485 23.02 15.38 12.31
C LEU B 485 21.66 15.65 12.93
N ALA B 486 21.60 16.50 13.96
CA ALA B 486 20.36 16.65 14.74
C ALA B 486 19.22 17.21 13.91
N TYR B 487 19.51 18.17 13.02
CA TYR B 487 18.45 18.71 12.16
C TYR B 487 18.88 18.73 10.70
N LEU B 488 19.77 17.80 10.32
CA LEU B 488 20.16 17.69 8.91
C LEU B 488 18.95 17.36 8.03
N VAL B 489 18.01 16.57 8.54
CA VAL B 489 16.84 16.21 7.75
C VAL B 489 16.09 17.47 7.30
N ARG B 490 15.84 18.39 8.23
CA ARG B 490 15.16 19.62 7.85
C ARG B 490 15.97 20.38 6.78
N ARG B 491 17.30 20.40 6.92
CA ARG B 491 18.12 21.11 5.95
C ARG B 491 18.09 20.42 4.59
N LEU B 492 18.10 19.09 4.56
CA LEU B 492 18.04 18.38 3.28
C LEU B 492 16.70 18.59 2.59
N LEU B 493 15.61 18.70 3.36
CA LEU B 493 14.30 18.97 2.78
C LEU B 493 14.21 20.36 2.17
N GLU B 494 14.96 21.34 2.71
CA GLU B 494 14.92 22.70 2.19
C GLU B 494 15.17 22.72 0.69
N ASN B 495 16.11 21.92 0.22
CA ASN B 495 16.48 21.90 -1.19
C ASN B 495 16.26 20.52 -1.83
N GLY B 496 15.54 19.62 -1.15
CA GLY B 496 15.40 18.27 -1.65
C GLY B 496 13.99 17.82 -2.00
N ALA B 497 12.99 18.68 -1.81
CA ALA B 497 11.62 18.32 -2.11
C ALA B 497 11.36 18.37 -3.62
N ASN B 498 10.24 17.78 -4.01
CA ASN B 498 9.92 17.67 -5.44
C ASN B 498 9.77 19.04 -6.09
N SER B 499 9.25 20.02 -5.36
CA SER B 499 9.08 21.37 -5.90
C SER B 499 10.29 22.25 -5.63
N SER B 500 11.34 21.72 -5.01
CA SER B 500 12.52 22.51 -4.72
C SER B 500 13.29 22.76 -6.01
N PHE B 501 13.75 24.00 -6.17
CA PHE B 501 14.55 24.36 -7.34
C PHE B 501 15.78 23.47 -7.47
N VAL B 502 16.48 23.21 -6.37
CA VAL B 502 17.72 22.45 -6.45
C VAL B 502 17.44 21.03 -6.91
N HIS B 503 16.34 20.44 -6.44
CA HIS B 503 15.94 19.12 -6.93
C HIS B 503 15.55 19.16 -8.41
N ARG B 504 14.80 20.17 -8.83
CA ARG B 504 14.39 20.26 -10.22
C ARG B 504 15.58 20.50 -11.16
N ILE B 505 16.60 21.22 -10.69
CA ILE B 505 17.82 21.42 -11.47
C ILE B 505 18.46 20.07 -11.79
N ASN B 506 18.43 19.15 -10.85
CA ASN B 506 19.05 17.84 -11.01
C ASN B 506 18.14 16.83 -11.69
N ASP B 507 16.94 17.25 -12.09
CA ASP B 507 16.02 16.37 -12.80
C ASP B 507 16.10 16.67 -14.29
N PRO B 508 16.72 15.82 -15.11
CA PRO B 508 16.84 16.11 -16.54
C PRO B 508 15.52 16.19 -17.27
N LYS B 509 14.43 15.68 -16.69
CA LYS B 509 13.12 15.79 -17.33
C LYS B 509 12.54 17.20 -17.23
N VAL B 510 13.09 18.06 -16.37
CA VAL B 510 12.63 19.43 -16.24
C VAL B 510 13.44 20.32 -17.17
N SER B 511 12.78 21.04 -18.07
CA SER B 511 13.50 21.87 -19.03
C SER B 511 13.90 23.20 -18.39
N ILE B 512 14.84 23.87 -19.04
CA ILE B 512 15.21 25.21 -18.60
C ILE B 512 14.04 26.18 -18.76
N ASP B 513 13.24 26.01 -19.83
CA ASP B 513 12.04 26.83 -19.97
C ASP B 513 11.13 26.67 -18.75
N GLU B 514 10.97 25.44 -18.26
CA GLU B 514 10.12 25.23 -17.10
C GLU B 514 10.72 25.90 -15.85
N LEU B 515 12.05 25.88 -15.73
CA LEU B 515 12.70 26.46 -14.57
C LEU B 515 12.72 27.98 -14.58
N ILE B 516 12.57 28.61 -15.74
CA ILE B 516 12.55 30.07 -15.82
C ILE B 516 11.13 30.61 -15.94
N ALA B 517 10.13 29.74 -15.83
CA ALA B 517 8.75 30.19 -15.77
C ALA B 517 8.59 31.18 -14.62
N ASP B 518 7.81 32.23 -14.87
CA ASP B 518 7.65 33.33 -13.93
C ASP B 518 6.49 33.02 -13.01
N PRO B 519 6.72 32.74 -11.72
CA PRO B 519 5.59 32.39 -10.83
C PRO B 519 4.57 33.50 -10.72
N VAL B 520 4.97 34.76 -10.90
CA VAL B 520 4.02 35.86 -10.80
C VAL B 520 2.97 35.77 -11.89
N GLU B 521 3.40 35.50 -13.12
CA GLU B 521 2.44 35.40 -14.21
C GLU B 521 1.65 34.10 -14.15
N VAL B 522 2.25 33.03 -13.64
CA VAL B 522 1.51 31.79 -13.46
C VAL B 522 0.36 31.99 -12.47
N VAL B 523 0.66 32.64 -11.35
CA VAL B 523 -0.37 32.90 -10.34
C VAL B 523 -1.42 33.86 -10.90
N ARG B 524 -0.99 34.89 -11.61
CA ARG B 524 -1.92 35.88 -12.14
C ARG B 524 -2.97 35.23 -13.03
N ALA B 525 -2.60 34.19 -13.76
CA ALA B 525 -3.46 33.56 -14.76
C ALA B 525 -4.26 32.40 -14.22
N MET B 526 -4.13 32.07 -12.93
CA MET B 526 -4.94 31.03 -12.34
C MET B 526 -6.42 31.43 -12.39
N PRO B 527 -7.32 30.45 -12.50
CA PRO B 527 -8.75 30.80 -12.51
C PRO B 527 -9.21 31.48 -11.24
N VAL B 528 -8.69 31.04 -10.10
CA VAL B 528 -8.93 31.66 -8.80
C VAL B 528 -7.56 32.01 -8.24
N VAL B 529 -7.23 33.30 -8.23
CA VAL B 529 -5.90 33.69 -7.81
C VAL B 529 -5.72 33.32 -6.33
N GLY B 530 -4.64 32.59 -6.05
CA GLY B 530 -4.30 32.27 -4.69
C GLY B 530 -5.08 31.16 -4.04
N ALA B 531 -5.75 30.29 -4.81
CA ALA B 531 -6.45 29.17 -4.19
C ALA B 531 -5.50 28.26 -3.44
N LYS B 532 -5.98 27.77 -2.29
CA LYS B 532 -5.31 26.74 -1.51
C LYS B 532 -4.95 25.56 -2.39
N HIS B 533 -3.84 24.89 -2.04
CA HIS B 533 -3.49 23.63 -2.70
C HIS B 533 -4.67 22.66 -2.63
N ASP B 534 -4.95 22.03 -3.77
CA ASP B 534 -6.08 21.09 -3.83
C ASP B 534 -5.90 19.90 -2.92
N ARG B 535 -4.66 19.53 -2.62
CA ARG B 535 -4.38 18.30 -1.91
C ARG B 535 -4.03 18.54 -0.45
N ILE B 536 -4.24 19.75 0.06
CA ILE B 536 -4.00 20.06 1.46
C ILE B 536 -5.33 20.51 2.06
N ALA B 537 -5.80 19.78 3.06
CA ALA B 537 -7.07 20.09 3.70
C ALA B 537 -6.91 21.23 4.70
N LEU B 538 -7.81 22.21 4.64
CA LEU B 538 -7.94 23.14 5.75
C LEU B 538 -8.24 22.34 7.02
N PRO B 539 -7.78 22.81 8.18
CA PRO B 539 -8.04 22.03 9.40
C PRO B 539 -9.51 21.68 9.58
N ALA B 540 -10.42 22.60 9.24
CA ALA B 540 -11.83 22.31 9.37
C ALA B 540 -12.29 21.18 8.48
N GLU B 541 -11.54 20.87 7.42
CA GLU B 541 -11.97 19.96 6.37
C GLU B 541 -11.24 18.61 6.43
N LEU B 542 -10.57 18.31 7.54
CA LEU B 542 -9.80 17.07 7.67
C LEU B 542 -10.63 15.83 7.36
N PHE B 543 -11.91 15.86 7.70
CA PHE B 543 -12.78 14.70 7.54
C PHE B 543 -13.68 14.80 6.33
N GLY B 544 -13.42 15.77 5.45
CA GLY B 544 -14.17 15.88 4.21
C GLY B 544 -15.67 15.99 4.44
N ASP B 545 -16.43 15.23 3.66
CA ASP B 545 -17.89 15.29 3.70
C ASP B 545 -18.47 14.62 4.93
N ALA B 546 -17.68 13.86 5.68
CA ALA B 546 -18.24 13.12 6.82
C ALA B 546 -18.74 14.07 7.90
N ARG B 547 -17.95 15.08 8.24
CA ARG B 547 -18.30 15.97 9.34
C ARG B 547 -17.27 17.10 9.36
N THR B 548 -17.64 18.16 10.06
CA THR B 548 -16.77 19.33 10.21
C THR B 548 -15.89 19.15 11.44
N ASN B 549 -14.58 19.33 11.24
CA ASN B 549 -13.68 19.23 12.38
C ASN B 549 -13.96 20.35 13.36
N SER B 550 -13.85 20.04 14.66
CA SER B 550 -13.90 21.09 15.66
C SER B 550 -12.78 22.10 15.41
N ALA B 551 -13.04 23.36 15.80
CA ALA B 551 -12.02 24.39 15.71
C ALA B 551 -11.47 24.72 17.08
N GLY B 552 -10.16 24.96 17.14
CA GLY B 552 -9.50 25.41 18.35
C GLY B 552 -9.37 26.92 18.40
N LEU B 553 -8.44 27.37 19.24
CA LEU B 553 -8.13 28.79 19.41
C LEU B 553 -6.62 28.92 19.45
N ASP B 554 -6.10 29.96 18.80
CA ASP B 554 -4.66 30.12 18.67
C ASP B 554 -4.15 30.99 19.83
N LEU B 555 -3.49 30.36 20.80
CA LEU B 555 -3.02 31.08 21.97
C LEU B 555 -1.71 31.83 21.71
N SER B 556 -1.24 31.86 20.47
CA SER B 556 -0.16 32.75 20.07
C SER B 556 -0.66 33.98 19.35
N ASN B 557 -1.96 34.12 19.17
CA ASN B 557 -2.55 35.23 18.43
C ASN B 557 -3.01 36.30 19.43
N GLU B 558 -2.45 37.51 19.33
CA GLU B 558 -2.77 38.55 20.31
C GLU B 558 -4.24 38.95 20.27
N GLU B 559 -4.87 38.93 19.09
CA GLU B 559 -6.30 39.22 19.05
C GLU B 559 -7.07 38.17 19.83
N THR B 560 -6.73 36.90 19.60
CA THR B 560 -7.38 35.83 20.33
C THR B 560 -7.16 35.95 21.82
N LEU B 561 -5.90 36.20 22.24
CA LEU B 561 -5.63 36.32 23.67
C LEU B 561 -6.41 37.48 24.27
N ALA B 562 -6.54 38.58 23.53
CA ALA B 562 -7.25 39.73 24.08
C ALA B 562 -8.74 39.45 24.21
N SER B 563 -9.36 38.85 23.18
CA SER B 563 -10.79 38.57 23.26
C SER B 563 -11.07 37.46 24.27
N LEU B 564 -10.18 36.46 24.33
CA LEU B 564 -10.34 35.40 25.30
C LEU B 564 -10.25 35.93 26.72
N THR B 565 -9.27 36.81 26.98
CA THR B 565 -9.17 37.46 28.27
C THR B 565 -10.51 38.06 28.69
N GLU B 566 -11.14 38.80 27.79
CA GLU B 566 -12.40 39.45 28.12
C GLU B 566 -13.50 38.41 28.33
N ALA B 567 -13.58 37.42 27.45
CA ALA B 567 -14.62 36.42 27.60
C ALA B 567 -14.44 35.61 28.87
N LEU B 568 -13.18 35.30 29.21
CA LEU B 568 -12.92 34.56 30.44
C LEU B 568 -13.28 35.39 31.67
N ARG B 569 -12.92 36.69 31.67
CA ARG B 569 -13.31 37.54 32.79
C ARG B 569 -14.82 37.61 32.92
N GLU B 570 -15.53 37.78 31.79
CA GLU B 570 -16.98 37.86 31.85
C GLU B 570 -17.59 36.57 32.36
N SER B 571 -17.00 35.43 32.00
CA SER B 571 -17.52 34.14 32.44
C SER B 571 -17.47 34.01 33.96
N ALA B 572 -16.49 34.64 34.59
CA ALA B 572 -16.38 34.53 36.04
C ALA B 572 -17.42 35.40 36.75
N ALA B 573 -17.96 36.41 36.07
CA ALA B 573 -18.99 37.25 36.69
C ALA B 573 -20.37 36.62 36.63
N MET B 574 -20.55 35.57 35.83
CA MET B 574 -21.85 34.93 35.69
C MET B 574 -22.17 34.10 36.93
N LYS B 575 -23.46 33.95 37.21
CA LYS B 575 -23.90 33.08 38.28
C LYS B 575 -24.05 31.67 37.73
N TRP B 576 -23.12 30.79 38.09
CA TRP B 576 -23.11 29.41 37.63
C TRP B 576 -23.78 28.50 38.64
N THR B 577 -24.75 27.72 38.17
CA THR B 577 -25.50 26.81 39.02
C THR B 577 -25.63 25.46 38.35
N ALA B 578 -25.93 24.46 39.17
CA ALA B 578 -26.24 23.12 38.70
C ALA B 578 -27.31 22.58 39.63
N LEU B 579 -28.40 22.11 39.06
CA LEU B 579 -29.58 21.67 39.79
C LEU B 579 -29.97 20.29 39.32
N PRO B 580 -30.71 19.54 40.14
CA PRO B 580 -31.39 18.35 39.63
C PRO B 580 -32.44 18.75 38.62
N GLN B 581 -32.13 18.58 37.34
CA GLN B 581 -33.01 19.04 36.26
C GLN B 581 -33.83 17.84 35.80
N LEU B 582 -35.00 17.66 36.40
CA LEU B 582 -35.85 16.55 35.98
C LEU B 582 -36.78 17.01 34.86
N ALA B 583 -37.54 16.07 34.31
CA ALA B 583 -38.39 16.38 33.16
C ALA B 583 -39.44 17.42 33.50
N THR B 584 -39.86 17.49 34.76
CA THR B 584 -40.88 18.42 35.23
C THR B 584 -40.31 19.74 35.73
N GLY B 585 -38.99 19.90 35.69
CA GLY B 585 -38.36 21.11 36.18
C GLY B 585 -37.28 20.80 37.20
N PRO B 586 -36.61 21.84 37.70
CA PRO B 586 -35.56 21.62 38.70
C PRO B 586 -36.17 21.25 40.05
N ALA B 587 -35.51 20.31 40.73
CA ALA B 587 -35.97 19.84 42.03
C ALA B 587 -35.15 20.47 43.15
N ALA B 588 -35.76 20.57 44.32
CA ALA B 588 -35.07 21.04 45.51
C ALA B 588 -34.06 19.99 45.98
N GLY B 589 -33.04 20.45 46.69
CA GLY B 589 -32.04 19.54 47.19
C GLY B 589 -31.06 20.25 48.10
N GLU B 590 -30.03 19.51 48.51
CA GLU B 590 -28.97 20.08 49.34
C GLU B 590 -28.02 20.89 48.47
N THR B 591 -27.76 22.13 48.87
CA THR B 591 -26.97 23.03 48.05
C THR B 591 -25.65 23.36 48.73
N ARG B 592 -24.59 23.42 47.94
CA ARG B 592 -23.28 23.78 48.44
C ARG B 592 -22.51 24.48 47.33
N THR B 593 -21.40 25.09 47.72
CA THR B 593 -20.55 25.80 46.77
C THR B 593 -19.63 24.84 46.04
N VAL B 594 -19.25 25.24 44.84
CA VAL B 594 -18.24 24.58 44.03
C VAL B 594 -17.03 25.49 44.03
N LEU B 595 -15.88 24.97 44.46
CA LEU B 595 -14.69 25.77 44.67
C LEU B 595 -13.63 25.43 43.63
N ASN B 596 -12.88 26.44 43.24
CA ASN B 596 -11.75 26.29 42.32
C ASN B 596 -10.68 25.40 42.97
N PRO B 597 -10.33 24.25 42.38
CA PRO B 597 -9.28 23.42 43.01
C PRO B 597 -7.93 24.11 43.09
N GLY B 598 -7.68 25.13 42.26
CA GLY B 598 -6.43 25.87 42.30
C GLY B 598 -6.40 26.99 43.31
N ASP B 599 -7.54 27.24 43.97
CA ASP B 599 -7.65 28.29 44.96
C ASP B 599 -9.05 28.20 45.55
N HIS B 600 -9.19 27.59 46.73
CA HIS B 600 -10.51 27.36 47.29
C HIS B 600 -11.23 28.65 47.66
N ARG B 601 -10.53 29.78 47.66
CA ARG B 601 -11.20 31.04 47.91
C ARG B 601 -12.04 31.49 46.72
N ASP B 602 -11.83 30.88 45.55
CA ASP B 602 -12.54 31.25 44.34
C ASP B 602 -13.78 30.35 44.25
N VAL B 603 -14.93 30.92 44.58
CA VAL B 603 -16.20 30.22 44.50
C VAL B 603 -16.67 30.27 43.04
N VAL B 604 -16.75 29.10 42.40
CA VAL B 604 -17.09 29.09 40.99
C VAL B 604 -18.59 29.14 40.80
N GLY B 605 -19.33 28.46 41.66
CA GLY B 605 -20.77 28.43 41.55
C GLY B 605 -21.37 27.59 42.66
N SER B 606 -22.62 27.19 42.48
CA SER B 606 -23.29 26.38 43.50
C SER B 606 -24.02 25.23 42.86
N VAL B 607 -24.01 24.09 43.53
CA VAL B 607 -24.69 22.90 43.04
C VAL B 607 -25.76 22.49 44.06
N THR B 608 -26.92 22.14 43.55
CA THR B 608 -27.99 21.54 44.34
C THR B 608 -28.02 20.06 43.96
N GLU B 609 -27.77 19.19 44.93
CA GLU B 609 -27.58 17.79 44.62
C GLU B 609 -28.89 17.01 44.78
N THR B 610 -28.94 15.88 44.09
CA THR B 610 -30.18 15.13 43.87
C THR B 610 -30.42 14.15 45.01
N SER B 611 -31.64 14.18 45.56
CA SER B 611 -32.01 13.15 46.53
C SER B 611 -32.13 11.81 45.82
N GLU B 612 -31.95 10.73 46.59
CA GLU B 612 -32.10 9.41 45.98
C GLU B 612 -33.52 9.21 45.45
N GLU B 613 -34.52 9.76 46.16
CA GLU B 613 -35.90 9.64 45.69
C GLU B 613 -36.09 10.32 44.34
N ASP B 614 -35.48 11.50 44.16
CA ASP B 614 -35.62 12.20 42.89
C ASP B 614 -34.82 11.52 41.78
N ALA B 615 -33.72 10.87 42.13
CA ALA B 615 -33.00 10.04 41.17
C ALA B 615 -33.92 8.96 40.61
N ARG B 616 -34.61 8.25 41.50
CA ARG B 616 -35.54 7.23 41.04
C ARG B 616 -36.67 7.84 40.25
N ARG B 617 -37.22 8.97 40.72
CA ARG B 617 -38.27 9.63 39.97
C ARG B 617 -37.81 9.99 38.57
N ALA B 618 -36.57 10.46 38.43
CA ALA B 618 -36.03 10.81 37.13
C ALA B 618 -36.05 9.62 36.18
N VAL B 619 -35.65 8.44 36.67
CA VAL B 619 -35.63 7.27 35.79
C VAL B 619 -37.03 6.94 35.33
N ARG B 620 -38.02 7.04 36.24
CA ARG B 620 -39.39 6.78 35.83
C ARG B 620 -39.84 7.79 34.76
N LEU B 621 -39.49 9.06 34.94
CA LEU B 621 -39.87 10.06 33.94
C LEU B 621 -39.20 9.78 32.60
N ALA B 622 -37.96 9.30 32.64
CA ALA B 622 -37.26 8.91 31.42
C ALA B 622 -37.96 7.74 30.75
N ALA B 623 -38.39 6.75 31.54
CA ALA B 623 -39.13 5.61 30.97
C ALA B 623 -40.42 6.08 30.32
N ASP B 624 -41.14 6.99 30.97
CA ASP B 624 -42.38 7.52 30.42
C ASP B 624 -42.15 8.15 29.06
N ALA B 625 -41.05 8.87 28.92
CA ALA B 625 -40.77 9.61 27.71
C ALA B 625 -39.99 8.81 26.68
N ALA B 626 -39.60 7.58 26.99
CA ALA B 626 -38.73 6.83 26.09
C ALA B 626 -39.36 6.60 24.72
N PRO B 627 -40.63 6.20 24.60
CA PRO B 627 -41.19 6.03 23.24
C PRO B 627 -41.18 7.31 22.43
N ASP B 628 -41.46 8.47 23.05
CA ASP B 628 -41.49 9.71 22.27
C ASP B 628 -40.11 10.08 21.75
N TRP B 629 -39.07 9.84 22.55
CA TRP B 629 -37.74 10.16 22.06
C TRP B 629 -37.28 9.15 21.00
N ALA B 630 -37.60 7.86 21.20
CA ALA B 630 -37.27 6.87 20.18
C ALA B 630 -37.92 7.19 18.84
N ALA B 631 -39.09 7.82 18.86
CA ALA B 631 -39.82 8.13 17.64
C ALA B 631 -39.26 9.33 16.90
N VAL B 632 -38.36 10.09 17.51
CA VAL B 632 -37.67 11.15 16.77
C VAL B 632 -36.75 10.46 15.78
N PRO B 633 -36.87 10.74 14.49
CA PRO B 633 -36.05 10.03 13.49
C PRO B 633 -34.57 10.17 13.78
N PRO B 634 -33.79 9.11 13.55
CA PRO B 634 -32.34 9.20 13.83
C PRO B 634 -31.67 10.42 13.23
N SER B 635 -32.03 10.78 11.98
CA SER B 635 -31.40 11.94 11.36
C SER B 635 -31.74 13.22 12.10
N GLU B 636 -32.92 13.31 12.70
CA GLU B 636 -33.26 14.50 13.46
C GLU B 636 -32.60 14.49 14.83
N ARG B 637 -32.46 13.32 15.45
CA ARG B 637 -31.68 13.25 16.69
C ARG B 637 -30.24 13.67 16.42
N ALA B 638 -29.70 13.21 15.30
CA ALA B 638 -28.35 13.60 14.90
C ALA B 638 -28.25 15.10 14.67
N ALA B 639 -29.30 15.69 14.06
CA ALA B 639 -29.31 17.13 13.85
C ALA B 639 -29.26 17.89 15.18
N CYS B 640 -29.89 17.34 16.23
CA CYS B 640 -29.78 17.93 17.56
C CYS B 640 -28.33 17.96 18.01
N LEU B 641 -27.63 16.84 17.82
CA LEU B 641 -26.22 16.79 18.20
C LEU B 641 -25.41 17.82 17.43
N ASP B 642 -25.66 17.94 16.11
CA ASP B 642 -24.91 18.91 15.32
C ASP B 642 -25.18 20.33 15.80
N ARG B 643 -26.43 20.64 16.15
CA ARG B 643 -26.76 21.97 16.67
C ARG B 643 -26.05 22.23 17.98
N ALA B 644 -26.00 21.23 18.85
CA ALA B 644 -25.28 21.38 20.10
C ALA B 644 -23.80 21.64 19.85
N ALA B 645 -23.22 20.96 18.85
CA ALA B 645 -21.81 21.16 18.54
C ALA B 645 -21.56 22.60 18.08
N GLU B 646 -22.45 23.14 17.24
CA GLU B 646 -22.34 24.52 16.83
C GLU B 646 -22.37 25.47 18.02
N LEU B 647 -23.26 25.20 18.99
CA LEU B 647 -23.34 26.07 20.17
C LEU B 647 -22.09 25.96 21.02
N MET B 648 -21.56 24.76 21.22
CA MET B 648 -20.34 24.63 21.99
C MET B 648 -19.15 25.27 21.29
N GLN B 649 -19.14 25.22 19.95
CA GLN B 649 -18.07 25.89 19.21
C GLN B 649 -18.15 27.41 19.43
N ALA B 650 -19.35 27.97 19.26
CA ALA B 650 -19.51 29.42 19.39
C ALA B 650 -19.28 29.89 20.81
N ARG B 651 -19.63 29.07 21.80
CA ARG B 651 -19.49 29.44 23.20
C ARG B 651 -18.23 28.87 23.84
N MET B 652 -17.29 28.39 23.03
CA MET B 652 -16.06 27.82 23.58
C MET B 652 -15.37 28.73 24.59
N PRO B 653 -15.22 30.05 24.35
CA PRO B 653 -14.52 30.88 25.36
C PRO B 653 -15.16 30.80 26.73
N THR B 654 -16.50 30.87 26.80
CA THR B 654 -17.17 30.79 28.10
C THR B 654 -17.03 29.39 28.70
N LEU B 655 -17.16 28.34 27.89
CA LEU B 655 -16.98 26.99 28.39
C LEU B 655 -15.56 26.79 28.92
N LEU B 656 -14.57 27.40 28.25
CA LEU B 656 -13.19 27.38 28.73
C LEU B 656 -13.07 27.88 30.15
N GLY B 657 -13.63 29.06 30.41
CA GLY B 657 -13.51 29.65 31.74
C GLY B 657 -14.05 28.74 32.82
N LEU B 658 -15.18 28.09 32.55
CA LEU B 658 -15.76 27.19 33.52
C LEU B 658 -14.88 25.95 33.74
N ILE B 659 -14.34 25.39 32.65
CA ILE B 659 -13.48 24.22 32.77
C ILE B 659 -12.19 24.59 33.50
N ILE B 660 -11.64 25.76 33.21
CA ILE B 660 -10.44 26.21 33.91
C ILE B 660 -10.70 26.31 35.41
N ARG B 661 -11.81 26.96 35.79
CA ARG B 661 -12.01 27.29 37.19
C ARG B 661 -12.64 26.17 37.99
N GLU B 662 -13.58 25.43 37.41
CA GLU B 662 -14.19 24.35 38.16
C GLU B 662 -13.33 23.10 38.14
N ALA B 663 -12.71 22.78 37.00
CA ALA B 663 -11.97 21.53 36.92
C ALA B 663 -10.47 21.70 37.06
N GLY B 664 -9.98 22.92 37.18
CA GLY B 664 -8.56 23.14 37.40
C GLY B 664 -7.68 22.99 36.18
N LYS B 665 -8.25 23.11 34.98
CA LYS B 665 -7.51 22.85 33.76
C LYS B 665 -6.83 24.11 33.23
N SER B 666 -5.76 23.91 32.49
CA SER B 666 -5.17 25.01 31.74
C SER B 666 -6.09 25.41 30.58
N ALA B 667 -5.93 26.64 30.10
CA ALA B 667 -6.67 27.07 28.91
C ALA B 667 -6.40 26.14 27.73
N LEU B 668 -5.15 25.73 27.57
CA LEU B 668 -4.79 24.86 26.45
C LEU B 668 -5.57 23.56 26.52
N ASN B 669 -5.57 22.93 27.70
CA ASN B 669 -6.30 21.68 27.86
C ASN B 669 -7.81 21.89 27.83
N ALA B 670 -8.29 23.05 28.31
CA ALA B 670 -9.73 23.31 28.26
C ALA B 670 -10.20 23.46 26.82
N ILE B 671 -9.40 24.09 25.97
CA ILE B 671 -9.75 24.18 24.55
C ILE B 671 -9.86 22.78 23.96
N ALA B 672 -8.85 21.96 24.19
CA ALA B 672 -8.87 20.60 23.65
C ALA B 672 -10.08 19.82 24.14
N GLU B 673 -10.51 20.06 25.39
CA GLU B 673 -11.66 19.34 25.91
C GLU B 673 -12.95 19.78 25.21
N VAL B 674 -13.13 21.09 25.01
CA VAL B 674 -14.32 21.55 24.31
C VAL B 674 -14.31 21.01 22.88
N ARG B 675 -13.15 20.99 22.23
CA ARG B 675 -13.05 20.39 20.90
C ARG B 675 -13.48 18.94 20.92
N GLU B 676 -13.01 18.16 21.91
CA GLU B 676 -13.40 16.77 21.99
C GLU B 676 -14.91 16.62 22.16
N ALA B 677 -15.54 17.48 22.97
CA ALA B 677 -16.98 17.43 23.09
C ALA B 677 -17.66 17.69 21.76
N ILE B 678 -17.21 18.72 21.04
CA ILE B 678 -17.77 19.04 19.73
C ILE B 678 -17.58 17.86 18.79
N ASP B 679 -16.40 17.24 18.83
CA ASP B 679 -16.13 16.12 17.93
C ASP B 679 -17.00 14.92 18.26
N PHE B 680 -17.18 14.59 19.54
CA PHE B 680 -18.11 13.52 19.90
C PHE B 680 -19.48 13.78 19.29
N LEU B 681 -20.01 14.99 19.49
CA LEU B 681 -21.33 15.33 18.98
C LEU B 681 -21.41 15.10 17.49
N ARG B 682 -20.45 15.63 16.74
CA ARG B 682 -20.52 15.54 15.30
C ARG B 682 -20.21 14.14 14.80
N TYR B 683 -19.29 13.44 15.48
CA TYR B 683 -18.98 12.07 15.09
C TYR B 683 -20.16 11.14 15.32
N TYR B 684 -20.77 11.19 16.51
CA TYR B 684 -21.90 10.30 16.74
C TYR B 684 -23.08 10.69 15.85
N ALA B 685 -23.20 11.97 15.52
CA ALA B 685 -24.23 12.40 14.58
C ALA B 685 -24.01 11.76 13.21
N GLU B 686 -22.78 11.84 12.70
CA GLU B 686 -22.52 11.26 11.39
C GLU B 686 -22.66 9.73 11.42
N GLN B 687 -22.11 9.08 12.45
CA GLN B 687 -22.24 7.63 12.56
C GLN B 687 -23.70 7.21 12.59
N THR B 688 -24.55 8.01 13.27
CA THR B 688 -25.98 7.75 13.22
C THR B 688 -26.53 7.85 11.81
N ARG B 689 -26.20 8.92 11.09
CA ARG B 689 -26.69 9.07 9.72
C ARG B 689 -26.23 7.93 8.82
N ARG B 690 -25.07 7.34 9.11
CA ARG B 690 -24.58 6.22 8.31
C ARG B 690 -25.24 4.90 8.64
N THR B 691 -25.85 4.74 9.82
CA THR B 691 -26.21 3.40 10.26
C THR B 691 -27.66 3.21 10.69
N LEU B 692 -28.21 4.08 11.53
CA LEU B 692 -29.41 3.71 12.29
C LEU B 692 -30.69 3.75 11.44
N GLY B 693 -31.44 2.65 11.50
CA GLY B 693 -32.71 2.54 10.83
C GLY B 693 -33.77 1.99 11.74
N PRO B 694 -34.95 1.71 11.20
CA PRO B 694 -36.09 1.37 12.08
C PRO B 694 -35.89 0.10 12.88
N GLY B 695 -35.09 -0.84 12.41
CA GLY B 695 -34.84 -2.06 13.15
C GLY B 695 -33.79 -1.98 14.25
N HIS B 696 -33.16 -0.83 14.44
CA HIS B 696 -32.16 -0.68 15.47
C HIS B 696 -32.78 0.03 16.66
N GLY B 697 -33.61 -0.71 17.37
CA GLY B 697 -34.40 -0.16 18.46
C GLY B 697 -33.56 0.25 19.65
N PRO B 698 -34.00 1.27 20.39
CA PRO B 698 -33.23 1.75 21.54
C PRO B 698 -33.34 0.80 22.72
N LEU B 699 -32.39 0.95 23.65
CA LEU B 699 -32.44 0.18 24.89
C LEU B 699 -33.53 0.69 25.81
N GLY B 700 -33.64 2.01 25.95
CA GLY B 700 -34.47 2.63 26.96
C GLY B 700 -33.63 3.60 27.78
N PRO B 701 -34.10 3.99 28.96
CA PRO B 701 -33.34 4.93 29.79
C PRO B 701 -31.92 4.45 30.04
N ILE B 702 -30.95 5.32 29.75
CA ILE B 702 -29.55 5.02 29.96
CA ILE B 702 -29.54 5.03 29.95
C ILE B 702 -29.01 5.97 31.02
N VAL B 703 -28.32 5.41 31.99
CA VAL B 703 -27.68 6.19 33.04
C VAL B 703 -26.25 6.46 32.59
N CYS B 704 -25.89 7.73 32.47
CA CYS B 704 -24.56 8.15 32.04
C CYS B 704 -23.85 8.74 33.23
N ILE B 705 -22.80 8.08 33.70
CA ILE B 705 -22.02 8.52 34.85
C ILE B 705 -20.65 8.92 34.34
N SER B 706 -20.27 10.17 34.57
CA SER B 706 -19.10 10.76 33.95
C SER B 706 -18.08 11.22 35.00
N PRO B 707 -16.82 11.37 34.60
CA PRO B 707 -15.77 11.67 35.57
C PRO B 707 -15.44 13.15 35.67
N TRP B 708 -14.67 13.51 36.69
CA TRP B 708 -14.29 14.89 36.86
C TRP B 708 -13.10 15.28 36.00
N ASN B 709 -12.38 14.31 35.40
CA ASN B 709 -11.17 14.66 34.65
C ASN B 709 -11.45 15.06 33.21
N PHE B 710 -12.61 14.69 32.65
CA PHE B 710 -13.11 15.21 31.38
C PHE B 710 -14.58 15.57 31.59
N PRO B 711 -14.83 16.61 32.38
CA PRO B 711 -16.17 16.89 32.85
C PRO B 711 -17.09 17.46 31.79
N LEU B 712 -16.55 17.86 30.63
CA LEU B 712 -17.38 18.18 29.47
C LEU B 712 -17.27 17.13 28.37
N ALA B 713 -16.06 16.70 28.04
CA ALA B 713 -15.89 15.86 26.85
C ALA B 713 -16.49 14.48 27.06
N ILE B 714 -16.13 13.79 28.15
CA ILE B 714 -16.68 12.46 28.34
C ILE B 714 -18.12 12.55 28.80
N PHE B 715 -18.44 13.55 29.62
CA PHE B 715 -19.83 13.87 29.90
C PHE B 715 -20.66 13.93 28.62
N THR B 716 -20.22 14.77 27.68
CA THR B 716 -20.98 14.96 26.43
C THR B 716 -20.96 13.71 25.57
N GLY B 717 -19.81 13.06 25.44
CA GLY B 717 -19.72 11.92 24.54
C GLY B 717 -20.68 10.79 24.92
N GLN B 718 -20.70 10.43 26.20
CA GLN B 718 -21.58 9.35 26.63
C GLN B 718 -23.05 9.73 26.40
N ILE B 719 -23.42 10.94 26.79
CA ILE B 719 -24.80 11.38 26.69
C ILE B 719 -25.23 11.46 25.24
N ALA B 720 -24.37 12.03 24.40
CA ALA B 720 -24.71 12.23 22.99
C ALA B 720 -24.92 10.90 22.30
N ALA B 721 -24.04 9.93 22.57
CA ALA B 721 -24.18 8.61 21.98
C ALA B 721 -25.49 7.96 22.40
N ALA B 722 -25.77 7.97 23.71
CA ALA B 722 -27.01 7.38 24.20
C ALA B 722 -28.23 8.06 23.58
N LEU B 723 -28.25 9.40 23.59
CA LEU B 723 -29.36 10.15 23.02
C LEU B 723 -29.56 9.82 21.55
N VAL B 724 -28.49 9.91 20.76
CA VAL B 724 -28.68 9.79 19.32
C VAL B 724 -29.06 8.37 18.94
N ALA B 725 -28.70 7.38 19.77
CA ALA B 725 -29.17 6.03 19.55
C ALA B 725 -30.63 5.86 19.95
N GLY B 726 -31.29 6.92 20.39
CA GLY B 726 -32.71 6.87 20.66
C GLY B 726 -33.09 6.61 22.11
N ASN B 727 -32.16 6.77 23.06
CA ASN B 727 -32.40 6.51 24.48
C ASN B 727 -32.50 7.80 25.26
N PRO B 728 -33.50 7.97 26.13
CA PRO B 728 -33.44 9.09 27.07
C PRO B 728 -32.35 8.85 28.10
N VAL B 729 -31.81 9.94 28.64
CA VAL B 729 -30.57 9.89 29.41
C VAL B 729 -30.78 10.47 30.79
N LEU B 730 -30.25 9.79 31.80
CA LEU B 730 -30.09 10.32 33.14
C LEU B 730 -28.61 10.61 33.28
N ALA B 731 -28.25 11.88 33.37
CA ALA B 731 -26.85 12.30 33.36
C ALA B 731 -26.44 12.57 34.80
N LYS B 732 -25.51 11.76 35.31
CA LYS B 732 -25.00 11.93 36.67
C LYS B 732 -23.54 12.35 36.56
N PRO B 733 -23.22 13.64 36.69
CA PRO B 733 -21.83 14.07 36.57
C PRO B 733 -21.08 13.81 37.86
N ALA B 734 -19.75 13.84 37.75
CA ALA B 734 -18.91 13.76 38.93
C ALA B 734 -19.32 14.81 39.98
N GLU B 735 -19.30 14.40 41.25
CA GLU B 735 -19.60 15.32 42.33
C GLU B 735 -18.72 16.57 42.27
N GLU B 736 -17.49 16.44 41.76
CA GLU B 736 -16.56 17.55 41.77
C GLU B 736 -16.88 18.61 40.72
N THR B 737 -17.51 18.23 39.61
CA THR B 737 -17.60 19.10 38.43
C THR B 737 -19.02 19.19 37.89
N PRO B 738 -19.98 19.61 38.72
CA PRO B 738 -21.37 19.67 38.22
C PRO B 738 -21.67 20.89 37.35
N LEU B 739 -20.90 21.98 37.47
CA LEU B 739 -21.31 23.19 36.77
C LEU B 739 -21.14 23.05 35.26
N ILE B 740 -20.01 22.48 34.82
CA ILE B 740 -19.83 22.35 33.38
C ILE B 740 -20.83 21.36 32.81
N ALA B 741 -21.17 20.32 33.59
CA ALA B 741 -22.21 19.39 33.20
C ALA B 741 -23.54 20.09 33.00
N ALA B 742 -23.92 20.96 33.96
CA ALA B 742 -25.17 21.71 33.82
C ALA B 742 -25.18 22.53 32.56
N GLU B 743 -24.04 23.14 32.22
CA GLU B 743 -23.95 23.94 31.01
C GLU B 743 -24.08 23.06 29.76
N GLY B 744 -23.47 21.88 29.80
CA GLY B 744 -23.63 20.94 28.71
C GLY B 744 -25.08 20.58 28.49
N VAL B 745 -25.82 20.36 29.58
CA VAL B 745 -27.25 20.05 29.44
C VAL B 745 -28.02 21.25 28.92
N ARG B 746 -27.70 22.46 29.41
CA ARG B 746 -28.30 23.67 28.84
C ARG B 746 -28.16 23.68 27.33
N ILE B 747 -26.95 23.42 26.85
CA ILE B 747 -26.68 23.53 25.42
C ILE B 747 -27.42 22.42 24.64
N LEU B 748 -27.42 21.20 25.18
CA LEU B 748 -28.12 20.12 24.50
C LEU B 748 -29.63 20.37 24.45
N ARG B 749 -30.19 20.89 25.54
CA ARG B 749 -31.61 21.22 25.51
C ARG B 749 -31.88 22.35 24.52
N GLU B 750 -31.02 23.37 24.51
CA GLU B 750 -31.20 24.46 23.56
C GLU B 750 -31.18 23.95 22.13
N ALA B 751 -30.36 22.93 21.88
CA ALA B 751 -30.19 22.35 20.55
C ALA B 751 -31.33 21.42 20.15
N GLY B 752 -32.25 21.15 21.06
CA GLY B 752 -33.46 20.41 20.73
C GLY B 752 -33.67 19.14 21.51
N ILE B 753 -32.78 18.76 22.42
CA ILE B 753 -33.02 17.56 23.22
C ILE B 753 -34.09 17.92 24.24
N PRO B 754 -35.24 17.24 24.23
CA PRO B 754 -36.30 17.59 25.18
C PRO B 754 -35.87 17.33 26.61
N ALA B 755 -36.43 18.15 27.52
CA ALA B 755 -36.13 17.97 28.94
C ALA B 755 -36.38 16.53 29.40
N SER B 756 -37.43 15.91 28.88
CA SER B 756 -37.73 14.54 29.29
C SER B 756 -36.72 13.54 28.77
N ALA B 757 -35.94 13.88 27.75
CA ALA B 757 -34.95 12.98 27.20
C ALA B 757 -33.57 13.18 27.80
N LEU B 758 -33.34 14.28 28.53
CA LEU B 758 -32.03 14.55 29.13
C LEU B 758 -32.26 15.22 30.47
N GLN B 759 -32.07 14.46 31.53
CA GLN B 759 -32.20 14.98 32.88
C GLN B 759 -30.83 14.95 33.55
N LEU B 760 -30.54 15.98 34.34
CA LEU B 760 -29.28 16.13 35.04
C LEU B 760 -29.48 15.85 36.52
N LEU B 761 -28.69 14.93 37.08
CA LEU B 761 -28.81 14.56 38.50
C LEU B 761 -27.47 14.76 39.17
N PRO B 762 -27.16 15.97 39.62
CA PRO B 762 -25.89 16.18 40.33
C PRO B 762 -25.88 15.44 41.65
N GLY B 763 -24.68 15.10 42.10
CA GLY B 763 -24.52 14.50 43.41
C GLY B 763 -23.39 13.50 43.43
N ASP B 764 -23.36 12.72 44.50
CA ASP B 764 -22.25 11.83 44.78
C ASP B 764 -22.54 10.44 44.23
N GLY B 765 -21.73 9.45 44.66
CA GLY B 765 -21.90 8.11 44.15
C GLY B 765 -23.20 7.45 44.57
N ARG B 766 -23.79 7.90 45.68
CA ARG B 766 -25.10 7.36 46.07
C ARG B 766 -26.18 7.73 45.06
N VAL B 767 -26.06 8.90 44.44
CA VAL B 767 -26.98 9.27 43.38
C VAL B 767 -26.77 8.36 42.17
N GLY B 768 -25.51 8.14 41.79
CA GLY B 768 -25.24 7.23 40.70
C GLY B 768 -25.77 5.84 40.97
N ALA B 769 -25.55 5.33 42.19
CA ALA B 769 -26.02 4.00 42.52
C ALA B 769 -27.54 3.91 42.45
N ALA B 770 -28.23 4.95 42.91
CA ALA B 770 -29.68 4.93 42.88
C ALA B 770 -30.19 4.91 41.43
N LEU B 771 -29.51 5.63 40.54
CA LEU B 771 -29.89 5.60 39.13
C LEU B 771 -29.66 4.22 38.52
N VAL B 772 -28.51 3.61 38.82
CA VAL B 772 -28.17 2.31 38.27
C VAL B 772 -29.17 1.25 38.73
N ALA B 773 -29.57 1.32 40.00
CA ALA B 773 -30.46 0.32 40.58
C ALA B 773 -31.91 0.45 40.16
N ALA B 774 -32.31 1.59 39.61
CA ALA B 774 -33.71 1.84 39.28
C ALA B 774 -34.21 0.82 38.27
N ALA B 775 -35.48 0.43 38.45
CA ALA B 775 -36.05 -0.68 37.69
C ALA B 775 -36.04 -0.43 36.19
N GLU B 776 -36.25 0.83 35.77
CA GLU B 776 -36.39 1.13 34.35
C GLU B 776 -35.06 1.42 33.65
N THR B 777 -33.95 1.43 34.38
CA THR B 777 -32.65 1.63 33.76
C THR B 777 -32.33 0.48 32.81
N ALA B 778 -32.00 0.82 31.57
CA ALA B 778 -31.81 -0.17 30.52
C ALA B 778 -30.39 -0.22 30.01
N GLY B 779 -29.51 0.60 30.55
CA GLY B 779 -28.10 0.58 30.18
C GLY B 779 -27.36 1.60 31.02
N VAL B 780 -26.07 1.36 31.19
CA VAL B 780 -25.23 2.24 31.98
C VAL B 780 -23.96 2.51 31.22
N MET B 781 -23.59 3.79 31.14
CA MET B 781 -22.33 4.20 30.56
C MET B 781 -21.55 4.85 31.66
N PHE B 782 -20.37 4.32 31.96
CA PHE B 782 -19.64 4.72 33.15
C PHE B 782 -18.18 4.91 32.78
N THR B 783 -17.61 6.03 33.20
CA THR B 783 -16.17 6.26 33.10
C THR B 783 -15.70 6.66 34.48
N GLY B 784 -14.75 5.91 35.03
CA GLY B 784 -14.34 6.13 36.41
C GLY B 784 -13.47 4.99 36.89
N SER B 785 -13.50 4.75 38.21
CA SER B 785 -12.60 3.78 38.83
C SER B 785 -13.06 2.35 38.56
N THR B 786 -12.10 1.43 38.54
CA THR B 786 -12.44 0.02 38.41
C THR B 786 -13.34 -0.45 39.55
N GLU B 787 -13.08 0.03 40.78
CA GLU B 787 -13.86 -0.43 41.92
C GLU B 787 -15.33 -0.06 41.78
N VAL B 788 -15.63 1.17 41.36
CA VAL B 788 -17.02 1.56 41.20
C VAL B 788 -17.65 0.83 40.03
N ALA B 789 -16.89 0.65 38.94
CA ALA B 789 -17.43 -0.10 37.81
C ALA B 789 -17.85 -1.50 38.25
N ARG B 790 -17.06 -2.14 39.12
CA ARG B 790 -17.43 -3.48 39.60
C ARG B 790 -18.72 -3.43 40.39
N LEU B 791 -18.90 -2.40 41.21
CA LEU B 791 -20.12 -2.30 42.00
C LEU B 791 -21.34 -2.11 41.09
N ILE B 792 -21.18 -1.29 40.05
CA ILE B 792 -22.24 -1.10 39.07
C ILE B 792 -22.56 -2.41 38.37
N GLN B 793 -21.52 -3.12 37.94
CA GLN B 793 -21.73 -4.40 37.27
C GLN B 793 -22.50 -5.37 38.16
N ALA B 794 -22.16 -5.40 39.45
CA ALA B 794 -22.87 -6.27 40.38
C ALA B 794 -24.33 -5.85 40.53
N GLN B 795 -24.60 -4.55 40.61
CA GLN B 795 -25.98 -4.05 40.66
CA GLN B 795 -25.99 -4.12 40.69
C GLN B 795 -26.76 -4.53 39.44
N LEU B 796 -26.19 -4.29 38.25
CA LEU B 796 -26.90 -4.59 37.01
C LEU B 796 -27.16 -6.09 36.85
N ALA B 797 -26.22 -6.92 37.30
CA ALA B 797 -26.34 -8.36 37.13
C ALA B 797 -27.50 -8.94 37.92
N ASP B 798 -28.08 -8.21 38.86
CA ASP B 798 -29.26 -8.67 39.55
C ASP B 798 -30.54 -8.53 38.71
N ARG B 799 -30.50 -7.78 37.62
CA ARG B 799 -31.68 -7.44 36.83
C ARG B 799 -31.53 -7.97 35.41
N LEU B 800 -32.66 -8.03 34.71
CA LEU B 800 -32.65 -8.25 33.27
C LEU B 800 -33.44 -7.15 32.57
N SER B 801 -33.14 -6.97 31.29
CA SER B 801 -33.88 -6.02 30.47
C SER B 801 -35.31 -6.51 30.28
N PRO B 802 -36.21 -5.64 29.81
CA PRO B 802 -37.58 -6.08 29.51
C PRO B 802 -37.64 -7.32 28.63
N ALA B 803 -36.68 -7.48 27.73
CA ALA B 803 -36.62 -8.66 26.86
C ALA B 803 -35.84 -9.82 27.47
N GLY B 804 -35.53 -9.76 28.76
CA GLY B 804 -34.83 -10.85 29.44
C GLY B 804 -33.36 -11.01 29.09
N ARG B 805 -32.65 -9.92 28.90
CA ARG B 805 -31.26 -9.94 28.49
C ARG B 805 -30.43 -9.09 29.44
N PRO B 806 -29.13 -9.34 29.52
CA PRO B 806 -28.28 -8.53 30.39
C PRO B 806 -28.38 -7.04 30.06
N ILE B 807 -28.39 -6.22 31.09
CA ILE B 807 -28.36 -4.77 30.93
C ILE B 807 -26.95 -4.36 30.50
N PRO B 808 -26.79 -3.67 29.37
CA PRO B 808 -25.44 -3.34 28.90
C PRO B 808 -24.77 -2.34 29.82
N LEU B 809 -23.48 -2.56 30.05
CA LEU B 809 -22.62 -1.64 30.77
C LEU B 809 -21.42 -1.34 29.88
N ILE B 810 -21.21 -0.07 29.57
CA ILE B 810 -19.98 0.39 28.94
C ILE B 810 -19.17 1.08 30.02
N ALA B 811 -18.01 0.52 30.33
CA ALA B 811 -17.18 1.04 31.41
C ALA B 811 -15.78 1.29 30.87
N GLU B 812 -15.27 2.48 31.08
CA GLU B 812 -13.87 2.79 30.80
C GLU B 812 -13.23 3.11 32.14
N THR B 813 -12.16 2.38 32.48
CA THR B 813 -11.65 2.39 33.84
C THR B 813 -10.14 2.58 33.90
N GLY B 814 -9.56 3.36 32.99
CA GLY B 814 -8.18 3.78 33.19
C GLY B 814 -7.12 2.75 32.83
N GLY B 815 -5.91 2.98 33.32
CA GLY B 815 -4.79 2.18 32.85
C GLY B 815 -3.57 2.39 33.71
N GLN B 816 -2.57 1.56 33.45
CA GLN B 816 -1.23 1.73 34.03
C GLN B 816 -0.28 1.91 32.85
N ASN B 817 -0.38 3.08 32.22
CA ASN B 817 0.13 3.24 30.86
C ASN B 817 1.63 3.42 30.82
N ALA B 818 2.27 2.69 29.93
CA ALA B 818 3.72 2.70 29.81
C ALA B 818 4.15 3.29 28.48
N MET B 819 5.37 3.80 28.47
CA MET B 819 6.06 4.17 27.26
C MET B 819 7.42 3.50 27.27
N ILE B 820 7.74 2.81 26.18
CA ILE B 820 9.04 2.15 26.05
C ILE B 820 9.88 2.96 25.08
N VAL B 821 11.12 3.21 25.48
CA VAL B 821 12.05 4.07 24.74
C VAL B 821 13.33 3.27 24.55
N ASP B 822 13.78 3.11 23.31
CA ASP B 822 15.07 2.45 23.11
C ASP B 822 16.16 3.48 22.79
N SER B 823 17.37 2.98 22.54
CA SER B 823 18.52 3.86 22.35
C SER B 823 18.52 4.55 20.98
N SER B 824 17.61 4.20 20.09
CA SER B 824 17.51 4.88 18.81
C SER B 824 16.62 6.12 18.89
N ALA B 825 15.84 6.26 19.97
CA ALA B 825 14.93 7.37 20.09
C ALA B 825 15.69 8.67 20.30
N LEU B 826 15.11 9.77 19.81
CA LEU B 826 15.70 11.10 20.01
C LEU B 826 15.32 11.63 21.39
N ALA B 827 16.32 11.90 22.23
CA ALA B 827 16.05 12.23 23.62
C ALA B 827 15.13 13.45 23.75
N GLU B 828 15.40 14.51 23.00
CA GLU B 828 14.58 15.72 23.12
C GLU B 828 13.12 15.44 22.78
N GLN B 829 12.87 14.62 21.75
CA GLN B 829 11.51 14.23 21.41
C GLN B 829 10.87 13.42 22.53
N VAL B 830 11.60 12.42 23.03
CA VAL B 830 11.12 11.63 24.17
C VAL B 830 10.75 12.54 25.33
N VAL B 831 11.65 13.44 25.71
CA VAL B 831 11.42 14.25 26.90
C VAL B 831 10.18 15.12 26.72
N GLY B 832 10.05 15.76 25.55
CA GLY B 832 8.85 16.54 25.31
C GLY B 832 7.58 15.72 25.41
N ASP B 833 7.61 14.51 24.83
CA ASP B 833 6.41 13.67 24.87
C ASP B 833 6.16 13.10 26.25
N VAL B 834 7.20 12.93 27.07
CA VAL B 834 7.00 12.44 28.43
C VAL B 834 6.43 13.56 29.30
N ILE B 835 6.99 14.76 29.18
CA ILE B 835 6.49 15.90 29.96
C ILE B 835 5.03 16.13 29.67
N THR B 836 4.67 16.07 28.38
CA THR B 836 3.26 16.14 27.98
C THR B 836 2.46 14.99 28.57
N SER B 837 2.88 13.75 28.30
CA SER B 837 2.03 12.61 28.62
C SER B 837 1.86 12.42 30.12
N ALA B 838 2.91 12.69 30.90
CA ALA B 838 2.88 12.40 32.33
C ALA B 838 2.31 13.53 33.17
N PHE B 839 2.51 14.79 32.77
CA PHE B 839 2.24 15.90 33.67
C PHE B 839 1.20 16.89 33.15
N ASP B 840 0.88 16.86 31.86
CA ASP B 840 -0.28 17.58 31.35
C ASP B 840 -1.50 17.19 32.16
N SER B 841 -2.31 18.19 32.50
CA SER B 841 -3.55 17.96 33.26
C SER B 841 -3.24 17.38 34.63
N ALA B 842 -2.05 17.70 35.16
CA ALA B 842 -1.59 17.17 36.44
C ALA B 842 -1.66 15.65 36.46
N GLY B 843 -1.42 15.01 35.31
CA GLY B 843 -1.48 13.57 35.24
C GLY B 843 -2.84 12.97 35.53
N GLN B 844 -3.91 13.75 35.37
CA GLN B 844 -5.24 13.28 35.70
C GLN B 844 -5.99 12.75 34.48
N ARG B 845 -5.30 12.57 33.35
CA ARG B 845 -5.89 11.84 32.23
C ARG B 845 -5.82 10.34 32.49
N CYS B 846 -6.89 9.63 32.12
CA CYS B 846 -6.79 8.18 32.17
CA CYS B 846 -6.83 8.18 32.12
C CYS B 846 -5.72 7.67 31.21
N SER B 847 -5.42 8.44 30.16
CA SER B 847 -4.39 8.12 29.17
C SER B 847 -2.99 8.52 29.62
N ALA B 848 -2.85 9.14 30.79
CA ALA B 848 -1.55 9.69 31.21
C ALA B 848 -0.48 8.61 31.27
N LEU B 849 0.76 9.03 30.99
CA LEU B 849 1.92 8.15 31.11
C LEU B 849 2.24 7.90 32.59
N ARG B 850 2.26 6.64 32.99
CA ARG B 850 2.54 6.27 34.37
C ARG B 850 3.92 5.65 34.55
N VAL B 851 4.43 4.93 33.55
CA VAL B 851 5.68 4.20 33.67
C VAL B 851 6.49 4.46 32.41
N LEU B 852 7.61 5.15 32.56
CA LEU B 852 8.55 5.37 31.47
C LEU B 852 9.62 4.30 31.55
N CYS B 853 9.83 3.57 30.45
CA CYS B 853 10.78 2.46 30.40
C CYS B 853 11.93 2.84 29.47
N LEU B 854 13.11 3.01 30.03
CA LEU B 854 14.26 3.54 29.28
C LEU B 854 15.31 2.46 29.11
N GLN B 855 15.77 2.27 27.88
CA GLN B 855 16.87 1.35 27.65
C GLN B 855 18.09 1.81 28.46
N GLU B 856 18.74 0.83 29.12
CA GLU B 856 19.75 1.13 30.12
C GLU B 856 20.79 2.11 29.61
N ASP B 857 21.22 1.94 28.34
CA ASP B 857 22.35 2.71 27.82
C ASP B 857 22.05 4.20 27.66
N VAL B 858 20.78 4.59 27.57
CA VAL B 858 20.40 5.98 27.40
C VAL B 858 19.64 6.54 28.58
N ALA B 859 19.39 5.72 29.61
CA ALA B 859 18.48 6.13 30.69
C ALA B 859 18.99 7.36 31.44
N ASP B 860 20.28 7.36 31.82
CA ASP B 860 20.82 8.49 32.58
C ASP B 860 20.71 9.79 31.79
N ARG B 861 21.08 9.76 30.51
CA ARG B 861 21.05 10.99 29.73
C ARG B 861 19.61 11.50 29.55
N ILE B 862 18.66 10.61 29.30
CA ILE B 862 17.27 11.03 29.18
C ILE B 862 16.76 11.54 30.52
N LEU B 863 17.09 10.84 31.61
CA LEU B 863 16.65 11.28 32.94
C LEU B 863 17.19 12.66 33.29
N THR B 864 18.45 12.93 32.98
CA THR B 864 19.00 14.26 33.22
C THR B 864 18.22 15.31 32.42
N MET B 865 17.96 15.02 31.15
CA MET B 865 17.22 15.97 30.32
C MET B 865 15.79 16.13 30.81
N LEU B 866 15.15 15.02 31.21
CA LEU B 866 13.79 15.09 31.72
C LEU B 866 13.71 15.94 32.98
N LYS B 867 14.65 15.75 33.90
CA LYS B 867 14.64 16.54 35.12
C LYS B 867 14.89 18.01 34.82
N GLY B 868 15.78 18.31 33.89
CA GLY B 868 15.98 19.69 33.47
C GLY B 868 14.73 20.32 32.89
N ALA B 869 14.00 19.58 32.05
CA ALA B 869 12.76 20.11 31.49
C ALA B 869 11.70 20.27 32.57
N LEU B 870 11.67 19.35 33.53
CA LEU B 870 10.69 19.41 34.61
C LEU B 870 10.83 20.70 35.40
N HIS B 871 12.05 21.15 35.62
CA HIS B 871 12.22 22.31 36.48
C HIS B 871 11.85 23.62 35.79
N GLU B 872 11.53 23.59 34.50
CA GLU B 872 11.05 24.75 33.77
C GLU B 872 9.53 24.84 33.76
N LEU B 873 8.82 23.89 34.39
CA LEU B 873 7.36 23.95 34.42
C LEU B 873 6.86 24.92 35.48
N HIS B 874 5.77 25.60 35.16
CA HIS B 874 5.12 26.54 36.08
C HIS B 874 3.85 25.89 36.59
N ILE B 875 3.76 25.71 37.91
CA ILE B 875 2.60 25.12 38.56
C ILE B 875 1.83 26.19 39.29
N GLY B 876 0.54 26.29 39.01
CA GLY B 876 -0.26 27.22 39.77
C GLY B 876 -1.71 27.24 39.32
N ARG B 877 -2.43 28.22 39.84
CA ARG B 877 -3.82 28.43 39.42
C ARG B 877 -3.87 28.69 37.92
N THR B 878 -4.79 28.02 37.23
CA THR B 878 -4.70 27.88 35.78
C THR B 878 -5.37 29.02 35.02
N ASP B 879 -5.69 30.13 35.67
CA ASP B 879 -6.20 31.28 34.93
C ASP B 879 -5.08 32.21 34.46
N ARG B 880 -3.88 31.66 34.25
CA ARG B 880 -2.78 32.39 33.61
C ARG B 880 -2.21 31.51 32.51
N LEU B 881 -1.98 32.12 31.34
CA LEU B 881 -1.47 31.36 30.20
C LEU B 881 -0.12 30.72 30.51
N SER B 882 0.66 31.34 31.40
CA SER B 882 1.99 30.86 31.73
C SER B 882 1.98 29.60 32.59
N VAL B 883 0.83 29.13 33.06
CA VAL B 883 0.82 27.95 33.92
C VAL B 883 0.82 26.69 33.05
N ASP B 884 1.72 25.76 33.38
CA ASP B 884 1.83 24.51 32.66
C ASP B 884 1.07 23.37 33.32
N VAL B 885 1.06 23.36 34.65
CA VAL B 885 0.46 22.28 35.43
C VAL B 885 -0.39 22.92 36.51
N GLY B 886 -1.70 22.62 36.49
CA GLY B 886 -2.61 23.06 37.50
C GLY B 886 -2.75 22.11 38.67
N PRO B 887 -3.79 22.32 39.46
CA PRO B 887 -4.00 21.54 40.67
C PRO B 887 -4.56 20.16 40.37
N VAL B 888 -4.49 19.29 41.37
CA VAL B 888 -5.28 18.05 41.31
C VAL B 888 -6.66 18.40 41.86
N ILE B 889 -7.61 17.50 41.68
CA ILE B 889 -9.02 17.92 41.73
C ILE B 889 -9.50 18.19 43.15
N THR B 890 -9.01 17.41 44.14
CA THR B 890 -9.48 17.55 45.51
C THR B 890 -8.33 17.32 46.48
N SER B 891 -8.57 17.70 47.73
CA SER B 891 -7.61 17.40 48.78
CA SER B 891 -7.61 17.40 48.78
CA SER B 891 -7.61 17.41 48.79
C SER B 891 -7.48 15.89 48.98
N GLU B 892 -8.59 15.17 48.84
CA GLU B 892 -8.55 13.72 48.96
C GLU B 892 -7.66 13.11 47.89
N ALA B 893 -7.77 13.62 46.65
CA ALA B 893 -6.90 13.14 45.58
C ALA B 893 -5.45 13.43 45.90
N LYS B 894 -5.18 14.65 46.37
CA LYS B 894 -3.83 15.04 46.75
C LYS B 894 -3.29 14.13 47.86
N ASP B 895 -4.09 13.88 48.90
CA ASP B 895 -3.66 12.99 49.97
C ASP B 895 -3.28 11.61 49.44
N ASN B 896 -4.16 11.02 48.62
CA ASN B 896 -3.91 9.67 48.13
CA ASN B 896 -3.92 9.67 48.12
C ASN B 896 -2.64 9.60 47.29
N ILE B 897 -2.43 10.60 46.44
CA ILE B 897 -1.21 10.65 45.62
C ILE B 897 0.02 10.78 46.51
N GLU B 898 -0.05 11.69 47.50
CA GLU B 898 1.10 11.89 48.37
C GLU B 898 1.38 10.65 49.22
N LYS B 899 0.33 9.94 49.65
CA LYS B 899 0.54 8.70 50.41
C LYS B 899 1.37 7.70 49.60
N HIS B 900 1.11 7.64 48.29
CA HIS B 900 1.92 6.77 47.44
C HIS B 900 3.36 7.26 47.35
N ILE B 901 3.54 8.55 47.08
CA ILE B 901 4.89 9.11 46.94
C ILE B 901 5.71 8.86 48.20
N GLU B 902 5.08 9.06 49.36
CA GLU B 902 5.81 8.86 50.61
C GLU B 902 6.10 7.39 50.87
N ARG B 903 5.19 6.51 50.49
CA ARG B 903 5.45 5.07 50.62
C ARG B 903 6.62 4.66 49.74
N MET B 904 6.73 5.25 48.54
CA MET B 904 7.89 4.99 47.69
C MET B 904 9.15 5.59 48.29
N ARG B 905 9.07 6.82 48.81
CA ARG B 905 10.21 7.39 49.51
C ARG B 905 10.56 6.55 50.73
N GLY B 906 9.54 6.03 51.43
CA GLY B 906 9.80 5.17 52.58
C GLY B 906 10.58 3.93 52.22
N LEU B 907 10.44 3.46 50.98
CA LEU B 907 11.19 2.31 50.49
C LEU B 907 12.53 2.69 49.89
N GLY B 908 12.86 3.99 49.83
CA GLY B 908 14.19 4.42 49.43
C GLY B 908 14.42 4.66 47.96
N ARG B 909 13.41 5.09 47.22
CA ARG B 909 13.54 5.28 45.78
C ARG B 909 13.79 6.75 45.46
N LYS B 910 14.57 6.99 44.41
CA LYS B 910 14.89 8.37 44.01
C LYS B 910 13.62 9.11 43.60
N VAL B 911 13.33 10.21 44.28
CA VAL B 911 12.13 11.02 44.03
C VAL B 911 12.59 12.42 43.68
N GLU B 912 12.33 12.84 42.44
CA GLU B 912 12.55 14.20 42.00
C GLU B 912 11.21 14.94 42.01
N GLN B 913 11.19 16.14 42.59
CA GLN B 913 9.97 16.93 42.60
C GLN B 913 10.29 18.39 42.30
N ILE B 914 9.43 19.01 41.48
CA ILE B 914 9.41 20.46 41.38
C ILE B 914 9.06 21.09 42.73
N GLY B 915 9.64 22.25 43.01
CA GLY B 915 9.19 23.04 44.14
C GLY B 915 7.93 23.81 43.79
N LEU B 916 7.00 23.86 44.74
CA LEU B 916 5.74 24.58 44.55
C LEU B 916 5.86 26.01 45.07
N ALA B 917 5.29 26.95 44.34
CA ALA B 917 5.24 28.32 44.83
C ALA B 917 4.27 28.42 46.01
N SER B 918 4.46 29.47 46.82
CA SER B 918 3.63 29.63 48.01
C SER B 918 2.16 29.83 47.66
N GLU B 919 1.88 30.42 46.49
CA GLU B 919 0.50 30.65 46.08
C GLU B 919 -0.27 29.35 45.85
N THR B 920 0.40 28.20 45.82
CA THR B 920 -0.31 26.94 45.65
C THR B 920 -1.04 26.51 46.92
N GLY B 921 -0.63 27.02 48.09
CA GLY B 921 -1.20 26.57 49.35
C GLY B 921 -2.70 26.78 49.48
N VAL B 922 -3.25 27.74 48.74
CA VAL B 922 -4.70 27.95 48.80
C VAL B 922 -5.46 26.95 47.96
N GLY B 923 -4.78 26.16 47.14
CA GLY B 923 -5.44 25.13 46.36
C GLY B 923 -4.89 23.75 46.69
N THR B 924 -5.16 22.76 45.84
CA THR B 924 -4.70 21.39 46.07
C THR B 924 -3.76 20.98 44.94
N PHE B 925 -2.46 21.14 45.18
CA PHE B 925 -1.46 20.87 44.15
C PHE B 925 -0.53 19.76 44.58
N VAL B 926 -0.11 18.97 43.60
CA VAL B 926 0.95 17.99 43.74
C VAL B 926 2.02 18.36 42.72
N PRO B 927 3.27 18.52 43.12
CA PRO B 927 4.32 18.85 42.14
C PRO B 927 4.55 17.68 41.22
N PRO B 928 4.82 17.94 39.95
CA PRO B 928 5.31 16.88 39.07
C PRO B 928 6.45 16.14 39.73
N THR B 929 6.36 14.82 39.70
CA THR B 929 7.20 13.94 40.49
C THR B 929 7.72 12.84 39.58
N ILE B 930 9.01 12.53 39.70
CA ILE B 930 9.64 11.41 39.01
C ILE B 930 10.10 10.43 40.07
N ILE B 931 9.66 9.18 39.95
CA ILE B 931 10.03 8.11 40.89
C ILE B 931 10.71 7.01 40.11
N GLU B 932 11.97 6.74 40.44
CA GLU B 932 12.73 5.69 39.77
C GLU B 932 12.51 4.38 40.49
N LEU B 933 12.01 3.37 39.77
CA LEU B 933 11.66 2.07 40.31
C LEU B 933 12.64 1.01 39.82
N GLU B 934 12.68 -0.10 40.56
CA GLU B 934 13.53 -1.22 40.15
C GLU B 934 12.83 -2.08 39.10
N LYS B 935 11.60 -2.49 39.37
CA LYS B 935 10.82 -3.31 38.46
C LYS B 935 9.43 -2.71 38.30
N LEU B 936 8.79 -2.98 37.17
CA LEU B 936 7.44 -2.46 36.95
C LEU B 936 6.48 -2.96 38.03
N SER B 937 6.68 -4.18 38.52
CA SER B 937 5.80 -4.73 39.55
C SER B 937 5.95 -4.03 40.89
N ASP B 938 6.92 -3.12 41.05
CA ASP B 938 6.96 -2.26 42.22
C ASP B 938 5.75 -1.33 42.29
N LEU B 939 5.10 -1.09 41.15
CA LEU B 939 3.92 -0.25 41.08
C LEU B 939 2.69 -1.13 41.25
N GLN B 940 2.00 -0.99 42.38
CA GLN B 940 0.95 -1.91 42.77
C GLN B 940 -0.45 -1.34 42.61
N ARG B 941 -0.59 -0.06 42.29
CA ARG B 941 -1.91 0.53 42.13
C ARG B 941 -1.78 1.76 41.25
N GLU B 942 -2.89 2.13 40.61
CA GLU B 942 -2.91 3.34 39.80
C GLU B 942 -2.76 4.55 40.72
N VAL B 943 -1.91 5.48 40.32
CA VAL B 943 -1.65 6.71 41.09
C VAL B 943 -2.06 7.84 40.15
N PHE B 944 -3.22 8.42 40.42
CA PHE B 944 -3.91 9.27 39.46
C PHE B 944 -3.51 10.74 39.66
N GLY B 945 -2.24 11.00 39.36
CA GLY B 945 -1.67 12.30 39.59
C GLY B 945 -0.42 12.50 38.75
N PRO B 946 0.28 13.61 38.98
CA PRO B 946 1.47 13.91 38.14
C PRO B 946 2.71 13.19 38.64
N VAL B 947 2.65 11.87 38.60
CA VAL B 947 3.68 11.02 39.21
C VAL B 947 4.15 10.05 38.15
N LEU B 948 5.35 10.28 37.64
CA LEU B 948 5.92 9.42 36.62
C LEU B 948 6.86 8.43 37.29
N HIS B 949 6.69 7.15 36.99
CA HIS B 949 7.61 6.12 37.46
C HIS B 949 8.55 5.77 36.31
N VAL B 950 9.80 5.48 36.63
CA VAL B 950 10.81 5.22 35.60
C VAL B 950 11.48 3.89 35.90
N ILE B 951 11.52 3.01 34.90
CA ILE B 951 12.28 1.78 35.01
C ILE B 951 13.29 1.72 33.88
N ARG B 952 14.36 0.98 34.11
CA ARG B 952 15.43 0.76 33.14
C ARG B 952 15.38 -0.69 32.69
N TYR B 953 15.67 -0.93 31.42
CA TYR B 953 15.68 -2.30 30.90
C TYR B 953 16.86 -2.50 29.95
N ARG B 954 17.36 -3.72 29.93
CA ARG B 954 18.33 -4.14 28.91
C ARG B 954 17.57 -4.51 27.64
N ARG B 955 18.13 -4.12 26.47
CA ARG B 955 17.43 -4.38 25.22
C ARG B 955 17.15 -5.87 25.02
N ASP B 956 18.03 -6.74 25.50
CA ASP B 956 17.79 -8.18 25.41
C ASP B 956 16.56 -8.60 26.19
N ASP B 957 16.09 -7.77 27.11
CA ASP B 957 14.94 -8.09 27.93
C ASP B 957 13.68 -7.41 27.45
N LEU B 958 13.68 -6.87 26.22
CA LEU B 958 12.53 -6.11 25.74
C LEU B 958 11.25 -6.95 25.77
N ASP B 959 11.33 -8.21 25.33
CA ASP B 959 10.11 -9.01 25.30
C ASP B 959 9.57 -9.24 26.70
N ARG B 960 10.45 -9.47 27.67
CA ARG B 960 10.00 -9.62 29.06
C ARG B 960 9.40 -8.32 29.59
N LEU B 961 9.96 -7.18 29.16
CA LEU B 961 9.41 -5.89 29.57
C LEU B 961 7.99 -5.71 29.05
N VAL B 962 7.76 -6.10 27.79
CA VAL B 962 6.40 -6.06 27.26
C VAL B 962 5.49 -6.95 28.09
N ASP B 963 5.99 -8.14 28.50
CA ASP B 963 5.23 -8.99 29.42
C ASP B 963 4.93 -8.24 30.71
N ASP B 964 5.94 -7.58 31.26
CA ASP B 964 5.76 -6.83 32.50
C ASP B 964 4.69 -5.76 32.35
N VAL B 965 4.67 -5.07 31.21
CA VAL B 965 3.65 -4.05 31.00
C VAL B 965 2.27 -4.69 30.93
N ASN B 966 2.12 -5.77 30.15
CA ASN B 966 0.84 -6.45 30.05
C ASN B 966 0.40 -7.08 31.36
N ALA B 967 1.34 -7.44 32.24
CA ALA B 967 1.00 -8.19 33.43
C ALA B 967 0.18 -7.38 34.44
N THR B 968 0.13 -6.05 34.30
CA THR B 968 -0.70 -5.28 35.24
C THR B 968 -2.17 -5.61 35.07
N GLY B 969 -2.56 -6.18 33.93
CA GLY B 969 -3.95 -6.43 33.61
C GLY B 969 -4.65 -5.30 32.91
N TYR B 970 -4.04 -4.12 32.88
CA TYR B 970 -4.56 -2.97 32.17
C TYR B 970 -4.11 -3.00 30.71
N GLY B 971 -4.72 -2.12 29.90
CA GLY B 971 -4.32 -2.05 28.52
C GLY B 971 -5.00 -0.89 27.83
N LEU B 972 -4.72 0.33 28.32
CA LEU B 972 -5.37 1.50 27.74
C LEU B 972 -4.46 2.17 26.73
N THR B 973 -3.59 3.08 27.17
CA THR B 973 -2.65 3.69 26.24
C THR B 973 -1.25 3.11 26.43
N PHE B 974 -0.45 3.26 25.38
CA PHE B 974 0.90 2.72 25.34
C PHE B 974 1.69 3.50 24.30
N GLY B 975 2.92 3.86 24.65
CA GLY B 975 3.79 4.60 23.75
C GLY B 975 5.07 3.85 23.48
N LEU B 976 5.58 4.01 22.25
CA LEU B 976 6.86 3.43 21.88
C LEU B 976 7.64 4.51 21.15
N HIS B 977 8.85 4.81 21.62
CA HIS B 977 9.77 5.69 20.93
C HIS B 977 10.93 4.85 20.42
N THR B 978 11.00 4.71 19.11
CA THR B 978 12.09 4.00 18.45
C THR B 978 12.10 4.40 16.98
N ARG B 979 13.27 4.32 16.37
CA ARG B 979 13.34 4.54 14.94
C ARG B 979 13.36 3.24 14.15
N LEU B 980 13.33 2.10 14.83
CA LEU B 980 13.67 0.81 14.22
C LEU B 980 12.41 0.01 13.92
N ASP B 981 12.22 -0.34 12.64
CA ASP B 981 11.02 -1.07 12.23
C ASP B 981 10.89 -2.40 12.94
N GLU B 982 12.00 -3.10 13.18
CA GLU B 982 11.89 -4.39 13.86
C GLU B 982 11.35 -4.22 15.27
N THR B 983 11.79 -3.19 15.97
CA THR B 983 11.31 -2.95 17.33
C THR B 983 9.85 -2.55 17.32
N ILE B 984 9.46 -1.70 16.37
CA ILE B 984 8.05 -1.36 16.21
C ILE B 984 7.22 -2.62 15.98
N ALA B 985 7.65 -3.49 15.07
CA ALA B 985 6.84 -4.66 14.77
C ALA B 985 6.76 -5.58 15.98
N HIS B 986 7.89 -5.79 16.64
CA HIS B 986 7.92 -6.65 17.83
C HIS B 986 7.01 -6.10 18.91
N VAL B 987 7.19 -4.84 19.29
CA VAL B 987 6.45 -4.31 20.44
C VAL B 987 4.97 -4.20 20.13
N THR B 988 4.60 -3.72 18.94
CA THR B 988 3.18 -3.54 18.66
C THR B 988 2.48 -4.88 18.50
N SER B 989 3.19 -5.93 18.09
CA SER B 989 2.57 -7.24 17.98
C SER B 989 2.39 -7.94 19.33
N ARG B 990 3.12 -7.51 20.36
CA ARG B 990 3.09 -8.21 21.64
C ARG B 990 2.42 -7.42 22.75
N ILE B 991 2.35 -6.09 22.62
CA ILE B 991 1.67 -5.29 23.63
C ILE B 991 0.17 -5.50 23.52
N LYS B 992 -0.53 -5.45 24.64
CA LYS B 992 -1.97 -5.67 24.69
C LYS B 992 -2.63 -4.40 25.21
N ALA B 993 -2.64 -3.36 24.39
CA ALA B 993 -3.25 -2.09 24.80
C ALA B 993 -4.13 -1.60 23.67
N GLY B 994 -5.15 -0.81 24.04
CA GLY B 994 -6.12 -0.40 23.03
C GLY B 994 -5.73 0.79 22.20
N ASN B 995 -4.85 1.65 22.71
CA ASN B 995 -4.42 2.86 22.03
C ASN B 995 -2.91 2.92 22.06
N LEU B 996 -2.30 2.66 20.91
CA LEU B 996 -0.85 2.67 20.75
C LEU B 996 -0.42 3.97 20.10
N TYR B 997 0.74 4.47 20.51
CA TYR B 997 1.28 5.72 20.00
C TYR B 997 2.75 5.53 19.73
N ILE B 998 3.17 5.83 18.51
CA ILE B 998 4.54 5.56 18.07
C ILE B 998 5.21 6.89 17.78
N ASN B 999 6.28 7.17 18.53
CA ASN B 999 7.09 8.38 18.35
C ASN B 999 6.27 9.65 18.53
N ARG B 1000 5.37 9.64 19.51
CA ARG B 1000 4.57 10.80 19.86
C ARG B 1000 4.09 10.62 21.30
N ASN B 1001 3.41 11.65 21.82
CA ASN B 1001 2.86 11.51 23.16
C ASN B 1001 1.69 10.52 23.13
N ILE B 1002 1.19 10.16 24.31
CA ILE B 1002 0.17 9.12 24.37
C ILE B 1002 -1.17 9.67 24.85
N ILE B 1003 -1.36 10.98 24.82
CA ILE B 1003 -2.56 11.60 25.36
C ILE B 1003 -3.33 12.33 24.27
N GLY B 1004 -4.52 12.79 24.64
CA GLY B 1004 -5.35 13.56 23.73
C GLY B 1004 -5.88 12.79 22.54
N ALA B 1005 -6.36 11.57 22.76
CA ALA B 1005 -6.95 10.78 21.68
C ALA B 1005 -8.06 11.57 21.00
N VAL B 1006 -8.05 11.55 19.67
CA VAL B 1006 -8.92 12.38 18.86
C VAL B 1006 -10.09 11.54 18.36
N VAL B 1007 -11.30 12.04 18.59
CA VAL B 1007 -12.52 11.34 18.18
C VAL B 1007 -12.46 10.94 16.72
N GLY B 1008 -12.78 9.68 16.44
CA GLY B 1008 -12.80 9.16 15.08
C GLY B 1008 -11.47 9.06 14.39
N VAL B 1009 -10.39 9.41 15.07
CA VAL B 1009 -9.03 9.31 14.53
C VAL B 1009 -8.19 8.34 15.35
N GLN B 1010 -8.21 8.50 16.68
CA GLN B 1010 -7.82 7.45 17.62
C GLN B 1010 -9.02 7.11 18.49
N PRO B 1011 -9.96 6.31 17.97
CA PRO B 1011 -11.01 5.77 18.84
C PRO B 1011 -10.38 5.21 20.11
N PHE B 1012 -10.99 5.51 21.25
CA PHE B 1012 -10.29 5.44 22.52
C PHE B 1012 -10.95 4.40 23.43
N GLY B 1013 -10.12 3.54 23.98
CA GLY B 1013 -10.58 2.55 24.94
C GLY B 1013 -9.69 1.33 24.84
N GLY B 1014 -9.68 0.57 25.92
CA GLY B 1014 -8.82 -0.58 26.02
C GLY B 1014 -9.57 -1.83 26.47
N ARG B 1015 -8.81 -2.73 27.07
CA ARG B 1015 -9.24 -4.06 27.40
C ARG B 1015 -8.82 -4.38 28.82
N GLY B 1016 -9.17 -5.58 29.26
CA GLY B 1016 -8.78 -5.99 30.61
C GLY B 1016 -9.37 -5.06 31.65
N LEU B 1017 -8.54 -4.67 32.60
CA LEU B 1017 -8.96 -3.76 33.66
C LEU B 1017 -9.20 -2.34 33.17
N SER B 1018 -8.91 -2.07 31.89
CA SER B 1018 -9.15 -0.75 31.33
C SER B 1018 -10.58 -0.56 30.86
N GLY B 1019 -11.33 -1.63 30.70
CA GLY B 1019 -12.76 -1.49 30.50
C GLY B 1019 -13.32 -2.55 29.60
N THR B 1020 -14.58 -2.32 29.21
CA THR B 1020 -15.38 -3.26 28.44
C THR B 1020 -15.28 -3.02 26.95
N GLY B 1021 -15.01 -1.79 26.55
CA GLY B 1021 -15.31 -1.39 25.20
C GLY B 1021 -16.82 -1.31 25.04
N PRO B 1022 -17.29 -0.97 23.83
CA PRO B 1022 -16.47 -0.60 22.68
C PRO B 1022 -15.83 0.79 22.84
N LYS B 1023 -14.92 1.12 21.93
CA LYS B 1023 -14.19 2.39 22.01
C LYS B 1023 -15.11 3.59 21.83
N ALA B 1024 -14.95 4.58 22.71
CA ALA B 1024 -15.53 5.89 22.48
C ALA B 1024 -14.92 6.55 21.25
N GLY B 1025 -15.73 7.32 20.53
CA GLY B 1025 -15.21 7.94 19.32
C GLY B 1025 -14.86 6.95 18.25
N GLY B 1026 -15.46 5.76 18.29
CA GLY B 1026 -15.24 4.75 17.28
C GLY B 1026 -16.55 4.17 16.78
N PRO B 1027 -16.45 3.32 15.76
CA PRO B 1027 -17.63 2.96 14.96
C PRO B 1027 -18.48 1.87 15.57
N LEU B 1028 -18.02 1.21 16.63
CA LEU B 1028 -18.80 0.18 17.30
C LEU B 1028 -19.62 0.73 18.45
N TYR B 1029 -19.42 2.01 18.80
CA TYR B 1029 -19.96 2.54 20.05
C TYR B 1029 -21.48 2.55 20.03
N LEU B 1030 -22.07 3.15 18.99
CA LEU B 1030 -23.53 3.31 18.97
C LEU B 1030 -24.23 1.96 18.98
N GLY B 1031 -23.61 0.95 18.35
CA GLY B 1031 -24.21 -0.37 18.28
C GLY B 1031 -24.46 -1.01 19.64
N ARG B 1032 -23.76 -0.56 20.67
CA ARG B 1032 -23.95 -1.11 22.00
C ARG B 1032 -25.16 -0.51 22.69
N LEU B 1033 -25.72 0.57 22.14
CA LEU B 1033 -26.76 1.36 22.78
C LEU B 1033 -28.10 1.15 22.11
N VAL B 1034 -28.22 0.11 21.27
CA VAL B 1034 -29.47 -0.31 20.67
C VAL B 1034 -29.58 -1.82 20.88
N THR B 1035 -30.80 -2.33 20.76
CA THR B 1035 -31.02 -3.74 21.04
C THR B 1035 -30.62 -4.62 19.87
N THR B 1036 -30.55 -4.06 18.66
CA THR B 1036 -30.05 -4.75 17.47
C THR B 1036 -29.00 -3.85 16.85
N ALA B 1037 -27.73 -4.31 16.85
CA ALA B 1037 -26.66 -3.43 16.39
C ALA B 1037 -26.66 -3.33 14.86
N PRO B 1038 -26.35 -2.16 14.32
CA PRO B 1038 -26.21 -2.01 12.87
C PRO B 1038 -24.83 -2.47 12.43
N VAL B 1039 -24.63 -2.47 11.11
CA VAL B 1039 -23.31 -2.73 10.52
C VAL B 1039 -22.59 -1.40 10.44
N PRO B 1040 -21.52 -1.19 11.19
CA PRO B 1040 -20.83 0.09 11.16
C PRO B 1040 -20.22 0.35 9.80
N PRO B 1041 -19.99 1.62 9.45
CA PRO B 1041 -19.24 1.93 8.24
C PRO B 1041 -17.91 1.19 8.20
N GLN B 1042 -17.57 0.66 7.02
CA GLN B 1042 -16.28 0.04 6.75
C GLN B 1042 -16.04 -1.23 7.55
N HIS B 1043 -17.05 -1.75 8.22
CA HIS B 1043 -16.90 -2.87 9.17
C HIS B 1043 -17.09 -4.18 8.42
N SER B 1044 -15.98 -4.75 7.93
CA SER B 1044 -15.99 -6.03 7.22
C SER B 1044 -14.54 -6.50 7.18
N SER B 1045 -14.37 -7.77 6.82
CA SER B 1045 -13.04 -8.32 6.62
C SER B 1045 -13.12 -9.41 5.57
N VAL B 1046 -12.10 -9.49 4.71
CA VAL B 1046 -12.06 -10.54 3.69
C VAL B 1046 -11.46 -11.82 4.23
N HIS B 1047 -10.97 -11.81 5.45
CA HIS B 1047 -10.29 -12.96 6.02
C HIS B 1047 -11.27 -13.86 6.76
N THR B 1048 -11.01 -15.16 6.69
CA THR B 1048 -11.82 -16.15 7.38
C THR B 1048 -10.94 -16.92 8.34
N ASP B 1049 -11.38 -17.01 9.58
CA ASP B 1049 -10.58 -17.71 10.58
C ASP B 1049 -10.44 -19.17 10.17
N PRO B 1050 -9.21 -19.71 10.15
CA PRO B 1050 -9.02 -21.09 9.66
C PRO B 1050 -9.58 -22.14 10.61
N VAL B 1051 -9.59 -21.84 11.91
CA VAL B 1051 -10.15 -22.80 12.86
C VAL B 1051 -11.67 -22.84 12.73
N LEU B 1052 -12.29 -21.68 12.47
CA LEU B 1052 -13.71 -21.67 12.13
C LEU B 1052 -13.99 -22.56 10.93
N LEU B 1053 -13.16 -22.44 9.88
CA LEU B 1053 -13.36 -23.28 8.70
C LEU B 1053 -13.26 -24.75 9.03
N ASP B 1054 -12.26 -25.12 9.84
CA ASP B 1054 -12.14 -26.52 10.26
C ASP B 1054 -13.35 -26.96 11.05
N PHE B 1055 -13.88 -26.08 11.91
CA PHE B 1055 -15.07 -26.40 12.69
C PHE B 1055 -16.28 -26.61 11.79
N ALA B 1056 -16.43 -25.75 10.77
CA ALA B 1056 -17.54 -25.90 9.85
C ALA B 1056 -17.50 -27.25 9.13
N LYS B 1057 -16.32 -27.68 8.70
CA LYS B 1057 -16.20 -28.97 8.05
C LYS B 1057 -16.54 -30.11 9.00
N TRP B 1058 -16.09 -30.00 10.26
CA TRP B 1058 -16.43 -31.01 11.26
C TRP B 1058 -17.94 -31.10 11.44
N LEU B 1059 -18.62 -29.94 11.52
CA LEU B 1059 -20.07 -29.94 11.67
C LEU B 1059 -20.76 -30.62 10.49
N ASP B 1060 -20.31 -30.32 9.27
CA ASP B 1060 -20.91 -30.96 8.10
C ASP B 1060 -20.71 -32.46 8.11
N GLY B 1061 -19.52 -32.92 8.54
CA GLY B 1061 -19.28 -34.35 8.60
C GLY B 1061 -20.20 -35.06 9.57
N LYS B 1062 -20.69 -34.35 10.59
CA LYS B 1062 -21.66 -34.88 11.54
C LYS B 1062 -23.10 -34.73 11.09
N GLY B 1063 -23.33 -34.06 9.97
CA GLY B 1063 -24.69 -33.80 9.54
C GLY B 1063 -25.40 -32.71 10.32
N ALA B 1064 -24.65 -31.87 11.04
CA ALA B 1064 -25.24 -30.73 11.74
C ALA B 1064 -25.32 -29.57 10.76
N ARG B 1065 -26.32 -29.65 9.87
CA ARG B 1065 -26.34 -28.78 8.69
C ARG B 1065 -26.67 -27.34 9.05
N ALA B 1066 -27.67 -27.13 9.91
CA ALA B 1066 -27.99 -25.77 10.35
C ALA B 1066 -26.78 -25.12 11.02
N GLU B 1067 -26.07 -25.86 11.86
CA GLU B 1067 -24.94 -25.30 12.58
C GLU B 1067 -23.76 -25.04 11.66
N ALA B 1068 -23.49 -25.96 10.73
CA ALA B 1068 -22.44 -25.74 9.75
C ALA B 1068 -22.71 -24.47 8.94
N GLU B 1069 -23.96 -24.28 8.51
CA GLU B 1069 -24.31 -23.05 7.81
C GLU B 1069 -24.10 -21.83 8.71
N ALA B 1070 -24.52 -21.93 9.98
CA ALA B 1070 -24.30 -20.82 10.90
C ALA B 1070 -22.82 -20.54 11.07
N ALA B 1071 -22.00 -21.60 11.10
CA ALA B 1071 -20.56 -21.40 11.23
C ALA B 1071 -19.99 -20.67 10.01
N ARG B 1072 -20.39 -21.10 8.81
CA ARG B 1072 -19.92 -20.43 7.59
CA ARG B 1072 -19.90 -20.43 7.61
C ARG B 1072 -20.36 -18.97 7.56
N ASN B 1073 -21.60 -18.71 8.00
CA ASN B 1073 -22.09 -17.33 7.99
C ASN B 1073 -21.34 -16.48 9.01
N ALA B 1074 -21.02 -17.05 10.18
CA ALA B 1074 -20.19 -16.33 11.15
C ALA B 1074 -18.80 -16.06 10.58
N GLY B 1075 -18.21 -17.05 9.90
CA GLY B 1075 -16.89 -16.84 9.34
C GLY B 1075 -16.84 -15.68 8.37
N SER B 1076 -17.92 -15.49 7.60
CA SER B 1076 -17.92 -14.42 6.60
C SER B 1076 -18.26 -13.08 7.23
N SER B 1077 -19.24 -13.04 8.11
CA SER B 1077 -19.66 -11.75 8.67
C SER B 1077 -18.69 -11.23 9.72
N SER B 1078 -17.86 -12.10 10.31
CA SER B 1078 -16.84 -11.64 11.24
C SER B 1078 -15.99 -10.55 10.61
N ALA B 1079 -15.70 -9.51 11.37
CA ALA B 1079 -14.80 -8.46 10.90
C ALA B 1079 -13.40 -8.62 11.46
N LEU B 1080 -13.09 -9.78 12.06
CA LEU B 1080 -11.73 -10.07 12.47
C LEU B 1080 -10.77 -9.86 11.31
N GLY B 1081 -9.71 -9.08 11.53
CA GLY B 1081 -8.75 -8.81 10.48
C GLY B 1081 -8.96 -7.49 9.79
N LEU B 1082 -10.03 -6.77 10.11
CA LEU B 1082 -10.21 -5.41 9.66
CA LEU B 1082 -10.20 -5.42 9.61
C LEU B 1082 -8.94 -4.62 9.90
N ASP B 1083 -8.53 -3.82 8.91
CA ASP B 1083 -7.26 -3.11 9.02
C ASP B 1083 -7.39 -1.84 8.19
N LEU B 1084 -7.68 -0.73 8.85
CA LEU B 1084 -8.06 0.51 8.17
C LEU B 1084 -7.11 1.63 8.55
N GLU B 1085 -6.92 2.58 7.63
CA GLU B 1085 -6.33 3.86 7.97
C GLU B 1085 -7.43 4.91 8.03
N LEU B 1086 -7.53 5.61 9.16
CA LEU B 1086 -8.55 6.64 9.36
C LEU B 1086 -8.04 8.02 8.92
N PRO B 1087 -8.90 8.80 8.29
CA PRO B 1087 -8.51 10.16 7.89
C PRO B 1087 -8.14 10.99 9.10
N GLY B 1088 -7.10 11.81 8.94
CA GLY B 1088 -6.61 12.62 10.01
C GLY B 1088 -5.57 13.60 9.49
N PRO B 1089 -4.79 14.16 10.41
CA PRO B 1089 -3.81 15.18 10.02
C PRO B 1089 -2.66 14.59 9.22
N VAL B 1090 -2.03 15.46 8.42
CA VAL B 1090 -0.79 15.04 7.77
C VAL B 1090 0.27 14.77 8.84
N GLY B 1091 1.29 14.02 8.45
CA GLY B 1091 2.37 13.73 9.38
C GLY B 1091 2.02 12.70 10.42
N GLU B 1092 0.86 12.04 10.27
CA GLU B 1092 0.45 10.95 11.13
C GLU B 1092 -0.19 9.88 10.29
N ARG B 1093 -0.08 8.65 10.76
CA ARG B 1093 -0.84 7.53 10.20
C ARG B 1093 -1.63 6.93 11.34
N ASN B 1094 -2.95 6.98 11.22
CA ASN B 1094 -3.85 6.60 12.29
C ASN B 1094 -4.59 5.35 11.85
N LEU B 1095 -4.29 4.23 12.52
CA LEU B 1095 -4.73 2.93 12.09
C LEU B 1095 -5.74 2.36 13.07
N TYR B 1096 -6.62 1.52 12.55
CA TYR B 1096 -7.70 0.93 13.34
C TYR B 1096 -7.87 -0.49 12.87
N THR B 1097 -7.76 -1.44 13.80
CA THR B 1097 -7.71 -2.85 13.47
C THR B 1097 -8.58 -3.64 14.42
N LEU B 1098 -9.09 -4.77 13.94
CA LEU B 1098 -9.92 -5.65 14.76
C LEU B 1098 -9.22 -6.99 14.93
N HIS B 1099 -9.02 -7.38 16.18
CA HIS B 1099 -8.30 -8.57 16.59
C HIS B 1099 -9.21 -9.49 17.38
N ALA B 1100 -8.76 -10.72 17.58
CA ALA B 1100 -9.45 -11.60 18.51
C ALA B 1100 -9.42 -10.98 19.91
N ARG B 1101 -10.44 -11.31 20.70
CA ARG B 1101 -10.49 -10.79 22.08
C ARG B 1101 -9.62 -11.59 23.02
N GLY B 1102 -9.59 -12.92 22.86
CA GLY B 1102 -8.91 -13.76 23.82
C GLY B 1102 -9.66 -15.07 24.05
N ARG B 1103 -9.81 -15.48 25.30
CA ARG B 1103 -10.56 -16.69 25.63
C ARG B 1103 -11.95 -16.28 26.08
N ILE B 1104 -12.97 -16.81 25.41
CA ILE B 1104 -14.36 -16.46 25.69
C ILE B 1104 -14.96 -17.54 26.55
N LEU B 1105 -15.61 -17.14 27.63
CA LEU B 1105 -16.35 -18.10 28.45
C LEU B 1105 -17.64 -18.47 27.74
N LEU B 1106 -17.83 -19.74 27.49
CA LEU B 1106 -19.06 -20.25 26.89
C LEU B 1106 -19.88 -20.95 27.95
N VAL B 1107 -21.12 -20.52 28.10
CA VAL B 1107 -22.00 -21.14 29.08
C VAL B 1107 -23.20 -21.66 28.28
N PRO B 1108 -23.06 -22.80 27.62
CA PRO B 1108 -24.16 -23.34 26.82
C PRO B 1108 -25.17 -24.09 27.69
N ALA B 1109 -26.37 -24.24 27.12
CA ALA B 1109 -27.40 -25.11 27.67
C ALA B 1109 -27.65 -26.34 26.82
N THR B 1110 -27.55 -26.21 25.50
CA THR B 1110 -27.85 -27.31 24.60
C THR B 1110 -26.68 -27.52 23.64
N GLU B 1111 -26.63 -28.72 23.06
CA GLU B 1111 -25.59 -29.03 22.08
C GLU B 1111 -25.61 -28.05 20.92
N SER B 1112 -26.77 -27.82 20.31
CA SER B 1112 -26.83 -26.84 19.23
C SER B 1112 -26.41 -25.46 19.70
N GLY B 1113 -26.85 -25.08 20.90
CA GLY B 1113 -26.40 -23.82 21.50
C GLY B 1113 -24.89 -23.73 21.56
N LEU B 1114 -24.23 -24.80 22.03
CA LEU B 1114 -22.78 -24.80 22.11
C LEU B 1114 -22.14 -24.65 20.72
N TYR B 1115 -22.66 -25.36 19.72
CA TYR B 1115 -22.09 -25.23 18.38
C TYR B 1115 -22.19 -23.81 17.87
N HIS B 1116 -23.33 -23.17 18.11
CA HIS B 1116 -23.49 -21.77 17.68
C HIS B 1116 -22.56 -20.85 18.44
N GLN B 1117 -22.42 -21.05 19.75
CA GLN B 1117 -21.47 -20.25 20.51
C GLN B 1117 -20.05 -20.46 20.02
N LEU B 1118 -19.66 -21.72 19.78
CA LEU B 1118 -18.33 -21.99 19.25
C LEU B 1118 -18.13 -21.31 17.90
N ALA B 1119 -19.13 -21.39 17.03
CA ALA B 1119 -19.03 -20.75 15.71
C ALA B 1119 -18.73 -19.27 15.85
N ALA B 1120 -19.50 -18.58 16.70
CA ALA B 1120 -19.30 -17.14 16.87
C ALA B 1120 -17.93 -16.84 17.45
N ALA B 1121 -17.49 -17.61 18.46
CA ALA B 1121 -16.22 -17.32 19.09
C ALA B 1121 -15.06 -17.65 18.15
N LEU B 1122 -15.17 -18.76 17.42
CA LEU B 1122 -14.06 -19.16 16.55
C LEU B 1122 -13.95 -18.23 15.35
N ALA B 1123 -15.09 -17.80 14.82
CA ALA B 1123 -15.08 -16.92 13.64
C ALA B 1123 -14.42 -15.58 13.93
N THR B 1124 -14.42 -15.16 15.20
CA THR B 1124 -13.77 -13.93 15.61
C THR B 1124 -12.40 -14.19 16.23
N GLY B 1125 -11.84 -15.38 16.02
CA GLY B 1125 -10.44 -15.61 16.32
C GLY B 1125 -10.16 -16.04 17.74
N ASN B 1126 -11.19 -16.28 18.53
CA ASN B 1126 -11.02 -16.50 19.96
C ASN B 1126 -10.84 -17.98 20.27
N SER B 1127 -10.25 -18.24 21.44
CA SER B 1127 -10.35 -19.53 22.08
C SER B 1127 -11.54 -19.50 23.05
N VAL B 1128 -11.88 -20.65 23.59
CA VAL B 1128 -13.05 -20.74 24.46
C VAL B 1128 -12.72 -21.55 25.69
N ALA B 1129 -13.44 -21.26 26.77
CA ALA B 1129 -13.53 -22.12 27.95
C ALA B 1129 -15.01 -22.44 28.12
N ILE B 1130 -15.35 -23.71 27.97
CA ILE B 1130 -16.74 -24.14 27.99
C ILE B 1130 -17.08 -24.59 29.40
N ASP B 1131 -18.21 -24.11 29.91
CA ASP B 1131 -18.66 -24.49 31.25
C ASP B 1131 -18.88 -25.99 31.37
N ALA B 1132 -18.08 -26.66 32.21
CA ALA B 1132 -18.21 -28.11 32.35
C ALA B 1132 -19.55 -28.50 32.94
N ALA B 1133 -20.16 -27.61 33.73
CA ALA B 1133 -21.45 -27.95 34.32
C ALA B 1133 -22.55 -28.09 33.28
N SER B 1134 -22.29 -27.71 32.03
CA SER B 1134 -23.27 -27.92 30.98
C SER B 1134 -23.49 -29.40 30.69
N GLY B 1135 -22.49 -30.23 30.99
CA GLY B 1135 -22.62 -31.65 30.70
C GLY B 1135 -22.57 -31.98 29.23
N LEU B 1136 -22.04 -31.08 28.40
CA LEU B 1136 -22.06 -31.27 26.96
C LEU B 1136 -20.75 -31.81 26.41
N GLN B 1137 -19.92 -32.42 27.25
CA GLN B 1137 -18.59 -32.82 26.81
C GLN B 1137 -18.65 -33.80 25.64
N ALA B 1138 -19.63 -34.70 25.65
CA ALA B 1138 -19.75 -35.68 24.56
C ALA B 1138 -20.14 -35.03 23.24
N SER B 1139 -20.51 -33.76 23.21
CA SER B 1139 -20.86 -33.11 21.96
C SER B 1139 -19.65 -32.74 21.11
N LEU B 1140 -18.46 -32.74 21.69
CA LEU B 1140 -17.23 -32.39 20.98
C LEU B 1140 -16.37 -33.61 20.72
N LYS B 1141 -16.99 -34.77 20.57
CA LYS B 1141 -16.26 -35.99 20.23
C LYS B 1141 -15.69 -35.88 18.82
N ASN B 1142 -14.41 -36.21 18.70
CA ASN B 1142 -13.71 -36.24 17.41
C ASN B 1142 -13.58 -34.85 16.80
N LEU B 1143 -13.40 -33.84 17.66
CA LEU B 1143 -13.09 -32.51 17.17
C LEU B 1143 -11.75 -32.54 16.43
N PRO B 1144 -11.61 -31.83 15.32
CA PRO B 1144 -10.29 -31.63 14.73
C PRO B 1144 -9.34 -31.04 15.76
N GLN B 1145 -8.10 -31.53 15.75
CA GLN B 1145 -7.07 -30.99 16.64
C GLN B 1145 -6.96 -29.48 16.51
N THR B 1146 -7.11 -28.96 15.29
CA THR B 1146 -7.04 -27.51 15.10
C THR B 1146 -8.09 -26.80 15.94
N VAL B 1147 -9.29 -27.37 16.03
CA VAL B 1147 -10.32 -26.74 16.86
C VAL B 1147 -10.06 -27.07 18.32
N GLY B 1148 -9.70 -28.31 18.63
CA GLY B 1148 -9.47 -28.70 20.01
C GLY B 1148 -8.44 -27.84 20.72
N LEU B 1149 -7.43 -27.37 20.01
CA LEU B 1149 -6.41 -26.54 20.63
C LEU B 1149 -6.97 -25.21 21.12
N ARG B 1150 -8.14 -24.81 20.64
CA ARG B 1150 -8.78 -23.58 21.07
C ARG B 1150 -9.84 -23.82 22.13
N VAL B 1151 -10.08 -25.06 22.51
CA VAL B 1151 -11.19 -25.43 23.39
C VAL B 1151 -10.62 -25.90 24.72
N SER B 1152 -11.07 -25.30 25.81
CA SER B 1152 -10.85 -25.86 27.12
C SER B 1152 -12.20 -25.97 27.80
N TRP B 1153 -12.26 -26.80 28.84
CA TRP B 1153 -13.44 -26.94 29.67
C TRP B 1153 -13.11 -26.45 31.07
N SER B 1154 -14.03 -25.70 31.67
CA SER B 1154 -13.78 -25.10 32.98
C SER B 1154 -14.79 -25.62 34.00
N LYS B 1155 -14.29 -26.18 35.10
CA LYS B 1155 -15.10 -26.50 36.26
C LYS B 1155 -14.96 -25.44 37.35
N ASP B 1156 -14.32 -24.32 37.03
CA ASP B 1156 -13.97 -23.30 38.00
C ASP B 1156 -13.70 -22.00 37.26
N TRP B 1157 -14.75 -21.23 36.96
CA TRP B 1157 -14.60 -20.07 36.10
C TRP B 1157 -13.62 -19.06 36.68
N ALA B 1158 -13.67 -18.85 38.00
CA ALA B 1158 -12.81 -17.83 38.59
C ALA B 1158 -11.35 -18.24 38.51
N ALA B 1159 -11.06 -19.53 38.72
CA ALA B 1159 -9.67 -19.99 38.67
C ALA B 1159 -9.13 -19.99 37.25
N ASP B 1160 -9.98 -20.23 36.25
CA ASP B 1160 -9.53 -20.46 34.89
C ASP B 1160 -9.50 -19.19 34.04
N GLY B 1161 -10.04 -18.08 34.54
CA GLY B 1161 -9.95 -16.82 33.86
C GLY B 1161 -8.59 -16.18 34.06
N PRO B 1162 -8.44 -14.92 33.66
CA PRO B 1162 -9.54 -14.07 33.18
C PRO B 1162 -9.93 -14.39 31.76
N PHE B 1163 -11.21 -14.17 31.48
CA PHE B 1163 -11.74 -14.34 30.14
C PHE B 1163 -11.87 -12.98 29.48
N ALA B 1164 -12.19 -12.99 28.19
CA ALA B 1164 -12.29 -11.75 27.44
C ALA B 1164 -13.73 -11.44 27.03
N GLY B 1165 -14.68 -12.22 27.48
CA GLY B 1165 -16.06 -12.10 27.07
C GLY B 1165 -16.79 -13.36 27.42
N ALA B 1166 -18.12 -13.34 27.23
CA ALA B 1166 -18.89 -14.51 27.58
C ALA B 1166 -20.11 -14.63 26.67
N LEU B 1167 -20.45 -15.87 26.33
CA LEU B 1167 -21.68 -16.19 25.62
C LEU B 1167 -22.48 -17.14 26.50
N VAL B 1168 -23.75 -16.81 26.71
CA VAL B 1168 -24.62 -17.54 27.64
C VAL B 1168 -25.87 -17.98 26.90
N GLU B 1169 -26.30 -19.21 27.15
CA GLU B 1169 -27.54 -19.75 26.61
C GLU B 1169 -28.43 -20.19 27.77
N GLY B 1170 -29.69 -19.78 27.76
CA GLY B 1170 -30.60 -20.26 28.77
C GLY B 1170 -31.85 -19.40 28.85
N ASP B 1171 -32.75 -19.80 29.73
CA ASP B 1171 -33.95 -19.02 29.97
C ASP B 1171 -33.63 -17.84 30.88
N ALA B 1172 -34.65 -17.04 31.20
CA ALA B 1172 -34.44 -15.82 31.96
C ALA B 1172 -33.74 -16.09 33.29
N GLU B 1173 -34.22 -17.10 34.04
CA GLU B 1173 -33.61 -17.39 35.33
C GLU B 1173 -32.16 -17.84 35.17
N ARG B 1174 -31.89 -18.64 34.13
CA ARG B 1174 -30.51 -19.12 33.92
C ARG B 1174 -29.59 -17.95 33.58
N ILE B 1175 -30.07 -17.06 32.71
CA ILE B 1175 -29.24 -15.94 32.29
C ILE B 1175 -28.89 -15.05 33.47
N ARG B 1176 -29.88 -14.76 34.32
CA ARG B 1176 -29.62 -13.92 35.49
CA ARG B 1176 -29.62 -13.92 35.49
C ARG B 1176 -28.62 -14.59 36.42
N ALA B 1177 -28.79 -15.88 36.68
CA ALA B 1177 -27.87 -16.58 37.58
C ALA B 1177 -26.45 -16.56 37.02
N VAL B 1178 -26.30 -16.81 35.72
CA VAL B 1178 -24.98 -16.81 35.11
C VAL B 1178 -24.41 -15.40 35.09
N ASN B 1179 -25.25 -14.41 34.80
CA ASN B 1179 -24.79 -13.04 34.75
C ASN B 1179 -24.28 -12.60 36.11
N LYS B 1180 -24.99 -13.00 37.18
CA LYS B 1180 -24.54 -12.70 38.53
C LYS B 1180 -23.20 -13.37 38.83
N ALA B 1181 -23.05 -14.64 38.44
CA ALA B 1181 -21.79 -15.34 38.69
C ALA B 1181 -20.65 -14.70 37.92
N ILE B 1182 -20.90 -14.27 36.69
CA ILE B 1182 -19.86 -13.63 35.90
C ILE B 1182 -19.46 -12.30 36.53
N ALA B 1183 -20.43 -11.53 37.02
CA ALA B 1183 -20.11 -10.26 37.66
C ALA B 1183 -19.23 -10.47 38.89
N ALA B 1184 -19.35 -11.64 39.53
CA ALA B 1184 -18.56 -11.96 40.72
C ALA B 1184 -17.17 -12.48 40.40
N LEU B 1185 -16.85 -12.68 39.12
CA LEU B 1185 -15.51 -13.16 38.79
C LEU B 1185 -14.49 -12.07 39.05
N PRO B 1186 -13.30 -12.41 39.52
CA PRO B 1186 -12.27 -11.39 39.71
C PRO B 1186 -11.73 -10.91 38.37
N GLY B 1187 -11.10 -9.74 38.40
CA GLY B 1187 -10.45 -9.18 37.24
C GLY B 1187 -11.38 -8.38 36.35
N PRO B 1188 -11.21 -8.50 35.04
CA PRO B 1188 -11.90 -7.60 34.11
C PRO B 1188 -13.40 -7.83 34.09
N LEU B 1189 -14.12 -6.76 33.78
CA LEU B 1189 -15.55 -6.83 33.58
C LEU B 1189 -15.83 -7.46 32.23
N LEU B 1190 -16.52 -8.59 32.21
CA LEU B 1190 -16.78 -9.28 30.95
C LEU B 1190 -17.98 -8.68 30.23
N LEU B 1191 -17.83 -8.50 28.92
CA LEU B 1191 -18.97 -8.18 28.07
C LEU B 1191 -19.71 -9.48 27.79
N VAL B 1192 -20.90 -9.61 28.39
CA VAL B 1192 -21.71 -10.83 28.34
C VAL B 1192 -22.77 -10.67 27.26
N GLN B 1193 -22.95 -11.69 26.43
CA GLN B 1193 -24.09 -11.80 25.53
C GLN B 1193 -24.88 -13.05 25.86
N ALA B 1194 -26.20 -12.92 25.88
CA ALA B 1194 -27.07 -14.02 26.23
C ALA B 1194 -28.17 -14.17 25.20
N ALA B 1195 -28.65 -15.41 25.08
CA ALA B 1195 -29.78 -15.72 24.21
C ALA B 1195 -30.43 -17.00 24.72
N SER B 1196 -31.73 -17.11 24.47
CA SER B 1196 -32.43 -18.35 24.74
C SER B 1196 -32.11 -19.37 23.65
N SER B 1197 -32.34 -20.64 23.97
CA SER B 1197 -32.23 -21.68 22.95
C SER B 1197 -33.12 -21.36 21.75
N GLY B 1198 -34.31 -20.82 22.00
CA GLY B 1198 -35.18 -20.45 20.89
C GLY B 1198 -34.59 -19.36 20.02
N GLU B 1199 -34.02 -18.32 20.63
CA GLU B 1199 -33.45 -17.23 19.85
C GLU B 1199 -32.27 -17.70 19.01
N ILE B 1200 -31.45 -18.62 19.54
CA ILE B 1200 -30.32 -19.14 18.77
C ILE B 1200 -30.81 -19.86 17.52
N ALA B 1201 -31.93 -20.59 17.63
CA ALA B 1201 -32.48 -21.30 16.47
C ALA B 1201 -33.08 -20.34 15.46
N ARG B 1202 -33.71 -19.25 15.91
CA ARG B 1202 -34.45 -18.39 15.01
C ARG B 1202 -33.67 -17.18 14.52
N ASN B 1203 -32.68 -16.72 15.28
CA ASN B 1203 -31.99 -15.46 14.97
C ASN B 1203 -30.54 -15.72 14.63
N PRO B 1204 -30.14 -15.56 13.37
CA PRO B 1204 -28.72 -15.75 13.02
C PRO B 1204 -27.79 -14.81 13.76
N ASP B 1205 -28.29 -13.65 14.19
CA ASP B 1205 -27.48 -12.68 14.92
C ASP B 1205 -27.74 -12.73 16.42
N ALA B 1206 -28.20 -13.86 16.93
CA ALA B 1206 -28.45 -13.98 18.37
C ALA B 1206 -27.23 -13.56 19.18
N TYR B 1207 -26.04 -13.95 18.74
CA TYR B 1207 -24.80 -13.46 19.32
C TYR B 1207 -24.14 -12.54 18.31
N CYS B 1208 -23.91 -11.30 18.72
CA CYS B 1208 -23.37 -10.29 17.81
C CYS B 1208 -21.85 -10.40 17.76
N LEU B 1209 -21.29 -10.55 16.56
CA LEU B 1209 -19.84 -10.66 16.46
C LEU B 1209 -19.11 -9.35 16.71
N ASN B 1210 -19.82 -8.21 16.72
CA ASN B 1210 -19.20 -6.93 17.09
C ASN B 1210 -18.46 -7.04 18.42
N TRP B 1211 -19.03 -7.76 19.39
CA TRP B 1211 -18.52 -7.75 20.76
C TRP B 1211 -17.55 -8.88 21.03
N LEU B 1212 -17.20 -9.66 20.01
CA LEU B 1212 -16.26 -10.77 20.12
C LEU B 1212 -14.90 -10.44 19.48
N VAL B 1213 -14.70 -9.20 19.07
CA VAL B 1213 -13.39 -8.76 18.59
C VAL B 1213 -12.91 -7.63 19.48
N GLU B 1214 -11.60 -7.39 19.43
CA GLU B 1214 -10.98 -6.31 20.19
C GLU B 1214 -10.51 -5.22 19.23
N GLU B 1215 -10.89 -3.98 19.51
CA GLU B 1215 -10.44 -2.86 18.70
C GLU B 1215 -9.06 -2.39 19.14
N VAL B 1216 -8.21 -2.08 18.18
CA VAL B 1216 -6.91 -1.49 18.49
C VAL B 1216 -6.69 -0.28 17.60
N SER B 1217 -6.34 0.83 18.24
CA SER B 1217 -5.97 2.06 17.57
C SER B 1217 -4.47 2.23 17.65
N ALA B 1218 -3.85 2.66 16.54
CA ALA B 1218 -2.42 2.96 16.57
C ALA B 1218 -2.20 4.26 15.81
N SER B 1219 -1.52 5.20 16.46
CA SER B 1219 -1.20 6.50 15.87
C SER B 1219 0.31 6.59 15.75
N ILE B 1220 0.80 6.66 14.51
CA ILE B 1220 2.22 6.75 14.21
C ILE B 1220 2.53 8.17 13.77
N ASN B 1221 3.48 8.80 14.43
CA ASN B 1221 3.97 10.11 14.02
C ASN B 1221 4.94 9.91 12.87
N THR B 1222 4.49 10.11 11.64
CA THR B 1222 5.33 9.85 10.48
C THR B 1222 6.25 11.02 10.17
N ALA B 1223 6.15 12.10 10.94
CA ALA B 1223 7.04 13.25 10.82
C ALA B 1223 8.19 13.19 11.81
N ALA B 1224 8.35 12.06 12.53
CA ALA B 1224 9.27 12.03 13.65
C ALA B 1224 10.73 12.14 13.21
N ALA B 1225 11.05 11.80 11.96
CA ALA B 1225 12.45 11.89 11.53
C ALA B 1225 12.88 13.32 11.22
N GLY B 1226 11.94 14.28 11.24
CA GLY B 1226 12.27 15.67 11.00
C GLY B 1226 11.53 16.29 9.83
N GLY B 1227 10.72 15.53 9.11
CA GLY B 1227 9.98 16.09 8.00
C GLY B 1227 8.95 15.08 7.55
N ASN B 1228 8.17 15.47 6.55
CA ASN B 1228 7.02 14.71 6.08
C ASN B 1228 7.29 14.29 4.65
N ALA B 1229 7.58 13.00 4.46
CA ALA B 1229 7.85 12.47 3.12
C ALA B 1229 6.69 12.73 2.17
N SER B 1230 5.46 12.45 2.62
CA SER B 1230 4.29 12.63 1.76
C SER B 1230 4.20 14.06 1.25
N LEU B 1231 4.47 15.04 2.11
CA LEU B 1231 4.35 16.44 1.73
C LEU B 1231 5.52 16.93 0.89
N MET B 1232 6.61 16.14 0.78
CA MET B 1232 7.65 16.50 -0.18
C MET B 1232 7.14 16.43 -1.61
N ALA B 1233 6.06 15.71 -1.87
CA ALA B 1233 5.48 15.64 -3.19
C ALA B 1233 4.37 16.67 -3.43
N ILE B 1234 4.06 17.51 -2.45
CA ILE B 1234 2.95 18.46 -2.53
C ILE B 1234 3.52 19.86 -2.69
N GLY B 1235 3.38 20.42 -3.89
CA GLY B 1235 3.83 21.77 -4.17
C GLY B 1235 2.79 22.56 -4.95
#